data_3ZQ7
# 
_entry.id   3ZQ7 
# 
_audit_conform.dict_name       mmcif_pdbx.dic 
_audit_conform.dict_version    5.383 
_audit_conform.dict_location   http://mmcif.pdb.org/dictionaries/ascii/mmcif_pdbx.dic 
# 
loop_
_database_2.database_id 
_database_2.database_code 
_database_2.pdbx_database_accession 
_database_2.pdbx_DOI 
PDB   3ZQ7         pdb_00003zq7 10.2210/pdb3zq7/pdb 
PDBE  EBI-48597    ?            ?                   
WWPDB D_1290048597 ?            ?                   
# 
loop_
_pdbx_database_related.db_name 
_pdbx_database_related.db_id 
_pdbx_database_related.content_type 
_pdbx_database_related.details 
PDB 1ZH4 unspecified 
'CRYSTAL STRUCTURE OF THE MG+2/BEF3-BOUND RECEIVER DOMAIN OF KDP POTASSIUM TRANSPORT SYSTEM RESPONSE REGULATOR KDPE' 
PDB 1ZH2 unspecified 
'CRYSTAL STRUCTURE OF THE CALCIUM-BOUND RECEIVER DOMAIN OF KDP POTASSIUM TRANSPORT SYSTEM RESPONSE REGULATOR KDPE'   
# 
_pdbx_database_status.status_code                     REL 
_pdbx_database_status.entry_id                        3ZQ7 
_pdbx_database_status.deposit_site                    PDBE 
_pdbx_database_status.process_site                    PDBE 
_pdbx_database_status.SG_entry                        . 
_pdbx_database_status.recvd_initial_deposition_date   2011-06-08 
_pdbx_database_status.pdb_format_compatible           Y 
_pdbx_database_status.status_code_sf                  REL 
_pdbx_database_status.status_code_mr                  ? 
_pdbx_database_status.status_code_cs                  ? 
_pdbx_database_status.methods_development_category    ? 
_pdbx_database_status.status_code_nmr_data            ? 
# 
loop_
_audit_author.name 
_audit_author.pdbx_ordinal 
'Patil, D.N.' 1 
'Tomar, S.'   2 
'Kumar, P.'   3 
# 
_citation.id                        primary 
_citation.title                     
'Structure-Function Studies of DNA Binding Domain of Response Regulator Kdpe Reveals Equal Affinity Interactions at DNA Half-Sites.' 
_citation.journal_abbrev            'Plos One' 
_citation.journal_volume            7 
_citation.page_first                102 
_citation.page_last                 ? 
_citation.year                      2012 
_citation.journal_id_ASTM           ? 
_citation.country                   US 
_citation.journal_id_ISSN           1932-6203 
_citation.journal_id_CSD            ? 
_citation.book_publisher            ? 
_citation.pdbx_database_id_PubMed   22291906 
_citation.pdbx_database_id_DOI      10.1371/JOURNAL.PONE.0030102 
# 
loop_
_citation_author.citation_id 
_citation_author.name 
_citation_author.ordinal 
_citation_author.identifier_ORCID 
primary 'Narayanan, A.' 1 ? 
primary 'Paul, L.N.'    2 ? 
primary 'Tomar, S.'     3 ? 
primary 'Patil, D.N.'   4 ? 
primary 'Kumar, P.'     5 ? 
primary 'Yernool, D.A.' 6 ? 
# 
_cell.entry_id           3ZQ7 
_cell.length_a           36.440 
_cell.length_b           36.440 
_cell.length_c           138.470 
_cell.angle_alpha        90.00 
_cell.angle_beta         90.00 
_cell.angle_gamma        90.00 
_cell.Z_PDB              8 
_cell.pdbx_unique_axis   ? 
# 
_symmetry.entry_id                         3ZQ7 
_symmetry.space_group_name_H-M             'P 43 21 2' 
_symmetry.pdbx_full_space_group_name_H-M   ? 
_symmetry.cell_setting                     ? 
_symmetry.Int_Tables_number                96 
# 
loop_
_entity.id 
_entity.type 
_entity.src_method 
_entity.pdbx_description 
_entity.formula_weight 
_entity.pdbx_number_of_molecules 
_entity.pdbx_ec 
_entity.pdbx_mutation 
_entity.pdbx_fragment 
_entity.details 
1 polymer man 'KDP OPERON TRANSCRIPTIONAL REGULATORY PROTEIN KDPE' 11781.595 1  ? ? 'DNA-BINDING DOMAIN OF KDPE, RESIDUES 124-225' 
? 
2 water   nat water                                                18.015    23 ? ? ?                                              
? 
# 
_entity_poly.entity_id                      1 
_entity_poly.type                           'polypeptide(L)' 
_entity_poly.nstd_linkage                   no 
_entity_poly.nstd_monomer                   no 
_entity_poly.pdbx_seq_one_letter_code       
;APDPLVKFSDVTVDLAARVIHRGEEEVHLTPIEFRLLAVLLNNAGKVLTQRQLLNQVWGPNAVEHSHYLRIYMGHLRQKL
EQDPARPRHFITETGIGYRFML
;
_entity_poly.pdbx_seq_one_letter_code_can   
;APDPLVKFSDVTVDLAARVIHRGEEEVHLTPIEFRLLAVLLNNAGKVLTQRQLLNQVWGPNAVEHSHYLRIYMGHLRQKL
EQDPARPRHFITETGIGYRFML
;
_entity_poly.pdbx_strand_id                 A 
_entity_poly.pdbx_target_identifier         ? 
# 
loop_
_entity_poly_seq.entity_id 
_entity_poly_seq.num 
_entity_poly_seq.mon_id 
_entity_poly_seq.hetero 
1 1   ALA n 
1 2   PRO n 
1 3   ASP n 
1 4   PRO n 
1 5   LEU n 
1 6   VAL n 
1 7   LYS n 
1 8   PHE n 
1 9   SER n 
1 10  ASP n 
1 11  VAL n 
1 12  THR n 
1 13  VAL n 
1 14  ASP n 
1 15  LEU n 
1 16  ALA n 
1 17  ALA n 
1 18  ARG n 
1 19  VAL n 
1 20  ILE n 
1 21  HIS n 
1 22  ARG n 
1 23  GLY n 
1 24  GLU n 
1 25  GLU n 
1 26  GLU n 
1 27  VAL n 
1 28  HIS n 
1 29  LEU n 
1 30  THR n 
1 31  PRO n 
1 32  ILE n 
1 33  GLU n 
1 34  PHE n 
1 35  ARG n 
1 36  LEU n 
1 37  LEU n 
1 38  ALA n 
1 39  VAL n 
1 40  LEU n 
1 41  LEU n 
1 42  ASN n 
1 43  ASN n 
1 44  ALA n 
1 45  GLY n 
1 46  LYS n 
1 47  VAL n 
1 48  LEU n 
1 49  THR n 
1 50  GLN n 
1 51  ARG n 
1 52  GLN n 
1 53  LEU n 
1 54  LEU n 
1 55  ASN n 
1 56  GLN n 
1 57  VAL n 
1 58  TRP n 
1 59  GLY n 
1 60  PRO n 
1 61  ASN n 
1 62  ALA n 
1 63  VAL n 
1 64  GLU n 
1 65  HIS n 
1 66  SER n 
1 67  HIS n 
1 68  TYR n 
1 69  LEU n 
1 70  ARG n 
1 71  ILE n 
1 72  TYR n 
1 73  MET n 
1 74  GLY n 
1 75  HIS n 
1 76  LEU n 
1 77  ARG n 
1 78  GLN n 
1 79  LYS n 
1 80  LEU n 
1 81  GLU n 
1 82  GLN n 
1 83  ASP n 
1 84  PRO n 
1 85  ALA n 
1 86  ARG n 
1 87  PRO n 
1 88  ARG n 
1 89  HIS n 
1 90  PHE n 
1 91  ILE n 
1 92  THR n 
1 93  GLU n 
1 94  THR n 
1 95  GLY n 
1 96  ILE n 
1 97  GLY n 
1 98  TYR n 
1 99  ARG n 
1 100 PHE n 
1 101 MET n 
1 102 LEU n 
# 
_entity_src_gen.entity_id                          1 
_entity_src_gen.pdbx_src_id                        1 
_entity_src_gen.pdbx_alt_source_flag               sample 
_entity_src_gen.pdbx_seq_type                      ? 
_entity_src_gen.pdbx_beg_seq_num                   ? 
_entity_src_gen.pdbx_end_seq_num                   ? 
_entity_src_gen.gene_src_common_name               ? 
_entity_src_gen.gene_src_genus                     ? 
_entity_src_gen.pdbx_gene_src_gene                 ? 
_entity_src_gen.gene_src_species                   ? 
_entity_src_gen.gene_src_strain                    K-12 
_entity_src_gen.gene_src_tissue                    ? 
_entity_src_gen.gene_src_tissue_fraction           ? 
_entity_src_gen.gene_src_details                   ? 
_entity_src_gen.pdbx_gene_src_fragment             ? 
_entity_src_gen.pdbx_gene_src_scientific_name      'ESCHERICHIA COLI' 
_entity_src_gen.pdbx_gene_src_ncbi_taxonomy_id     83333 
_entity_src_gen.pdbx_gene_src_variant              MG1655 
_entity_src_gen.pdbx_gene_src_cell_line            ? 
_entity_src_gen.pdbx_gene_src_atcc                 ? 
_entity_src_gen.pdbx_gene_src_organ                ? 
_entity_src_gen.pdbx_gene_src_organelle            ? 
_entity_src_gen.pdbx_gene_src_cell                 ? 
_entity_src_gen.pdbx_gene_src_cellular_location    ? 
_entity_src_gen.host_org_common_name               ? 
_entity_src_gen.pdbx_host_org_scientific_name      'ESCHERICHIA COLI' 
_entity_src_gen.pdbx_host_org_ncbi_taxonomy_id     469008 
_entity_src_gen.host_org_genus                     ? 
_entity_src_gen.pdbx_host_org_gene                 ? 
_entity_src_gen.pdbx_host_org_organ                ? 
_entity_src_gen.host_org_species                   ? 
_entity_src_gen.pdbx_host_org_tissue               ? 
_entity_src_gen.pdbx_host_org_tissue_fraction      ? 
_entity_src_gen.pdbx_host_org_strain               'BL21(DE3)' 
_entity_src_gen.pdbx_host_org_variant              ? 
_entity_src_gen.pdbx_host_org_cell_line            ? 
_entity_src_gen.pdbx_host_org_atcc                 ? 
_entity_src_gen.pdbx_host_org_culture_collection   ? 
_entity_src_gen.pdbx_host_org_cell                 ? 
_entity_src_gen.pdbx_host_org_organelle            ? 
_entity_src_gen.pdbx_host_org_cellular_location    ? 
_entity_src_gen.pdbx_host_org_vector_type          ? 
_entity_src_gen.pdbx_host_org_vector               ? 
_entity_src_gen.host_org_details                   ? 
_entity_src_gen.expression_system_id               ? 
_entity_src_gen.plasmid_name                       ? 
_entity_src_gen.plasmid_details                    ? 
_entity_src_gen.pdbx_description                   ? 
# 
_struct_ref.id                         1 
_struct_ref.db_name                    UNP 
_struct_ref.db_code                    KDPE_ECOLI 
_struct_ref.entity_id                  1 
_struct_ref.pdbx_seq_one_letter_code   ? 
_struct_ref.pdbx_align_begin           ? 
_struct_ref.pdbx_db_accession          P21866 
_struct_ref.pdbx_db_isoform            ? 
# 
_struct_ref_seq.align_id                      1 
_struct_ref_seq.ref_id                        1 
_struct_ref_seq.pdbx_PDB_id_code              3ZQ7 
_struct_ref_seq.pdbx_strand_id                A 
_struct_ref_seq.seq_align_beg                 1 
_struct_ref_seq.pdbx_seq_align_beg_ins_code   ? 
_struct_ref_seq.seq_align_end                 102 
_struct_ref_seq.pdbx_seq_align_end_ins_code   ? 
_struct_ref_seq.pdbx_db_accession             P21866 
_struct_ref_seq.db_align_beg                  124 
_struct_ref_seq.pdbx_db_align_beg_ins_code    ? 
_struct_ref_seq.db_align_end                  225 
_struct_ref_seq.pdbx_db_align_end_ins_code    ? 
_struct_ref_seq.pdbx_auth_seq_align_beg       4 
_struct_ref_seq.pdbx_auth_seq_align_end       105 
# 
loop_
_chem_comp.id 
_chem_comp.type 
_chem_comp.mon_nstd_flag 
_chem_comp.name 
_chem_comp.pdbx_synonyms 
_chem_comp.formula 
_chem_comp.formula_weight 
ALA 'L-peptide linking' y ALANINE         ? 'C3 H7 N O2'     89.093  
ARG 'L-peptide linking' y ARGININE        ? 'C6 H15 N4 O2 1' 175.209 
ASN 'L-peptide linking' y ASPARAGINE      ? 'C4 H8 N2 O3'    132.118 
ASP 'L-peptide linking' y 'ASPARTIC ACID' ? 'C4 H7 N O4'     133.103 
GLN 'L-peptide linking' y GLUTAMINE       ? 'C5 H10 N2 O3'   146.144 
GLU 'L-peptide linking' y 'GLUTAMIC ACID' ? 'C5 H9 N O4'     147.129 
GLY 'peptide linking'   y GLYCINE         ? 'C2 H5 N O2'     75.067  
HIS 'L-peptide linking' y HISTIDINE       ? 'C6 H10 N3 O2 1' 156.162 
HOH non-polymer         . WATER           ? 'H2 O'           18.015  
ILE 'L-peptide linking' y ISOLEUCINE      ? 'C6 H13 N O2'    131.173 
LEU 'L-peptide linking' y LEUCINE         ? 'C6 H13 N O2'    131.173 
LYS 'L-peptide linking' y LYSINE          ? 'C6 H15 N2 O2 1' 147.195 
MET 'L-peptide linking' y METHIONINE      ? 'C5 H11 N O2 S'  149.211 
PHE 'L-peptide linking' y PHENYLALANINE   ? 'C9 H11 N O2'    165.189 
PRO 'L-peptide linking' y PROLINE         ? 'C5 H9 N O2'     115.130 
SER 'L-peptide linking' y SERINE          ? 'C3 H7 N O3'     105.093 
THR 'L-peptide linking' y THREONINE       ? 'C4 H9 N O3'     119.119 
TRP 'L-peptide linking' y TRYPTOPHAN      ? 'C11 H12 N2 O2'  204.225 
TYR 'L-peptide linking' y TYROSINE        ? 'C9 H11 N O3'    181.189 
VAL 'L-peptide linking' y VALINE          ? 'C5 H11 N O2'    117.146 
# 
_exptl.entry_id          3ZQ7 
_exptl.method            'X-RAY DIFFRACTION' 
_exptl.crystals_number   1 
# 
_exptl_crystal.id                    1 
_exptl_crystal.density_meas          ? 
_exptl_crystal.density_Matthews      1.92 
_exptl_crystal.density_percent_sol   35.82 
_exptl_crystal.description           NONE 
# 
_exptl_crystal_grow.crystal_id      1 
_exptl_crystal_grow.method          ? 
_exptl_crystal_grow.temp            ? 
_exptl_crystal_grow.temp_details    ? 
_exptl_crystal_grow.pH              7.5 
_exptl_crystal_grow.pdbx_pH_range   ? 
_exptl_crystal_grow.pdbx_details    'LITHIUM SULFATE, 0.1M HEPES PH 7.5.' 
# 
_diffrn.id                     1 
_diffrn.ambient_temp           100 
_diffrn.ambient_temp_details   ? 
_diffrn.crystal_id             1 
# 
_diffrn_detector.diffrn_id              1 
_diffrn_detector.detector               'IMAGE PLATE' 
_diffrn_detector.type                   MARRESEARCH 
_diffrn_detector.pdbx_collection_date   2009-07-22 
_diffrn_detector.details                ? 
# 
_diffrn_radiation.diffrn_id                        1 
_diffrn_radiation.wavelength_id                    1 
_diffrn_radiation.pdbx_monochromatic_or_laue_m_l   M 
_diffrn_radiation.monochromator                    ? 
_diffrn_radiation.pdbx_diffrn_protocol             'SINGLE WAVELENGTH' 
_diffrn_radiation.pdbx_scattering_type             x-ray 
# 
_diffrn_radiation_wavelength.id           1 
_diffrn_radiation_wavelength.wavelength   1.5418 
_diffrn_radiation_wavelength.wt           1.0 
# 
_diffrn_source.diffrn_id                   1 
_diffrn_source.source                      'ROTATING ANODE' 
_diffrn_source.type                        'BRUKER AXS MICROSTAR-H' 
_diffrn_source.pdbx_synchrotron_site       ? 
_diffrn_source.pdbx_synchrotron_beamline   ? 
_diffrn_source.pdbx_wavelength             1.5418 
_diffrn_source.pdbx_wavelength_list        ? 
# 
_reflns.pdbx_diffrn_id               1 
_reflns.pdbx_ordinal                 1 
_reflns.entry_id                     3ZQ7 
_reflns.observed_criterion_sigma_I   2.0 
_reflns.observed_criterion_sigma_F   ? 
_reflns.d_resolution_low             50.00 
_reflns.d_resolution_high            2.50 
_reflns.number_obs                   3378 
_reflns.number_all                   ? 
_reflns.percent_possible_obs         95.0 
_reflns.pdbx_Rmerge_I_obs            0.06 
_reflns.pdbx_Rsym_value              ? 
_reflns.pdbx_netI_over_sigmaI        19.00 
_reflns.B_iso_Wilson_estimate        40.12 
_reflns.pdbx_redundancy              4.1 
# 
_reflns_shell.pdbx_diffrn_id         1 
_reflns_shell.pdbx_ordinal           1 
_reflns_shell.d_res_high             2.50 
_reflns_shell.d_res_low              35.00 
_reflns_shell.percent_possible_all   77.7 
_reflns_shell.Rmerge_I_obs           0.10 
_reflns_shell.pdbx_Rsym_value        ? 
_reflns_shell.meanI_over_sigI_obs    9.10 
_reflns_shell.pdbx_redundancy        3.6 
# 
_refine.pdbx_refine_id                           'X-RAY DIFFRACTION' 
_refine.entry_id                                 3ZQ7 
_refine.pdbx_diffrn_id                           1 
_refine.pdbx_TLS_residual_ADP_flag               ? 
_refine.ls_number_reflns_obs                     3142 
_refine.ls_number_reflns_all                     ? 
_refine.pdbx_ls_sigma_I                          ? 
_refine.pdbx_ls_sigma_F                          . 
_refine.pdbx_data_cutoff_high_absF               ? 
_refine.pdbx_data_cutoff_low_absF                ? 
_refine.pdbx_data_cutoff_high_rms_absF           ? 
_refine.ls_d_res_low                             35.24 
_refine.ls_d_res_high                            2.52 
_refine.ls_percent_reflns_obs                    97.05 
_refine.ls_R_factor_obs                          0.24079 
_refine.ls_R_factor_all                          ? 
_refine.ls_R_factor_R_work                       0.23649 
_refine.ls_R_factor_R_free                       0.28307 
_refine.ls_R_factor_R_free_error                 ? 
_refine.ls_R_factor_R_free_error_details         ? 
_refine.ls_percent_reflns_R_free                 9.1 
_refine.ls_number_reflns_R_free                  315 
_refine.ls_number_parameters                     ? 
_refine.ls_number_restraints                     ? 
_refine.occupancy_min                            ? 
_refine.occupancy_max                            ? 
_refine.correlation_coeff_Fo_to_Fc               0.908 
_refine.correlation_coeff_Fo_to_Fc_free          0.868 
_refine.B_iso_mean                               26.763 
_refine.aniso_B[1][1]                            -1.00 
_refine.aniso_B[2][2]                            -1.00 
_refine.aniso_B[3][3]                            1.99 
_refine.aniso_B[1][2]                            0.00 
_refine.aniso_B[1][3]                            0.00 
_refine.aniso_B[2][3]                            0.00 
_refine.solvent_model_details                    MASK 
_refine.solvent_model_param_ksol                 ? 
_refine.solvent_model_param_bsol                 ? 
_refine.pdbx_solvent_vdw_probe_radii             1.20 
_refine.pdbx_solvent_ion_probe_radii             0.80 
_refine.pdbx_solvent_shrinkage_radii             0.80 
_refine.pdbx_ls_cross_valid_method               THROUGHOUT 
_refine.details                                  'HYDROGENS HAVE BEEN ADDED IN THE RIDING POSITIONS.' 
_refine.pdbx_starting_model                      'PDB ENTRY 2OQR' 
_refine.pdbx_method_to_determine_struct          'MOLECULAR REPLACEMENT' 
_refine.pdbx_isotropic_thermal_model             ? 
_refine.pdbx_stereochemistry_target_values       'MAXIMUM LIKELIHOOD' 
_refine.pdbx_stereochem_target_val_spec_case     ? 
_refine.pdbx_R_Free_selection_details            RANDOM 
_refine.pdbx_overall_ESU_R                       ? 
_refine.pdbx_overall_ESU_R_Free                  0.387 
_refine.overall_SU_ML                            0.281 
_refine.pdbx_overall_phase_error                 ? 
_refine.overall_SU_B                             27.097 
_refine.overall_SU_R_Cruickshank_DPI             ? 
_refine.pdbx_overall_SU_R_free_Cruickshank_DPI   ? 
_refine.pdbx_overall_SU_R_Blow_DPI               ? 
_refine.pdbx_overall_SU_R_free_Blow_DPI          ? 
# 
_refine_hist.pdbx_refine_id                   'X-RAY DIFFRACTION' 
_refine_hist.cycle_id                         LAST 
_refine_hist.pdbx_number_atoms_protein        825 
_refine_hist.pdbx_number_atoms_nucleic_acid   0 
_refine_hist.pdbx_number_atoms_ligand         0 
_refine_hist.number_atoms_solvent             23 
_refine_hist.number_atoms_total               848 
_refine_hist.d_res_high                       2.52 
_refine_hist.d_res_low                        35.24 
# 
loop_
_refine_ls_restr.type 
_refine_ls_restr.dev_ideal 
_refine_ls_restr.dev_ideal_target 
_refine_ls_restr.weight 
_refine_ls_restr.number 
_refine_ls_restr.pdbx_refine_id 
_refine_ls_restr.pdbx_restraint_function 
r_bond_refined_d             0.013  0.021  ? 845  'X-RAY DIFFRACTION' ? 
r_bond_other_d               ?      ?      ? ?    'X-RAY DIFFRACTION' ? 
r_angle_refined_deg          1.664  1.952  ? 1146 'X-RAY DIFFRACTION' ? 
r_angle_other_deg            ?      ?      ? ?    'X-RAY DIFFRACTION' ? 
r_dihedral_angle_1_deg       6.972  5.000  ? 100  'X-RAY DIFFRACTION' ? 
r_dihedral_angle_2_deg       35.861 22.558 ? 43   'X-RAY DIFFRACTION' ? 
r_dihedral_angle_3_deg       20.665 15.000 ? 144  'X-RAY DIFFRACTION' ? 
r_dihedral_angle_4_deg       23.903 15.000 ? 9    'X-RAY DIFFRACTION' ? 
r_chiral_restr               0.124  0.200  ? 128  'X-RAY DIFFRACTION' ? 
r_gen_planes_refined         0.005  0.020  ? 643  'X-RAY DIFFRACTION' ? 
r_gen_planes_other           ?      ?      ? ?    'X-RAY DIFFRACTION' ? 
r_nbd_refined                0.234  0.200  ? 356  'X-RAY DIFFRACTION' ? 
r_nbd_other                  ?      ?      ? ?    'X-RAY DIFFRACTION' ? 
r_nbtor_refined              0.321  0.200  ? 524  'X-RAY DIFFRACTION' ? 
r_nbtor_other                ?      ?      ? ?    'X-RAY DIFFRACTION' ? 
r_xyhbond_nbd_refined        0.175  0.200  ? 41   'X-RAY DIFFRACTION' ? 
r_xyhbond_nbd_other          ?      ?      ? ?    'X-RAY DIFFRACTION' ? 
r_metal_ion_refined          ?      ?      ? ?    'X-RAY DIFFRACTION' ? 
r_metal_ion_other            ?      ?      ? ?    'X-RAY DIFFRACTION' ? 
r_symmetry_vdw_refined       0.238  0.200  ? 32   'X-RAY DIFFRACTION' ? 
r_symmetry_vdw_other         ?      ?      ? ?    'X-RAY DIFFRACTION' ? 
r_symmetry_hbond_refined     0.613  0.200  ? 2    'X-RAY DIFFRACTION' ? 
r_symmetry_hbond_other       ?      ?      ? ?    'X-RAY DIFFRACTION' ? 
r_symmetry_metal_ion_refined ?      ?      ? ?    'X-RAY DIFFRACTION' ? 
r_symmetry_metal_ion_other   ?      ?      ? ?    'X-RAY DIFFRACTION' ? 
r_mcbond_it                  0.440  1.500  ? 515  'X-RAY DIFFRACTION' ? 
r_mcbond_other               ?      ?      ? ?    'X-RAY DIFFRACTION' ? 
r_mcangle_it                 0.604  2.000  ? 817  'X-RAY DIFFRACTION' ? 
r_mcangle_other              ?      ?      ? ?    'X-RAY DIFFRACTION' ? 
r_scbond_it                  1.248  3.000  ? 366  'X-RAY DIFFRACTION' ? 
r_scbond_other               ?      ?      ? ?    'X-RAY DIFFRACTION' ? 
r_scangle_it                 1.749  4.500  ? 329  'X-RAY DIFFRACTION' ? 
r_scangle_other              ?      ?      ? ?    'X-RAY DIFFRACTION' ? 
r_long_range_B_refined       ?      ?      ? ?    'X-RAY DIFFRACTION' ? 
r_long_range_B_other         ?      ?      ? ?    'X-RAY DIFFRACTION' ? 
r_rigid_bond_restr           ?      ?      ? ?    'X-RAY DIFFRACTION' ? 
r_sphericity_free            ?      ?      ? ?    'X-RAY DIFFRACTION' ? 
r_sphericity_bonded          ?      ?      ? ?    'X-RAY DIFFRACTION' ? 
# 
_refine_ls_shell.pdbx_refine_id                   'X-RAY DIFFRACTION' 
_refine_ls_shell.pdbx_total_number_of_bins_used   20 
_refine_ls_shell.d_res_high                       2.521 
_refine_ls_shell.d_res_low                        2.586 
_refine_ls_shell.number_reflns_R_work             237 
_refine_ls_shell.R_factor_R_work                  0.286 
_refine_ls_shell.percent_reflns_obs               97.71 
_refine_ls_shell.R_factor_R_free                  0.339 
_refine_ls_shell.R_factor_R_free_error            ? 
_refine_ls_shell.percent_reflns_R_free            ? 
_refine_ls_shell.number_reflns_R_free             19 
_refine_ls_shell.number_reflns_all                ? 
_refine_ls_shell.R_factor_all                     ? 
# 
_struct.entry_id                  3ZQ7 
_struct.title                     'The Structure of DNA-binding domain of response regulator from Escherichia coli K-12' 
_struct.pdbx_model_details        ? 
_struct.pdbx_CASP_flag            ? 
_struct.pdbx_model_type_details   ? 
# 
_struct_keywords.entry_id        3ZQ7 
_struct_keywords.pdbx_keywords   TRANSCRIPTION 
_struct_keywords.text            'TRANSCRIPTION, RESPONSE REGULATOR' 
# 
loop_
_struct_asym.id 
_struct_asym.pdbx_blank_PDB_chainid_flag 
_struct_asym.pdbx_modified 
_struct_asym.entity_id 
_struct_asym.details 
A N N 1 ? 
B N N 2 ? 
# 
_struct_biol.id   1 
# 
loop_
_struct_conf.conf_type_id 
_struct_conf.id 
_struct_conf.pdbx_PDB_helix_id 
_struct_conf.beg_label_comp_id 
_struct_conf.beg_label_asym_id 
_struct_conf.beg_label_seq_id 
_struct_conf.pdbx_beg_PDB_ins_code 
_struct_conf.end_label_comp_id 
_struct_conf.end_label_asym_id 
_struct_conf.end_label_seq_id 
_struct_conf.pdbx_end_PDB_ins_code 
_struct_conf.beg_auth_comp_id 
_struct_conf.beg_auth_asym_id 
_struct_conf.beg_auth_seq_id 
_struct_conf.end_auth_comp_id 
_struct_conf.end_auth_asym_id 
_struct_conf.end_auth_seq_id 
_struct_conf.pdbx_PDB_helix_class 
_struct_conf.details 
_struct_conf.pdbx_PDB_helix_length 
HELX_P HELX_P1 1 THR A 30 ? ASN A 43 ? THR A 33 ASN A 46 1 ? 14 
HELX_P HELX_P2 2 GLN A 50 ? TRP A 58 ? GLN A 53 TRP A 61 1 ? 9  
HELX_P HELX_P3 3 HIS A 65 ? GLU A 81 ? HIS A 68 GLU A 84 1 ? 17 
# 
_struct_conf_type.id          HELX_P 
_struct_conf_type.criteria    ? 
_struct_conf_type.reference   ? 
# 
loop_
_struct_mon_prot_cis.pdbx_id 
_struct_mon_prot_cis.label_comp_id 
_struct_mon_prot_cis.label_seq_id 
_struct_mon_prot_cis.label_asym_id 
_struct_mon_prot_cis.label_alt_id 
_struct_mon_prot_cis.pdbx_PDB_ins_code 
_struct_mon_prot_cis.auth_comp_id 
_struct_mon_prot_cis.auth_seq_id 
_struct_mon_prot_cis.auth_asym_id 
_struct_mon_prot_cis.pdbx_label_comp_id_2 
_struct_mon_prot_cis.pdbx_label_seq_id_2 
_struct_mon_prot_cis.pdbx_label_asym_id_2 
_struct_mon_prot_cis.pdbx_PDB_ins_code_2 
_struct_mon_prot_cis.pdbx_auth_comp_id_2 
_struct_mon_prot_cis.pdbx_auth_seq_id_2 
_struct_mon_prot_cis.pdbx_auth_asym_id_2 
_struct_mon_prot_cis.pdbx_PDB_model_num 
_struct_mon_prot_cis.pdbx_omega_angle 
1 ARG 22 A . ? ARG 25 A GLY 23 A ? GLY 26 A 1 -14.54 
2 GLY 23 A . ? GLY 26 A GLU 24 A ? GLU 27 A 1 -2.42  
3 ALA 62 A . ? ALA 65 A VAL 63 A ? VAL 66 A 1 -2.38  
# 
loop_
_struct_sheet.id 
_struct_sheet.type 
_struct_sheet.number_strands 
_struct_sheet.details 
AA ? 4 ? 
AB ? 3 ? 
# 
loop_
_struct_sheet_order.sheet_id 
_struct_sheet_order.range_id_1 
_struct_sheet_order.range_id_2 
_struct_sheet_order.offset 
_struct_sheet_order.sense 
AA 1 2 ? anti-parallel 
AA 2 3 ? anti-parallel 
AA 3 4 ? anti-parallel 
AB 1 2 ? anti-parallel 
AB 2 3 ? anti-parallel 
# 
loop_
_struct_sheet_range.sheet_id 
_struct_sheet_range.id 
_struct_sheet_range.beg_label_comp_id 
_struct_sheet_range.beg_label_asym_id 
_struct_sheet_range.beg_label_seq_id 
_struct_sheet_range.pdbx_beg_PDB_ins_code 
_struct_sheet_range.end_label_comp_id 
_struct_sheet_range.end_label_asym_id 
_struct_sheet_range.end_label_seq_id 
_struct_sheet_range.pdbx_end_PDB_ins_code 
_struct_sheet_range.beg_auth_comp_id 
_struct_sheet_range.beg_auth_asym_id 
_struct_sheet_range.beg_auth_seq_id 
_struct_sheet_range.end_auth_comp_id 
_struct_sheet_range.end_auth_asym_id 
_struct_sheet_range.end_auth_seq_id 
AA 1 LEU A 5  ? LYS A 7   ? LEU A 8   LYS A 10  
AA 2 THR A 12 ? ASP A 14  ? THR A 15  ASP A 17  
AA 3 VAL A 19 ? ARG A 22  ? VAL A 22  ARG A 25  
AA 4 GLU A 25 ? VAL A 27  ? GLU A 28  VAL A 30  
AB 1 VAL A 47 ? THR A 49  ? VAL A 50  THR A 52  
AB 2 GLY A 97 ? PHE A 100 ? GLY A 100 PHE A 103 
AB 3 PHE A 90 ? GLU A 93  ? PHE A 93  GLU A 96  
# 
loop_
_pdbx_struct_sheet_hbond.sheet_id 
_pdbx_struct_sheet_hbond.range_id_1 
_pdbx_struct_sheet_hbond.range_id_2 
_pdbx_struct_sheet_hbond.range_1_label_atom_id 
_pdbx_struct_sheet_hbond.range_1_label_comp_id 
_pdbx_struct_sheet_hbond.range_1_label_asym_id 
_pdbx_struct_sheet_hbond.range_1_label_seq_id 
_pdbx_struct_sheet_hbond.range_1_PDB_ins_code 
_pdbx_struct_sheet_hbond.range_1_auth_atom_id 
_pdbx_struct_sheet_hbond.range_1_auth_comp_id 
_pdbx_struct_sheet_hbond.range_1_auth_asym_id 
_pdbx_struct_sheet_hbond.range_1_auth_seq_id 
_pdbx_struct_sheet_hbond.range_2_label_atom_id 
_pdbx_struct_sheet_hbond.range_2_label_comp_id 
_pdbx_struct_sheet_hbond.range_2_label_asym_id 
_pdbx_struct_sheet_hbond.range_2_label_seq_id 
_pdbx_struct_sheet_hbond.range_2_PDB_ins_code 
_pdbx_struct_sheet_hbond.range_2_auth_atom_id 
_pdbx_struct_sheet_hbond.range_2_auth_comp_id 
_pdbx_struct_sheet_hbond.range_2_auth_asym_id 
_pdbx_struct_sheet_hbond.range_2_auth_seq_id 
AA 1 2 N VAL A 6  ? N VAL A 9   O VAL A 13 ? O VAL A 16  
AA 2 3 N ASP A 14 ? N ASP A 17  O VAL A 19 ? O VAL A 22  
AA 3 4 N ARG A 22 ? N ARG A 25  O GLU A 25 ? O GLU A 28  
AB 1 2 N LEU A 48 ? N LEU A 51  O TYR A 98 ? O TYR A 101 
AB 2 3 N ARG A 99 ? N ARG A 102 O ILE A 91 ? O ILE A 94  
# 
_atom_sites.entry_id                    3ZQ7 
_atom_sites.fract_transf_matrix[1][1]   -0.01202843 
_atom_sites.fract_transf_matrix[1][2]   -0.01786572 
_atom_sites.fract_transf_matrix[1][3]   0.01700577 
_atom_sites.fract_transf_matrix[2][1]   -0.00737193 
_atom_sites.fract_transf_matrix[2][2]   -0.01545137 
_atom_sites.fract_transf_matrix[2][3]   -0.02144698 
_atom_sites.fract_transf_matrix[3][1]   0.00619456 
_atom_sites.fract_transf_matrix[3][2]   -0.00367628 
_atom_sites.fract_transf_matrix[3][3]   0.00051932 
_atom_sites.fract_transf_vector[1]      0.069545 
_atom_sites.fract_transf_vector[2]      -0.198507 
_atom_sites.fract_transf_vector[3]      -0.082338 
# 
loop_
_atom_type.symbol 
C 
N 
O 
S 
# 
loop_
_atom_site.group_PDB 
_atom_site.id 
_atom_site.type_symbol 
_atom_site.label_atom_id 
_atom_site.label_alt_id 
_atom_site.label_comp_id 
_atom_site.label_asym_id 
_atom_site.label_entity_id 
_atom_site.label_seq_id 
_atom_site.pdbx_PDB_ins_code 
_atom_site.Cartn_x 
_atom_site.Cartn_y 
_atom_site.Cartn_z 
_atom_site.occupancy 
_atom_site.B_iso_or_equiv 
_atom_site.pdbx_formal_charge 
_atom_site.auth_seq_id 
_atom_site.auth_comp_id 
_atom_site.auth_asym_id 
_atom_site.auth_atom_id 
_atom_site.pdbx_PDB_model_num 
ATOM   1   N N   . PRO A 1 2   ? -6.476  -17.469 -7.151  1.00 43.39 ? 5    PRO A N   1 
ATOM   2   C CA  . PRO A 1 2   ? -6.146  -16.069 -6.882  1.00 39.99 ? 5    PRO A CA  1 
ATOM   3   C C   . PRO A 1 2   ? -5.549  -15.828 -5.482  1.00 36.16 ? 5    PRO A C   1 
ATOM   4   O O   . PRO A 1 2   ? -4.776  -14.880 -5.313  1.00 33.52 ? 5    PRO A O   1 
ATOM   5   C CB  . PRO A 1 2   ? -7.490  -15.359 -7.057  1.00 41.31 ? 5    PRO A CB  1 
ATOM   6   C CG  . PRO A 1 2   ? -8.279  -16.254 -8.047  1.00 46.28 ? 5    PRO A CG  1 
ATOM   7   C CD  . PRO A 1 2   ? -7.563  -17.594 -8.137  1.00 47.64 ? 5    PRO A CD  1 
ATOM   8   N N   . ASP A 1 3   ? -5.914  -16.662 -4.501  1.00 36.24 ? 6    ASP A N   1 
ATOM   9   C CA  . ASP A 1 3   ? -5.180  -16.780 -3.209  1.00 33.88 ? 6    ASP A CA  1 
ATOM   10  C C   . ASP A 1 3   ? -5.069  -15.489 -2.378  1.00 30.19 ? 6    ASP A C   1 
ATOM   11  O O   . ASP A 1 3   ? -4.233  -14.640 -2.662  1.00 28.57 ? 6    ASP A O   1 
ATOM   12  C CB  . ASP A 1 3   ? -3.777  -17.391 -3.432  1.00 34.25 ? 6    ASP A CB  1 
ATOM   13  C CG  . ASP A 1 3   ? -3.101  -17.817 -2.130  1.00 34.20 ? 6    ASP A CG  1 
ATOM   14  O OD1 . ASP A 1 3   ? -2.786  -16.954 -1.286  1.00 34.94 ? 6    ASP A OD1 1 
ATOM   15  O OD2 . ASP A 1 3   ? -2.868  -19.021 -1.940  1.00 37.68 ? 6    ASP A OD2 1 
ATOM   16  N N   . PRO A 1 4   ? -5.892  -15.353 -1.328  1.00 29.52 ? 7    PRO A N   1 
ATOM   17  C CA  . PRO A 1 4   ? -5.903  -14.071 -0.661  1.00 27.27 ? 7    PRO A CA  1 
ATOM   18  C C   . PRO A 1 4   ? -4.803  -13.957 0.399   1.00 26.05 ? 7    PRO A C   1 
ATOM   19  O O   . PRO A 1 4   ? -4.803  -13.019 1.207   1.00 24.42 ? 7    PRO A O   1 
ATOM   20  C CB  . PRO A 1 4   ? -7.314  -14.018 -0.039  1.00 27.97 ? 7    PRO A CB  1 
ATOM   21  C CG  . PRO A 1 4   ? -7.979  -15.350 -0.370  1.00 30.09 ? 7    PRO A CG  1 
ATOM   22  C CD  . PRO A 1 4   ? -6.860  -16.269 -0.706  1.00 31.32 ? 7    PRO A CD  1 
ATOM   23  N N   . LEU A 1 5   ? -3.857  -14.892 0.376   1.00 26.88 ? 8    LEU A N   1 
ATOM   24  C CA  . LEU A 1 5   ? -2.761  -14.876 1.319   1.00 26.18 ? 8    LEU A CA  1 
ATOM   25  C C   . LEU A 1 5   ? -1.508  -14.404 0.564   1.00 25.71 ? 8    LEU A C   1 
ATOM   26  O O   . LEU A 1 5   ? -0.895  -15.152 -0.207  1.00 27.47 ? 8    LEU A O   1 
ATOM   27  C CB  . LEU A 1 5   ? -2.601  -16.280 1.938   1.00 28.01 ? 8    LEU A CB  1 
ATOM   28  C CG  . LEU A 1 5   ? -2.288  -16.579 3.422   1.00 28.71 ? 8    LEU A CG  1 
ATOM   29  C CD1 . LEU A 1 5   ? -0.849  -16.275 3.804   1.00 30.03 ? 8    LEU A CD1 1 
ATOM   30  C CD2 . LEU A 1 5   ? -3.247  -15.901 4.408   1.00 28.70 ? 8    LEU A CD2 1 
ATOM   31  N N   . VAL A 1 6   ? -1.142  -13.144 0.783   1.00 23.94 ? 9    VAL A N   1 
ATOM   32  C CA  . VAL A 1 6   ? 0.009   -12.524 0.116   1.00 23.18 ? 9    VAL A CA  1 
ATOM   33  C C   . VAL A 1 6   ? 1.181   -12.407 1.089   1.00 22.82 ? 9    VAL A C   1 
ATOM   34  O O   . VAL A 1 6   ? 0.983   -12.007 2.226   1.00 21.60 ? 9    VAL A O   1 
ATOM   35  C CB  . VAL A 1 6   ? -0.340  -11.098 -0.417  1.00 21.94 ? 9    VAL A CB  1 
ATOM   36  C CG1 . VAL A 1 6   ? 0.479   -10.771 -1.637  1.00 22.34 ? 9    VAL A CG1 1 
ATOM   37  C CG2 . VAL A 1 6   ? -1.806  -10.974 -0.744  1.00 21.77 ? 9    VAL A CG2 1 
ATOM   38  N N   . LYS A 1 7   ? 2.390   -12.756 0.634   1.00 24.04 ? 10   LYS A N   1 
ATOM   39  C CA  . LYS A 1 7   ? 3.628   -12.644 1.447   1.00 24.80 ? 10   LYS A CA  1 
ATOM   40  C C   . LYS A 1 7   ? 4.700   -11.847 0.696   1.00 24.99 ? 10   LYS A C   1 
ATOM   41  O O   . LYS A 1 7   ? 4.955   -12.144 -0.474  1.00 25.65 ? 10   LYS A O   1 
ATOM   42  C CB  . LYS A 1 7   ? 4.192   -14.036 1.788   1.00 26.89 ? 10   LYS A CB  1 
ATOM   43  C CG  . LYS A 1 7   ? 3.402   -14.848 2.822   1.00 28.03 ? 10   LYS A CG  1 
ATOM   44  C CD  . LYS A 1 7   ? 4.320   -15.877 3.511   1.00 32.98 ? 10   LYS A CD  1 
ATOM   45  C CE  . LYS A 1 7   ? 3.669   -16.578 4.722   1.00 33.76 ? 10   LYS A CE  1 
ATOM   46  N NZ  . LYS A 1 7   ? 2.819   -17.744 4.314   1.00 35.73 ? 10   LYS A NZ  1 
ATOM   47  N N   . PHE A 1 8   ? 5.336   -10.855 1.339   1.00 24.75 ? 11   PHE A N   1 
ATOM   48  C CA  . PHE A 1 8   ? 6.487   -10.156 0.686   1.00 25.40 ? 11   PHE A CA  1 
ATOM   49  C C   . PHE A 1 8   ? 7.876   -10.064 1.367   1.00 27.87 ? 11   PHE A C   1 
ATOM   50  O O   . PHE A 1 8   ? 8.890   -10.473 0.774   1.00 29.79 ? 11   PHE A O   1 
ATOM   51  C CB  . PHE A 1 8   ? 6.101   -8.830  0.022   1.00 23.10 ? 11   PHE A CB  1 
ATOM   52  C CG  . PHE A 1 8   ? 5.292   -7.912  0.870   1.00 20.69 ? 11   PHE A CG  1 
ATOM   53  C CD1 . PHE A 1 8   ? 3.905   -7.973  0.852   1.00 18.59 ? 11   PHE A CD1 1 
ATOM   54  C CD2 . PHE A 1 8   ? 5.904   -6.925  1.619   1.00 20.19 ? 11   PHE A CD2 1 
ATOM   55  C CE1 . PHE A 1 8   ? 3.141   -7.093  1.601   1.00 16.48 ? 11   PHE A CE1 1 
ATOM   56  C CE2 . PHE A 1 8   ? 5.155   -6.047  2.360   1.00 19.14 ? 11   PHE A CE2 1 
ATOM   57  C CZ  . PHE A 1 8   ? 3.756   -6.135  2.353   1.00 17.34 ? 11   PHE A CZ  1 
ATOM   58  N N   . SER A 1 9   ? 7.957   -9.499  2.565   1.00 28.28 ? 12   SER A N   1 
ATOM   59  C CA  . SER A 1 9   ? 9.230   -9.595  3.277   1.00 31.55 ? 12   SER A CA  1 
ATOM   60  C C   . SER A 1 9   ? 8.992   -10.380 4.566   1.00 32.81 ? 12   SER A C   1 
ATOM   61  O O   . SER A 1 9   ? 8.669   -11.567 4.513   1.00 33.62 ? 12   SER A O   1 
ATOM   62  C CB  . SER A 1 9   ? 9.909   -8.225  3.475   1.00 32.14 ? 12   SER A CB  1 
ATOM   63  O OG  . SER A 1 9   ? 9.164   -7.360  4.316   1.00 31.43 ? 12   SER A OG  1 
ATOM   64  N N   . ASP A 1 10  ? 9.126   -9.737  5.715   1.00 33.67 ? 13   ASP A N   1 
ATOM   65  C CA  . ASP A 1 10  ? 8.673   -10.354 6.954   1.00 34.76 ? 13   ASP A CA  1 
ATOM   66  C C   . ASP A 1 10  ? 7.129   -10.259 7.066   1.00 31.43 ? 13   ASP A C   1 
ATOM   67  O O   . ASP A 1 10  ? 6.514   -10.806 7.992   1.00 32.07 ? 13   ASP A O   1 
ATOM   68  C CB  . ASP A 1 10  ? 9.406   -9.748  8.169   1.00 37.90 ? 13   ASP A CB  1 
ATOM   69  C CG  . ASP A 1 10  ? 9.649   -8.234  8.041   1.00 37.51 ? 13   ASP A CG  1 
ATOM   70  O OD1 . ASP A 1 10  ? 9.676   -7.700  6.909   1.00 34.94 ? 13   ASP A OD1 1 
ATOM   71  O OD2 . ASP A 1 10  ? 9.845   -7.581  9.091   1.00 40.67 ? 13   ASP A OD2 1 
ATOM   72  N N   . VAL A 1 11  ? 6.519   -9.604  6.084   1.00 28.37 ? 14   VAL A N   1 
ATOM   73  C CA  . VAL A 1 11  ? 5.081   -9.328  6.084   1.00 25.83 ? 14   VAL A CA  1 
ATOM   74  C C   . VAL A 1 11  ? 4.247   -10.437 5.393   1.00 24.85 ? 14   VAL A C   1 
ATOM   75  O O   . VAL A 1 11  ? 4.506   -10.807 4.231   1.00 24.59 ? 14   VAL A O   1 
ATOM   76  C CB  . VAL A 1 11  ? 4.757   -7.959  5.377   1.00 23.94 ? 14   VAL A CB  1 
ATOM   77  C CG1 . VAL A 1 11  ? 3.376   -7.482  5.762   1.00 22.16 ? 14   VAL A CG1 1 
ATOM   78  C CG2 . VAL A 1 11  ? 5.804   -6.888  5.686   1.00 24.57 ? 14   VAL A CG2 1 
ATOM   79  N N   . THR A 1 12  ? 3.249   -10.958 6.104   1.00 24.33 ? 15   THR A N   1 
ATOM   80  C CA  . THR A 1 12  ? 2.208   -11.737 5.444   1.00 23.54 ? 15   THR A CA  1 
ATOM   81  C C   . THR A 1 12  ? 0.856   -11.037 5.607   1.00 21.79 ? 15   THR A C   1 
ATOM   82  O O   . THR A 1 12  ? 0.488   -10.686 6.717   1.00 22.37 ? 15   THR A O   1 
ATOM   83  C CB  . THR A 1 12  ? 2.106   -13.183 5.957   1.00 25.66 ? 15   THR A CB  1 
ATOM   84  O OG1 . THR A 1 12  ? 0.910   -13.334 6.736   1.00 24.22 ? 15   THR A OG1 1 
ATOM   85  C CG2 . THR A 1 12  ? 3.378   -13.618 6.741   1.00 28.27 ? 15   THR A CG2 1 
ATOM   86  N N   . VAL A 1 13  ? 0.147   -10.828 4.497   1.00 20.44 ? 16   VAL A N   1 
ATOM   87  C CA  . VAL A 1 13  ? -1.144  -10.117 4.467   1.00 19.54 ? 16   VAL A CA  1 
ATOM   88  C C   . VAL A 1 13  ? -2.285  -11.045 4.010   1.00 20.24 ? 16   VAL A C   1 
ATOM   89  O O   . VAL A 1 13  ? -2.264  -11.523 2.876   1.00 20.79 ? 16   VAL A O   1 
ATOM   90  C CB  . VAL A 1 13  ? -1.125  -8.896  3.472   1.00 18.43 ? 16   VAL A CB  1 
ATOM   91  C CG1 . VAL A 1 13  ? -2.487  -8.165  3.473   1.00 17.39 ? 16   VAL A CG1 1 
ATOM   92  C CG2 . VAL A 1 13  ? 0.027   -7.950  3.761   1.00 17.41 ? 16   VAL A CG2 1 
ATOM   93  N N   . ASP A 1 14  ? -3.272  -11.285 4.877   1.00 20.84 ? 17   ASP A N   1 
ATOM   94  C CA  . ASP A 1 14  ? -4.501  -11.969 4.463   1.00 21.41 ? 17   ASP A CA  1 
ATOM   95  C C   . ASP A 1 14  ? -5.495  -10.906 4.049   1.00 20.98 ? 17   ASP A C   1 
ATOM   96  O O   . ASP A 1 14  ? -6.009  -10.128 4.874   1.00 20.79 ? 17   ASP A O   1 
ATOM   97  C CB  . ASP A 1 14  ? -5.094  -12.850 5.563   1.00 22.81 ? 17   ASP A CB  1 
ATOM   98  C CG  . ASP A 1 14  ? -6.329  -13.652 5.091   1.00 24.16 ? 17   ASP A CG  1 
ATOM   99  O OD1 . ASP A 1 14  ? -7.079  -13.178 4.214   1.00 23.83 ? 17   ASP A OD1 1 
ATOM   100 O OD2 . ASP A 1 14  ? -6.560  -14.764 5.616   1.00 26.09 ? 17   ASP A OD2 1 
ATOM   101 N N   . LEU A 1 15  ? -5.761  -10.900 2.752   1.00 21.30 ? 18   LEU A N   1 
ATOM   102 C CA  . LEU A 1 15  ? -6.489  -9.848  2.091   1.00 21.29 ? 18   LEU A CA  1 
ATOM   103 C C   . LEU A 1 15  ? -7.982  -9.965  2.397   1.00 22.88 ? 18   LEU A C   1 
ATOM   104 O O   . LEU A 1 15  ? -8.692  -8.966  2.428   1.00 23.23 ? 18   LEU A O   1 
ATOM   105 C CB  . LEU A 1 15  ? -6.243  -10.015 0.602   1.00 21.96 ? 18   LEU A CB  1 
ATOM   106 C CG  . LEU A 1 15  ? -5.692  -8.965  -0.352  1.00 21.35 ? 18   LEU A CG  1 
ATOM   107 C CD1 . LEU A 1 15  ? -4.598  -8.119  0.240   1.00 18.59 ? 18   LEU A CD1 1 
ATOM   108 C CD2 . LEU A 1 15  ? -5.179  -9.746  -1.535  1.00 22.83 ? 18   LEU A CD2 1 
ATOM   109 N N   . ALA A 1 16  ? -8.439  -11.200 2.616   1.00 24.34 ? 19   ALA A N   1 
ATOM   110 C CA  . ALA A 1 16  ? -9.846  -11.516 2.868   1.00 26.01 ? 19   ALA A CA  1 
ATOM   111 C C   . ALA A 1 16  ? -10.261 -11.097 4.271   1.00 25.79 ? 19   ALA A C   1 
ATOM   112 O O   . ALA A 1 16  ? -11.253 -10.377 4.448   1.00 27.21 ? 19   ALA A O   1 
ATOM   113 C CB  . ALA A 1 16  ? -10.069 -13.001 2.682   1.00 27.67 ? 19   ALA A CB  1 
ATOM   114 N N   . ALA A 1 17  ? -9.491  -11.550 5.260   1.00 24.69 ? 20   ALA A N   1 
ATOM   115 C CA  . ALA A 1 17  ? -9.679  -11.194 6.658   1.00 24.37 ? 20   ALA A CA  1 
ATOM   116 C C   . ALA A 1 17  ? -9.265  -9.761  6.955   1.00 23.14 ? 20   ALA A C   1 
ATOM   117 O O   . ALA A 1 17  ? -9.670  -9.196  7.972   1.00 24.05 ? 20   ALA A O   1 
ATOM   118 C CB  . ALA A 1 17  ? -8.885  -12.134 7.535   1.00 24.62 ? 20   ALA A CB  1 
ATOM   119 N N   . ARG A 1 18  ? -8.444  -9.170  6.093   1.00 21.91 ? 21   ARG A N   1 
ATOM   120 C CA  . ARG A 1 18  ? -7.934  -7.842  6.348   1.00 20.94 ? 21   ARG A CA  1 
ATOM   121 C C   . ARG A 1 18  ? -6.973  -7.878  7.529   1.00 20.92 ? 21   ARG A C   1 
ATOM   122 O O   . ARG A 1 18  ? -7.029  -7.025  8.431   1.00 21.04 ? 21   ARG A O   1 
ATOM   123 C CB  . ARG A 1 18  ? -9.085  -6.865  6.636   1.00 21.92 ? 21   ARG A CB  1 
ATOM   124 C CG  . ARG A 1 18  ? -9.803  -6.328  5.404   1.00 22.54 ? 21   ARG A CG  1 
ATOM   125 C CD  . ARG A 1 18  ? -11.147 -6.976  5.178   1.00 25.53 ? 21   ARG A CD  1 
ATOM   126 N NE  . ARG A 1 18  ? -12.133 -6.003  4.709   1.00 28.09 ? 21   ARG A NE  1 
ATOM   127 C CZ  . ARG A 1 18  ? -12.297 -5.635  3.436   1.00 30.10 ? 21   ARG A CZ  1 
ATOM   128 N NH1 . ARG A 1 18  ? -11.545 -6.172  2.474   1.00 27.77 ? 21   ARG A NH1 1 
ATOM   129 N NH2 . ARG A 1 18  ? -13.224 -4.734  3.120   1.00 30.96 ? 21   ARG A NH2 1 
ATOM   130 N N   . VAL A 1 19  ? -6.098  -8.880  7.547   1.00 21.15 ? 22   VAL A N   1 
ATOM   131 C CA  . VAL A 1 19  ? -5.100  -8.976  8.621   1.00 21.72 ? 22   VAL A CA  1 
ATOM   132 C C   . VAL A 1 19  ? -3.664  -9.105  8.119   1.00 21.37 ? 22   VAL A C   1 
ATOM   133 O O   . VAL A 1 19  ? -3.397  -9.718  7.071   1.00 21.01 ? 22   VAL A O   1 
ATOM   134 C CB  . VAL A 1 19  ? -5.419  -10.070 9.685   1.00 23.12 ? 22   VAL A CB  1 
ATOM   135 C CG1 . VAL A 1 19  ? -6.559  -9.611  10.606  1.00 23.97 ? 22   VAL A CG1 1 
ATOM   136 C CG2 . VAL A 1 19  ? -5.746  -11.396 9.025   1.00 24.28 ? 22   VAL A CG2 1 
ATOM   137 N N   . ILE A 1 20  ? -2.745  -8.515  8.879   1.00 22.22 ? 23   ILE A N   1 
ATOM   138 C CA  . ILE A 1 20  ? -1.364  -8.459  8.465   1.00 22.46 ? 23   ILE A CA  1 
ATOM   139 C C   . ILE A 1 20  ? -0.363  -8.733  9.598   1.00 24.70 ? 23   ILE A C   1 
ATOM   140 O O   . ILE A 1 20  ? -0.437  -8.135  10.673  1.00 25.73 ? 23   ILE A O   1 
ATOM   141 C CB  . ILE A 1 20  ? -1.097  -7.160  7.664   1.00 21.32 ? 23   ILE A CB  1 
ATOM   142 C CG1 . ILE A 1 20  ? 0.379   -6.800  7.650   1.00 21.79 ? 23   ILE A CG1 1 
ATOM   143 C CG2 . ILE A 1 20  ? -1.994  -6.017  8.164   1.00 21.66 ? 23   ILE A CG2 1 
ATOM   144 C CD1 . ILE A 1 20  ? 0.663   -5.685  6.713   1.00 22.32 ? 23   ILE A CD1 1 
ATOM   145 N N   . HIS A 1 21  ? 0.561   -9.661  9.324   1.00 25.65 ? 24   HIS A N   1 
ATOM   146 C CA  . HIS A 1 21  ? 1.609   -10.074 10.252  1.00 28.38 ? 24   HIS A CA  1 
ATOM   147 C C   . HIS A 1 21  ? 3.027   -9.725  9.765   1.00 29.43 ? 24   HIS A C   1 
ATOM   148 O O   . HIS A 1 21  ? 3.365   -9.942  8.592   1.00 28.25 ? 24   HIS A O   1 
ATOM   149 C CB  . HIS A 1 21  ? 1.465   -11.566 10.529  1.00 29.84 ? 24   HIS A CB  1 
ATOM   150 C CG  . HIS A 1 21  ? 0.105   -11.949 11.024  1.00 28.63 ? 24   HIS A CG  1 
ATOM   151 N ND1 . HIS A 1 21  ? -0.165  -12.168 12.357  1.00 30.63 ? 24   HIS A ND1 1 
ATOM   152 C CD2 . HIS A 1 21  ? -1.070  -12.099 10.369  1.00 25.79 ? 24   HIS A CD2 1 
ATOM   153 C CE1 . HIS A 1 21  ? -1.448  -12.454 12.502  1.00 30.10 ? 24   HIS A CE1 1 
ATOM   154 N NE2 . HIS A 1 21  ? -2.018  -12.415 11.310  1.00 27.12 ? 24   HIS A NE2 1 
ATOM   155 N N   . ARG A 1 22  ? 3.829   -9.151  10.673  1.00 32.27 ? 25   ARG A N   1 
ATOM   156 C CA  . ARG A 1 22  ? 5.244   -8.790  10.429  1.00 34.11 ? 25   ARG A CA  1 
ATOM   157 C C   . ARG A 1 22  ? 6.011   -8.820  11.745  1.00 38.77 ? 25   ARG A C   1 
ATOM   158 O O   . ARG A 1 22  ? 5.587   -8.179  12.696  1.00 40.49 ? 25   ARG A O   1 
ATOM   159 C CB  . ARG A 1 22  ? 5.355   -7.383  9.811   1.00 32.19 ? 25   ARG A CB  1 
ATOM   160 C CG  . ARG A 1 22  ? 6.733   -6.704  9.946   1.00 34.41 ? 25   ARG A CG  1 
ATOM   161 C CD  . ARG A 1 22  ? 6.870   -5.423  9.109   1.00 33.02 ? 25   ARG A CD  1 
ATOM   162 N NE  . ARG A 1 22  ? 8.272   -4.994  9.035   1.00 36.40 ? 25   ARG A NE  1 
ATOM   163 C CZ  . ARG A 1 22  ? 8.773   -3.864  9.543   1.00 38.12 ? 25   ARG A CZ  1 
ATOM   164 N NH1 . ARG A 1 22  ? 8.001   -2.974  10.155  1.00 37.07 ? 25   ARG A NH1 1 
ATOM   165 N NH2 . ARG A 1 22  ? 10.068  -3.613  9.424   1.00 40.23 ? 25   ARG A NH2 1 
ATOM   166 N N   . GLY A 1 23  ? 7.102   -9.577  11.856  1.00 57.61 ? 26   GLY A N   1 
ATOM   167 C CA  . GLY A 1 23  ? 7.492   -10.628 10.933  1.00 59.83 ? 26   GLY A CA  1 
ATOM   168 C C   . GLY A 1 23  ? 7.861   -11.888 11.723  1.00 67.08 ? 26   GLY A C   1 
ATOM   169 O O   . GLY A 1 23  ? 9.037   -12.290 11.758  1.00 73.01 ? 26   GLY A O   1 
ATOM   170 N N   . GLU A 1 24  ? 6.874   -12.499 12.387  1.00 67.13 ? 27   GLU A N   1 
ATOM   171 C CA  . GLU A 1 24  ? 5.510   -11.971 12.413  1.00 61.24 ? 27   GLU A CA  1 
ATOM   172 C C   . GLU A 1 24  ? 4.823   -11.953 13.786  1.00 62.12 ? 27   GLU A C   1 
ATOM   173 O O   . GLU A 1 24  ? 4.902   -12.900 14.572  1.00 67.45 ? 27   GLU A O   1 
ATOM   174 C CB  . GLU A 1 24  ? 4.622   -12.604 11.322  1.00 58.18 ? 27   GLU A CB  1 
ATOM   175 C CG  . GLU A 1 24  ? 3.977   -13.951 11.661  1.00 62.73 ? 27   GLU A CG  1 
ATOM   176 C CD  . GLU A 1 24  ? 3.327   -14.597 10.447  1.00 62.02 ? 27   GLU A CD  1 
ATOM   177 O OE1 . GLU A 1 24  ? 4.063   -14.936 9.498   1.00 65.90 ? 27   GLU A OE1 1 
ATOM   178 O OE2 . GLU A 1 24  ? 2.089   -14.767 10.435  1.00 59.95 ? 27   GLU A OE2 1 
ATOM   179 N N   . GLU A 1 25  ? 4.195   -10.815 14.039  1.00 57.38 ? 28   GLU A N   1 
ATOM   180 C CA  . GLU A 1 25  ? 3.158   -10.619 15.033  1.00 56.06 ? 28   GLU A CA  1 
ATOM   181 C C   . GLU A 1 25  ? 2.228   -9.614  14.346  1.00 49.02 ? 28   GLU A C   1 
ATOM   182 O O   . GLU A 1 25  ? 2.616   -9.006  13.357  1.00 45.96 ? 28   GLU A O   1 
ATOM   183 C CB  . GLU A 1 25  ? 3.749   -10.024 16.299  1.00 59.95 ? 28   GLU A CB  1 
ATOM   184 C CG  . GLU A 1 25  ? 4.822   -8.983  16.023  1.00 60.22 ? 28   GLU A CG  1 
ATOM   185 C CD  . GLU A 1 25  ? 4.815   -7.864  17.030  1.00 61.15 ? 28   GLU A CD  1 
ATOM   186 O OE1 . GLU A 1 25  ? 3.989   -6.934  16.873  1.00 56.22 ? 28   GLU A OE1 1 
ATOM   187 O OE2 . GLU A 1 25  ? 5.639   -7.917  17.971  1.00 67.06 ? 28   GLU A OE2 1 
ATOM   188 N N   . GLU A 1 26  ? 1.011   -9.433  14.837  1.00 46.88 ? 29   GLU A N   1 
ATOM   189 C CA  . GLU A 1 26  ? 0.033   -8.649  14.085  1.00 41.35 ? 29   GLU A CA  1 
ATOM   190 C C   . GLU A 1 26  ? 0.351   -7.151  13.997  1.00 38.89 ? 29   GLU A C   1 
ATOM   191 O O   . GLU A 1 26  ? 0.407   -6.474  15.025  1.00 40.28 ? 29   GLU A O   1 
ATOM   192 C CB  . GLU A 1 26  ? -1.379  -8.853  14.634  1.00 40.65 ? 29   GLU A CB  1 
ATOM   193 C CG  . GLU A 1 26  ? -2.431  -8.715  13.564  1.00 37.41 ? 29   GLU A CG  1 
ATOM   194 C CD  . GLU A 1 26  ? -3.822  -8.443  14.099  1.00 38.12 ? 29   GLU A CD  1 
ATOM   195 O OE1 . GLU A 1 26  ? -4.110  -8.831  15.253  1.00 41.79 ? 29   GLU A OE1 1 
ATOM   196 O OE2 . GLU A 1 26  ? -4.639  -7.857  13.346  1.00 35.58 ? 29   GLU A OE2 1 
ATOM   197 N N   . VAL A 1 27  ? 0.557   -6.647  12.776  1.00 35.28 ? 30   VAL A N   1 
ATOM   198 C CA  . VAL A 1 27  ? 0.577   -5.199  12.530  1.00 32.70 ? 30   VAL A CA  1 
ATOM   199 C C   . VAL A 1 27  ? -0.852  -4.711  12.348  1.00 29.80 ? 30   VAL A C   1 
ATOM   200 O O   . VAL A 1 27  ? -1.590  -5.253  11.535  1.00 28.17 ? 30   VAL A O   1 
ATOM   201 C CB  . VAL A 1 27  ? 1.342   -4.806  11.243  1.00 30.65 ? 30   VAL A CB  1 
ATOM   202 C CG1 . VAL A 1 27  ? 1.468   -3.301  11.154  1.00 28.67 ? 30   VAL A CG1 1 
ATOM   203 C CG2 . VAL A 1 27  ? 2.704   -5.442  11.196  1.00 34.39 ? 30   VAL A CG2 1 
ATOM   204 N N   . HIS A 1 28  ? -1.239  -3.672  13.080  1.00 30.03 ? 31   HIS A N   1 
ATOM   205 C CA  . HIS A 1 28  ? -2.595  -3.139  12.975  1.00 28.22 ? 31   HIS A CA  1 
ATOM   206 C C   . HIS A 1 28  ? -2.715  -1.994  11.982  1.00 25.33 ? 31   HIS A C   1 
ATOM   207 O O   . HIS A 1 28  ? -2.112  -0.946  12.172  1.00 26.24 ? 31   HIS A O   1 
ATOM   208 C CB  . HIS A 1 28  ? -3.100  -2.714  14.340  1.00 30.18 ? 31   HIS A CB  1 
ATOM   209 C CG  . HIS A 1 28  ? -3.299  -3.858  15.271  1.00 34.49 ? 31   HIS A CG  1 
ATOM   210 N ND1 . HIS A 1 28  ? -4.344  -4.749  15.133  1.00 36.19 ? 31   HIS A ND1 1 
ATOM   211 C CD2 . HIS A 1 28  ? -2.580  -4.277  16.340  1.00 39.55 ? 31   HIS A CD2 1 
ATOM   212 C CE1 . HIS A 1 28  ? -4.270  -5.657  16.093  1.00 39.79 ? 31   HIS A CE1 1 
ATOM   213 N NE2 . HIS A 1 28  ? -3.206  -5.397  16.835  1.00 41.82 ? 31   HIS A NE2 1 
ATOM   214 N N   . LEU A 1 29  ? -3.495  -2.197  10.927  1.00 23.00 ? 32   LEU A N   1 
ATOM   215 C CA  . LEU A 1 29  ? -3.743  -1.142  9.951   1.00 21.10 ? 32   LEU A CA  1 
ATOM   216 C C   . LEU A 1 29  ? -5.104  -0.499  10.114  1.00 21.18 ? 32   LEU A C   1 
ATOM   217 O O   . LEU A 1 29  ? -6.061  -1.093  10.629  1.00 21.96 ? 32   LEU A O   1 
ATOM   218 C CB  . LEU A 1 29  ? -3.610  -1.633  8.503   1.00 19.28 ? 32   LEU A CB  1 
ATOM   219 C CG  . LEU A 1 29  ? -2.249  -1.869  7.851   1.00 19.92 ? 32   LEU A CG  1 
ATOM   220 C CD1 . LEU A 1 29  ? -2.434  -1.839  6.341   1.00 18.93 ? 32   LEU A CD1 1 
ATOM   221 C CD2 . LEU A 1 29  ? -1.193  -0.831  8.289   1.00 21.87 ? 32   LEU A CD2 1 
ATOM   222 N N   . THR A 1 30  ? -5.159  0.739   9.648   1.00 20.46 ? 33   THR A N   1 
ATOM   223 C CA  . THR A 1 30  ? -6.370  1.524   9.602   1.00 20.94 ? 33   THR A CA  1 
ATOM   224 C C   . THR A 1 30  ? -7.132  1.037   8.349   1.00 19.97 ? 33   THR A C   1 
ATOM   225 O O   . THR A 1 30  ? -6.487  0.593   7.399   1.00 18.18 ? 33   THR A O   1 
ATOM   226 C CB  . THR A 1 30  ? -5.953  3.014   9.596   1.00 21.31 ? 33   THR A CB  1 
ATOM   227 O OG1 . THR A 1 30  ? -6.243  3.587   10.876  1.00 23.42 ? 33   THR A OG1 1 
ATOM   228 C CG2 . THR A 1 30  ? -6.614  3.800   8.513   1.00 21.34 ? 33   THR A CG2 1 
ATOM   229 N N   . PRO A 1 31  ? -8.490  1.065   8.365   1.00 21.34 ? 34   PRO A N   1 
ATOM   230 C CA  . PRO A 1 31  ? -9.311  0.653   7.218   1.00 21.94 ? 34   PRO A CA  1 
ATOM   231 C C   . PRO A 1 31  ? -8.926  1.296   5.879   1.00 21.37 ? 34   PRO A C   1 
ATOM   232 O O   . PRO A 1 31  ? -9.010  0.630   4.835   1.00 21.22 ? 34   PRO A O   1 
ATOM   233 C CB  . PRO A 1 31  ? -10.740 1.086   7.630   1.00 24.36 ? 34   PRO A CB  1 
ATOM   234 C CG  . PRO A 1 31  ? -10.730 1.032   9.064   1.00 24.85 ? 34   PRO A CG  1 
ATOM   235 C CD  . PRO A 1 31  ? -9.345  1.470   9.494   1.00 23.72 ? 34   PRO A CD  1 
ATOM   236 N N   . ILE A 1 32  ? -8.543  2.578   5.934   1.00 21.93 ? 35   ILE A N   1 
ATOM   237 C CA  . ILE A 1 32  ? -8.063  3.370   4.805   1.00 21.63 ? 35   ILE A CA  1 
ATOM   238 C C   . ILE A 1 32  ? -6.681  2.883   4.351   1.00 19.59 ? 35   ILE A C   1 
ATOM   239 O O   . ILE A 1 32  ? -6.448  2.632   3.174   1.00 19.51 ? 35   ILE A O   1 
ATOM   240 C CB  . ILE A 1 32  ? -7.967  4.867   5.200   1.00 23.26 ? 35   ILE A CB  1 
ATOM   241 C CG1 . ILE A 1 32  ? -9.348  5.451   5.605   1.00 27.20 ? 35   ILE A CG1 1 
ATOM   242 C CG2 . ILE A 1 32  ? -7.301  5.691   4.079   1.00 23.46 ? 35   ILE A CG2 1 
ATOM   243 C CD1 . ILE A 1 32  ? -9.851  5.119   7.094   1.00 27.70 ? 35   ILE A CD1 1 
ATOM   244 N N   . GLU A 1 33  ? -5.760  2.757   5.300   1.00 18.94 ? 36   GLU A N   1 
ATOM   245 C CA  . GLU A 1 33  ? -4.444  2.156   5.053   1.00 16.97 ? 36   GLU A CA  1 
ATOM   246 C C   . GLU A 1 33  ? -4.510  0.733   4.502   1.00 16.24 ? 36   GLU A C   1 
ATOM   247 O O   . GLU A 1 33  ? -3.586  0.288   3.817   1.00 15.35 ? 36   GLU A O   1 
ATOM   248 C CB  . GLU A 1 33  ? -3.650  2.115   6.356   1.00 17.60 ? 36   GLU A CB  1 
ATOM   249 C CG  . GLU A 1 33  ? -3.023  3.418   6.772   1.00 18.05 ? 36   GLU A CG  1 
ATOM   250 C CD  . GLU A 1 33  ? -2.645  3.442   8.232   1.00 19.87 ? 36   GLU A CD  1 
ATOM   251 O OE1 . GLU A 1 33  ? -2.726  2.388   8.905   1.00 21.02 ? 36   GLU A OE1 1 
ATOM   252 O OE2 . GLU A 1 33  ? -2.269  4.525   8.716   1.00 22.58 ? 36   GLU A OE2 1 
ATOM   253 N N   . PHE A 1 34  ? -5.574  0.000   4.831   1.00 17.01 ? 37   PHE A N   1 
ATOM   254 C CA  . PHE A 1 34  ? -5.720  -1.358  4.313   1.00 16.72 ? 37   PHE A CA  1 
ATOM   255 C C   . PHE A 1 34  ? -6.275  -1.415  2.876   1.00 16.66 ? 37   PHE A C   1 
ATOM   256 O O   . PHE A 1 34  ? -5.850  -2.270  2.089   1.00 16.26 ? 37   PHE A O   1 
ATOM   257 C CB  . PHE A 1 34  ? -6.511  -2.303  5.244   1.00 17.73 ? 37   PHE A CB  1 
ATOM   258 C CG  . PHE A 1 34  ? -6.611  -3.717  4.680   1.00 19.14 ? 37   PHE A CG  1 
ATOM   259 C CD1 . PHE A 1 34  ? -5.602  -4.663  4.939   1.00 18.17 ? 37   PHE A CD1 1 
ATOM   260 C CD2 . PHE A 1 34  ? -7.661  -4.071  3.815   1.00 18.54 ? 37   PHE A CD2 1 
ATOM   261 C CE1 . PHE A 1 34  ? -5.651  -5.946  4.388   1.00 19.23 ? 37   PHE A CE1 1 
ATOM   262 C CE2 . PHE A 1 34  ? -7.706  -5.352  3.238   1.00 20.21 ? 37   PHE A CE2 1 
ATOM   263 C CZ  . PHE A 1 34  ? -6.700  -6.289  3.527   1.00 20.05 ? 37   PHE A CZ  1 
ATOM   264 N N   . ARG A 1 35  ? -7.216  -0.534  2.530   1.00 17.21 ? 38   ARG A N   1 
ATOM   265 C CA  . ARG A 1 35  ? -7.757  -0.547  1.172   1.00 18.31 ? 38   ARG A CA  1 
ATOM   266 C C   . ARG A 1 35  ? -6.681  -0.110  0.185   1.00 17.14 ? 38   ARG A C   1 
ATOM   267 O O   . ARG A 1 35  ? -6.690  -0.514  -0.977  1.00 17.60 ? 38   ARG A O   1 
ATOM   268 C CB  . ARG A 1 35  ? -9.013  0.309   1.062   1.00 20.50 ? 38   ARG A CB  1 
ATOM   269 C CG  . ARG A 1 35  ? -9.655  0.397   -0.339  1.00 24.65 ? 38   ARG A CG  1 
ATOM   270 C CD  . ARG A 1 35  ? -9.762  -0.948  -1.102  1.00 28.57 ? 38   ARG A CD  1 
ATOM   271 N NE  . ARG A 1 35  ? -10.407 -0.817  -2.426  1.00 33.55 ? 38   ARG A NE  1 
ATOM   272 C CZ  . ARG A 1 35  ? -10.158 -1.601  -3.487  1.00 35.25 ? 38   ARG A CZ  1 
ATOM   273 N NH1 . ARG A 1 35  ? -9.259  -2.584  -3.414  1.00 33.70 ? 38   ARG A NH1 1 
ATOM   274 N NH2 . ARG A 1 35  ? -10.799 -1.397  -4.638  1.00 36.66 ? 38   ARG A NH2 1 
ATOM   275 N N   . LEU A 1 36  ? -5.740  0.698   0.666   1.00 15.85 ? 39   LEU A N   1 
ATOM   276 C CA  . LEU A 1 36  ? -4.610  1.122   -0.145  1.00 15.07 ? 39   LEU A CA  1 
ATOM   277 C C   . LEU A 1 36  ? -3.606  0.000   -0.266  1.00 14.23 ? 39   LEU A C   1 
ATOM   278 O O   . LEU A 1 36  ? -3.177  -0.310  -1.373  1.00 15.38 ? 39   LEU A O   1 
ATOM   279 C CB  . LEU A 1 36  ? -3.954  2.399   0.415   1.00 15.28 ? 39   LEU A CB  1 
ATOM   280 C CG  . LEU A 1 36  ? -2.588  2.850   -0.121  1.00 14.29 ? 39   LEU A CG  1 
ATOM   281 C CD1 . LEU A 1 36  ? -2.674  3.297   -1.558  1.00 13.19 ? 39   LEU A CD1 1 
ATOM   282 C CD2 . LEU A 1 36  ? -2.049  3.965   0.755   1.00 14.08 ? 39   LEU A CD2 1 
ATOM   283 N N   . LEU A 1 37  ? -3.230  -0.627  0.843   1.00 13.91 ? 40   LEU A N   1 
ATOM   284 C CA  . LEU A 1 37  ? -2.384  -1.822  0.756   1.00 13.92 ? 40   LEU A CA  1 
ATOM   285 C C   . LEU A 1 37  ? -2.985  -2.809  -0.249  1.00 14.50 ? 40   LEU A C   1 
ATOM   286 O O   . LEU A 1 37  ? -2.318  -3.183  -1.184  1.00 15.77 ? 40   LEU A O   1 
ATOM   287 C CB  . LEU A 1 37  ? -2.150  -2.462  2.121   1.00 14.49 ? 40   LEU A CB  1 
ATOM   288 C CG  . LEU A 1 37  ? -1.248  -3.710  2.267   1.00 16.60 ? 40   LEU A CG  1 
ATOM   289 C CD1 . LEU A 1 37  ? 0.206   -3.418  1.946   1.00 16.31 ? 40   LEU A CD1 1 
ATOM   290 C CD2 . LEU A 1 37  ? -1.352  -4.348  3.664   1.00 17.04 ? 40   LEU A CD2 1 
ATOM   291 N N   . ALA A 1 38  ? -4.245  -3.185  -0.102  1.00 14.98 ? 41   ALA A N   1 
ATOM   292 C CA  . ALA A 1 38  ? -4.879  -4.117  -1.043  1.00 16.32 ? 41   ALA A CA  1 
ATOM   293 C C   . ALA A 1 38  ? -4.721  -3.723  -2.528  1.00 16.44 ? 41   ALA A C   1 
ATOM   294 O O   . ALA A 1 38  ? -4.241  -4.519  -3.374  1.00 16.94 ? 41   ALA A O   1 
ATOM   295 C CB  . ALA A 1 38  ? -6.370  -4.283  -0.697  1.00 17.53 ? 41   ALA A CB  1 
ATOM   296 N N   . VAL A 1 39  ? -5.153  -2.496  -2.838  1.00 15.78 ? 42   VAL A N   1 
ATOM   297 C CA  . VAL A 1 39  ? -5.119  -1.980  -4.205  1.00 15.90 ? 42   VAL A CA  1 
ATOM   298 C C   . VAL A 1 39  ? -3.702  -2.229  -4.730  1.00 15.17 ? 42   VAL A C   1 
ATOM   299 O O   . VAL A 1 39  ? -3.522  -2.815  -5.784  1.00 16.27 ? 42   VAL A O   1 
ATOM   300 C CB  . VAL A 1 39  ? -5.542  -0.479  -4.252  1.00 15.70 ? 42   VAL A CB  1 
ATOM   301 C CG1 . VAL A 1 39  ? -5.024  0.225   -5.484  1.00 15.51 ? 42   VAL A CG1 1 
ATOM   302 C CG2 . VAL A 1 39  ? -7.034  -0.362  -4.178  1.00 17.13 ? 42   VAL A CG2 1 
ATOM   303 N N   . LEU A 1 40  ? -2.717  -1.821  -3.932  1.00 13.66 ? 43   LEU A N   1 
ATOM   304 C CA  . LEU A 1 40  ? -1.297  -1.949  -4.245  1.00 13.23 ? 43   LEU A CA  1 
ATOM   305 C C   . LEU A 1 40  ? -0.836  -3.391  -4.393  1.00 13.98 ? 43   LEU A C   1 
ATOM   306 O O   . LEU A 1 40  ? -0.171  -3.717  -5.357  1.00 14.55 ? 43   LEU A O   1 
ATOM   307 C CB  . LEU A 1 40  ? -0.498  -1.289  -3.138  1.00 12.73 ? 43   LEU A CB  1 
ATOM   308 C CG  . LEU A 1 40  ? -0.431  0.223   -3.147  1.00 12.29 ? 43   LEU A CG  1 
ATOM   309 C CD1 . LEU A 1 40  ? 0.003   0.691   -1.761  1.00 11.37 ? 43   LEU A CD1 1 
ATOM   310 C CD2 . LEU A 1 40  ? 0.524   0.678   -4.257  1.00 12.50 ? 43   LEU A CD2 1 
ATOM   311 N N   . LEU A 1 41  ? -1.188  -4.229  -3.420  1.00 14.25 ? 44   LEU A N   1 
ATOM   312 C CA  . LEU A 1 41  ? -0.953  -5.674  -3.455  1.00 16.34 ? 44   LEU A CA  1 
ATOM   313 C C   . LEU A 1 41  ? -1.573  -6.339  -4.674  1.00 18.02 ? 44   LEU A C   1 
ATOM   314 O O   . LEU A 1 41  ? -0.936  -7.178  -5.301  1.00 19.81 ? 44   LEU A O   1 
ATOM   315 C CB  . LEU A 1 41  ? -1.488  -6.341  -2.180  1.00 16.71 ? 44   LEU A CB  1 
ATOM   316 C CG  . LEU A 1 41  ? -0.624  -6.272  -0.910  1.00 16.98 ? 44   LEU A CG  1 
ATOM   317 C CD1 . LEU A 1 41  ? -1.295  -6.970  0.248   1.00 16.69 ? 44   LEU A CD1 1 
ATOM   318 C CD2 . LEU A 1 41  ? 0.714   -6.914  -1.164  1.00 18.56 ? 44   LEU A CD2 1 
ATOM   319 N N   . ASN A 1 42  ? -2.806  -5.947  -5.007  1.00 18.45 ? 45   ASN A N   1 
ATOM   320 C CA  . ASN A 1 42  ? -3.533  -6.470  -6.181  1.00 20.85 ? 45   ASN A CA  1 
ATOM   321 C C   . ASN A 1 42  ? -3.050  -5.941  -7.528  1.00 20.89 ? 45   ASN A C   1 
ATOM   322 O O   . ASN A 1 42  ? -3.436  -6.454  -8.572  1.00 23.10 ? 45   ASN A O   1 
ATOM   323 C CB  . ASN A 1 42  ? -5.049  -6.248  -6.031  1.00 21.86 ? 45   ASN A CB  1 
ATOM   324 C CG  . ASN A 1 42  ? -5.655  -7.104  -4.927  1.00 24.23 ? 45   ASN A CG  1 
ATOM   325 O OD1 . ASN A 1 42  ? -5.337  -8.300  -4.796  1.00 26.35 ? 45   ASN A OD1 1 
ATOM   326 N ND2 . ASN A 1 42  ? -6.527  -6.502  -4.122  1.00 24.56 ? 45   ASN A ND2 1 
ATOM   327 N N   . ASN A 1 43  ? -2.218  -4.906  -7.494  1.00 19.11 ? 46   ASN A N   1 
ATOM   328 C CA  . ASN A 1 43  ? -1.535  -4.414  -8.692  1.00 19.57 ? 46   ASN A CA  1 
ATOM   329 C C   . ASN A 1 43  ? -0.015  -4.547  -8.585  1.00 18.84 ? 46   ASN A C   1 
ATOM   330 O O   . ASN A 1 43  ? 0.731   -3.785  -9.190  1.00 18.68 ? 46   ASN A O   1 
ATOM   331 C CB  . ASN A 1 43  ? -1.972  -2.985  -9.017  1.00 18.92 ? 46   ASN A CB  1 
ATOM   332 C CG  . ASN A 1 43  ? -3.464  -2.885  -9.274  1.00 20.62 ? 46   ASN A CG  1 
ATOM   333 O OD1 . ASN A 1 43  ? -3.915  -2.962  -10.411 1.00 23.31 ? 46   ASN A OD1 1 
ATOM   334 N ND2 . ASN A 1 43  ? -4.234  -2.729  -8.217  1.00 19.43 ? 46   ASN A ND2 1 
ATOM   335 N N   . ALA A 1 44  ? 0.425   -5.535  -7.814  1.00 18.97 ? 47   ALA A N   1 
ATOM   336 C CA  . ALA A 1 44  ? 1.836   -5.826  -7.628  1.00 19.71 ? 47   ALA A CA  1 
ATOM   337 C C   . ALA A 1 44  ? 2.668   -5.623  -8.896  1.00 21.23 ? 47   ALA A C   1 
ATOM   338 O O   . ALA A 1 44  ? 2.371   -6.198  -9.942  1.00 23.13 ? 47   ALA A O   1 
ATOM   339 C CB  . ALA A 1 44  ? 1.996   -7.247  -7.136  1.00 21.67 ? 47   ALA A CB  1 
ATOM   340 N N   . GLY A 1 45  ? 3.701   -4.794  -8.806  1.00 21.09 ? 48   GLY A N   1 
ATOM   341 C CA  . GLY A 1 45  ? 4.656   -4.653  -9.902  1.00 23.19 ? 48   GLY A CA  1 
ATOM   342 C C   . GLY A 1 45  ? 4.273   -3.701  -11.016 1.00 23.11 ? 48   GLY A C   1 
ATOM   343 O O   . GLY A 1 45  ? 5.116   -3.357  -11.828 1.00 24.37 ? 48   GLY A O   1 
ATOM   344 N N   . LYS A 1 46  ? 3.002   -3.296  -11.052 1.00 22.40 ? 49   LYS A N   1 
ATOM   345 C CA  . LYS A 1 46  ? 2.481   -2.341  -12.029 1.00 22.93 ? 49   LYS A CA  1 
ATOM   346 C C   . LYS A 1 46  ? 2.641   -0.946  -11.471 1.00 21.41 ? 49   LYS A C   1 
ATOM   347 O O   . LYS A 1 46  ? 2.436   -0.733  -10.279 1.00 19.77 ? 49   LYS A O   1 
ATOM   348 C CB  . LYS A 1 46  ? 0.992   -2.592  -12.295 1.00 23.52 ? 49   LYS A CB  1 
ATOM   349 C CG  . LYS A 1 46  ? 0.688   -3.710  -13.304 1.00 26.98 ? 49   LYS A CG  1 
ATOM   350 C CD  . LYS A 1 46  ? -0.717  -4.337  -13.144 1.00 28.48 ? 49   LYS A CD  1 
ATOM   351 C CE  . LYS A 1 46  ? -1.851  -3.283  -13.040 1.00 31.41 ? 49   LYS A CE  1 
ATOM   352 N NZ  . LYS A 1 46  ? -3.242  -3.853  -13.216 1.00 33.06 ? 49   LYS A NZ  1 
ATOM   353 N N   . VAL A 1 47  ? 3.015   0.005   -12.321 1.00 22.41 ? 50   VAL A N   1 
ATOM   354 C CA  . VAL A 1 47  ? 3.102   1.389   -11.873 1.00 22.32 ? 50   VAL A CA  1 
ATOM   355 C C   . VAL A 1 47  ? 1.761   2.135   -12.022 1.00 22.34 ? 50   VAL A C   1 
ATOM   356 O O   . VAL A 1 47  ? 1.228   2.227   -13.110 1.00 24.46 ? 50   VAL A O   1 
ATOM   357 C CB  . VAL A 1 47  ? 4.399   2.151   -12.371 1.00 23.57 ? 50   VAL A CB  1 
ATOM   358 C CG1 . VAL A 1 47  ? 5.203   1.330   -13.370 1.00 27.13 ? 50   VAL A CG1 1 
ATOM   359 C CG2 . VAL A 1 47  ? 4.100   3.537   -12.882 1.00 24.60 ? 50   VAL A CG2 1 
ATOM   360 N N   . LEU A 1 48  ? 1.221   2.609   -10.896 1.00 22.82 ? 51   LEU A N   1 
ATOM   361 C CA  . LEU A 1 48  ? -0.116  3.228   -10.813 1.00 21.54 ? 51   LEU A CA  1 
ATOM   362 C C   . LEU A 1 48  ? -0.027  4.747   -10.605 1.00 21.06 ? 51   LEU A C   1 
ATOM   363 O O   . LEU A 1 48  ? 0.818   5.240   -9.875  1.00 20.87 ? 51   LEU A O   1 
ATOM   364 C CB  . LEU A 1 48  ? -0.944  2.599   -9.665  1.00 19.92 ? 51   LEU A CB  1 
ATOM   365 C CG  . LEU A 1 48  ? -1.221  1.082   -9.579  1.00 20.49 ? 51   LEU A CG  1 
ATOM   366 C CD1 . LEU A 1 48  ? -1.842  0.734   -8.248  1.00 20.15 ? 51   LEU A CD1 1 
ATOM   367 C CD2 . LEU A 1 48  ? -2.101  0.550   -10.712 1.00 20.45 ? 51   LEU A CD2 1 
ATOM   368 N N   . THR A 1 49  ? -0.913  5.480   -11.256 1.00 22.00 ? 52   THR A N   1 
ATOM   369 C CA  . THR A 1 49  ? -0.906  6.935   -11.188 1.00 22.57 ? 52   THR A CA  1 
ATOM   370 C C   . THR A 1 49  ? -1.621  7.364   -9.921  1.00 21.09 ? 52   THR A C   1 
ATOM   371 O O   . THR A 1 49  ? -2.400  6.594   -9.342  1.00 19.65 ? 52   THR A O   1 
ATOM   372 C CB  . THR A 1 49  ? -1.580  7.591   -12.440 1.00 26.11 ? 52   THR A CB  1 
ATOM   373 O OG1 . THR A 1 49  ? -2.981  7.303   -12.456 1.00 26.21 ? 52   THR A OG1 1 
ATOM   374 C CG2 . THR A 1 49  ? -0.951  7.092   -13.747 1.00 27.47 ? 52   THR A CG2 1 
ATOM   375 N N   . GLN A 1 50  ? -1.357  8.594   -9.492  1.00 21.85 ? 53   GLN A N   1 
ATOM   376 C CA  . GLN A 1 50  ? -2.020  9.142   -8.319  1.00 20.98 ? 53   GLN A CA  1 
ATOM   377 C C   . GLN A 1 50  ? -3.523  9.138   -8.499  1.00 22.50 ? 53   GLN A C   1 
ATOM   378 O O   . GLN A 1 50  ? -4.237  8.791   -7.569  1.00 21.88 ? 53   GLN A O   1 
ATOM   379 C CB  . GLN A 1 50  ? -1.500  10.540  -8.013  1.00 22.63 ? 53   GLN A CB  1 
ATOM   380 C CG  . GLN A 1 50  ? -0.039  10.508  -7.617  1.00 23.00 ? 53   GLN A CG  1 
ATOM   381 C CD  . GLN A 1 50  ? 0.671   11.853  -7.731  1.00 27.22 ? 53   GLN A CD  1 
ATOM   382 O OE1 . GLN A 1 50  ? 1.910   11.900  -7.774  1.00 28.77 ? 53   GLN A OE1 1 
ATOM   383 N NE2 . GLN A 1 50  ? -0.098  12.947  -7.779  1.00 28.50 ? 53   GLN A NE2 1 
ATOM   384 N N   . ARG A 1 51  ? -4.013  9.493   -9.692  1.00 25.59 ? 54   ARG A N   1 
ATOM   385 C CA  . ARG A 1 51  ? -5.447  9.431   -9.932  1.00 28.18 ? 54   ARG A CA  1 
ATOM   386 C C   . ARG A 1 51  ? -5.981  7.991   -9.835  1.00 26.25 ? 54   ARG A C   1 
ATOM   387 O O   . ARG A 1 51  ? -6.977  7.759   -9.149  1.00 27.07 ? 54   ARG A O   1 
ATOM   388 C CB  . ARG A 1 51  ? -5.875  10.172  -11.217 1.00 33.60 ? 54   ARG A CB  1 
ATOM   389 C CG  . ARG A 1 51  ? -6.291  9.300   -12.401 1.00 35.07 ? 54   ARG A CG  1 
ATOM   390 C CD  . ARG A 1 51  ? -6.436  10.120  -13.686 1.00 41.26 ? 54   ARG A CD  1 
ATOM   391 N NE  . ARG A 1 51  ? -5.145  10.578  -14.208 1.00 40.64 ? 54   ARG A NE  1 
ATOM   392 C CZ  . ARG A 1 51  ? -4.149  9.771   -14.560 1.00 36.92 ? 54   ARG A CZ  1 
ATOM   393 N NH1 . ARG A 1 51  ? -4.279  8.461   -14.433 1.00 32.24 ? 54   ARG A NH1 1 
ATOM   394 N NH2 . ARG A 1 51  ? -3.020  10.276  -15.018 1.00 38.38 ? 54   ARG A NH2 1 
ATOM   395 N N   . GLN A 1 52  ? -5.310  7.030   -10.481 1.00 24.71 ? 55   GLN A N   1 
ATOM   396 C CA  . GLN A 1 52  ? -5.691  5.612   -10.384 1.00 23.29 ? 55   GLN A CA  1 
ATOM   397 C C   . GLN A 1 52  ? -5.883  5.159   -8.950  1.00 20.83 ? 55   GLN A C   1 
ATOM   398 O O   . GLN A 1 52  ? -6.823  4.433   -8.644  1.00 21.07 ? 55   GLN A O   1 
ATOM   399 C CB  . GLN A 1 52  ? -4.641  4.714   -11.023 1.00 22.27 ? 55   GLN A CB  1 
ATOM   400 C CG  . GLN A 1 52  ? -4.976  4.277   -12.417 1.00 26.02 ? 55   GLN A CG  1 
ATOM   401 C CD  . GLN A 1 52  ? -3.859  3.460   -13.029 1.00 27.17 ? 55   GLN A CD  1 
ATOM   402 O OE1 . GLN A 1 52  ? -2.709  3.918   -13.117 1.00 26.02 ? 55   GLN A OE1 1 
ATOM   403 N NE2 . GLN A 1 52  ? -4.186  2.236   -13.462 1.00 26.98 ? 55   GLN A NE2 1 
ATOM   404 N N   . LEU A 1 53  ? -4.980  5.608   -8.085  1.00 18.75 ? 56   LEU A N   1 
ATOM   405 C CA  . LEU A 1 53  ? -4.950  5.183   -6.688  1.00 17.25 ? 56   LEU A CA  1 
ATOM   406 C C   . LEU A 1 53  ? -6.040  5.859   -5.853  1.00 18.17 ? 56   LEU A C   1 
ATOM   407 O O   . LEU A 1 53  ? -6.631  5.246   -4.988  1.00 18.42 ? 56   LEU A O   1 
ATOM   408 C CB  . LEU A 1 53  ? -3.527  5.375   -6.085  1.00 15.51 ? 56   LEU A CB  1 
ATOM   409 C CG  . LEU A 1 53  ? -2.497  4.253   -6.347  1.00 14.97 ? 56   LEU A CG  1 
ATOM   410 C CD1 . LEU A 1 53  ? -1.050  4.734   -6.264  1.00 15.46 ? 56   LEU A CD1 1 
ATOM   411 C CD2 . LEU A 1 53  ? -2.698  3.034   -5.424  1.00 14.73 ? 56   LEU A CD2 1 
ATOM   412 N N   . LEU A 1 54  ? -6.304  7.117   -6.153  1.00 19.81 ? 57   LEU A N   1 
ATOM   413 C CA  . LEU A 1 54  ? -7.336  7.906   -5.481  1.00 22.37 ? 57   LEU A CA  1 
ATOM   414 C C   . LEU A 1 54  ? -8.733  7.436   -5.866  1.00 25.44 ? 57   LEU A C   1 
ATOM   415 O O   . LEU A 1 54  ? -9.658  7.464   -5.048  1.00 27.14 ? 57   LEU A O   1 
ATOM   416 C CB  . LEU A 1 54  ? -7.163  9.381   -5.860  1.00 24.73 ? 57   LEU A CB  1 
ATOM   417 C CG  . LEU A 1 54  ? -6.293  10.377  -5.072  1.00 23.96 ? 57   LEU A CG  1 
ATOM   418 C CD1 . LEU A 1 54  ? -5.472  9.797   -3.965  1.00 19.62 ? 57   LEU A CD1 1 
ATOM   419 C CD2 . LEU A 1 54  ? -5.431  11.198  -6.020  1.00 25.19 ? 57   LEU A CD2 1 
ATOM   420 N N   . ASN A 1 55  ? -8.862  7.039   -7.130  1.00 26.55 ? 58   ASN A N   1 
ATOM   421 C CA  . ASN A 1 55  ? -10.022 6.335   -7.671  1.00 30.15 ? 58   ASN A CA  1 
ATOM   422 C C   . ASN A 1 55  ? -10.381 5.029   -6.955  1.00 29.23 ? 58   ASN A C   1 
ATOM   423 O O   . ASN A 1 55  ? -11.537 4.773   -6.628  1.00 32.31 ? 58   ASN A O   1 
ATOM   424 C CB  . ASN A 1 55  ? -9.741  5.983   -9.130  1.00 30.97 ? 58   ASN A CB  1 
ATOM   425 C CG  . ASN A 1 55  ? -10.392 6.925   -10.102 1.00 36.93 ? 58   ASN A CG  1 
ATOM   426 O OD1 . ASN A 1 55  ? -11.292 7.693   -9.737  1.00 41.37 ? 58   ASN A OD1 1 
ATOM   427 N ND2 . ASN A 1 55  ? -9.955  6.860   -11.366 1.00 37.71 ? 58   ASN A ND2 1 
ATOM   428 N N   . GLN A 1 56  ? -9.367  4.198   -6.745  1.00 25.88 ? 59   GLN A N   1 
ATOM   429 C CA  . GLN A 1 56  ? -9.552  2.844   -6.245  1.00 26.40 ? 59   GLN A CA  1 
ATOM   430 C C   . GLN A 1 56  ? -9.663  2.780   -4.728  1.00 26.35 ? 59   GLN A C   1 
ATOM   431 O O   . GLN A 1 56  ? -10.209 1.825   -4.178  1.00 27.99 ? 59   GLN A O   1 
ATOM   432 C CB  . GLN A 1 56  ? -8.410  1.952   -6.716  1.00 23.95 ? 59   GLN A CB  1 
ATOM   433 C CG  . GLN A 1 56  ? -8.313  1.797   -8.237  1.00 25.87 ? 59   GLN A CG  1 
ATOM   434 C CD  . GLN A 1 56  ? -7.890  0.396   -8.644  1.00 27.86 ? 59   GLN A CD  1 
ATOM   435 O OE1 . GLN A 1 56  ? -8.411  -0.597  -8.128  1.00 29.54 ? 59   GLN A OE1 1 
ATOM   436 N NE2 . GLN A 1 56  ? -6.951  0.308   -9.569  1.00 26.77 ? 59   GLN A NE2 1 
ATOM   437 N N   . VAL A 1 57  ? -9.130  3.794   -4.059  1.00 24.98 ? 60   VAL A N   1 
ATOM   438 C CA  . VAL A 1 57  ? -9.188  3.847   -2.617  1.00 25.60 ? 60   VAL A CA  1 
ATOM   439 C C   . VAL A 1 57  ? -10.404 4.647   -2.180  1.00 29.72 ? 60   VAL A C   1 
ATOM   440 O O   . VAL A 1 57  ? -11.104 4.236   -1.248  1.00 32.43 ? 60   VAL A O   1 
ATOM   441 C CB  . VAL A 1 57  ? -7.892  4.407   -2.023  1.00 22.57 ? 60   VAL A CB  1 
ATOM   442 C CG1 . VAL A 1 57  ? -8.050  4.695   -0.518  1.00 23.85 ? 60   VAL A CG1 1 
ATOM   443 C CG2 . VAL A 1 57  ? -6.740  3.437   -2.273  1.00 19.72 ? 60   VAL A CG2 1 
ATOM   444 N N   . TRP A 1 58  ? -10.676 5.761   -2.872  1.00 31.80 ? 61   TRP A N   1 
ATOM   445 C CA  . TRP A 1 58  ? -11.799 6.663   -2.511  1.00 37.02 ? 61   TRP A CA  1 
ATOM   446 C C   . TRP A 1 58  ? -12.871 6.877   -3.606  1.00 42.17 ? 61   TRP A C   1 
ATOM   447 O O   . TRP A 1 58  ? -13.988 6.415   -3.431  1.00 46.43 ? 61   TRP A O   1 
ATOM   448 C CB  . TRP A 1 58  ? -11.296 8.008   -1.967  1.00 36.29 ? 61   TRP A CB  1 
ATOM   449 C CG  . TRP A 1 58  ? -10.455 7.936   -0.712  1.00 33.21 ? 61   TRP A CG  1 
ATOM   450 C CD1 . TRP A 1 58  ? -10.899 7.818   0.571   1.00 34.98 ? 61   TRP A CD1 1 
ATOM   451 C CD2 . TRP A 1 58  ? -9.026  8.011   -0.631  1.00 30.31 ? 61   TRP A CD2 1 
ATOM   452 N NE1 . TRP A 1 58  ? -9.836  7.789   1.443   1.00 31.02 ? 61   TRP A NE1 1 
ATOM   453 C CE2 . TRP A 1 58  ? -8.677  7.913   0.731   1.00 29.13 ? 61   TRP A CE2 1 
ATOM   454 C CE3 . TRP A 1 58  ? -8.000  8.110   -1.585  1.00 28.41 ? 61   TRP A CE3 1 
ATOM   455 C CZ2 . TRP A 1 58  ? -7.340  7.934   1.168   1.00 29.97 ? 61   TRP A CZ2 1 
ATOM   456 C CZ3 . TRP A 1 58  ? -6.667  8.119   -1.150  1.00 25.83 ? 61   TRP A CZ3 1 
ATOM   457 C CH2 . TRP A 1 58  ? -6.348  8.039   0.211   1.00 25.71 ? 61   TRP A CH2 1 
ATOM   458 N N   . GLY A 1 59  ? -12.558 7.597   -4.691  1.00 43.40 ? 62   GLY A N   1 
ATOM   459 C CA  . GLY A 1 59  ? -13.486 7.715   -5.843  1.00 49.76 ? 62   GLY A CA  1 
ATOM   460 C C   . GLY A 1 59  ? -13.918 9.105   -6.331  1.00 56.17 ? 62   GLY A C   1 
ATOM   461 O O   . GLY A 1 59  ? -13.889 9.376   -7.547  1.00 58.74 ? 62   GLY A O   1 
ATOM   462 N N   . PRO A 1 60  ? -14.438 9.965   -5.413  1.00 59.86 ? 63   PRO A N   1 
ATOM   463 C CA  . PRO A 1 60  ? -14.518 11.410  -5.650  1.00 64.36 ? 63   PRO A CA  1 
ATOM   464 C C   . PRO A 1 60  ? -13.403 12.187  -4.936  1.00 60.32 ? 63   PRO A C   1 
ATOM   465 O O   . PRO A 1 60  ? -13.301 13.407  -5.109  1.00 63.62 ? 63   PRO A O   1 
ATOM   466 C CB  . PRO A 1 60  ? -15.881 11.778  -5.053  1.00 71.87 ? 63   PRO A CB  1 
ATOM   467 C CG  . PRO A 1 60  ? -16.143 10.699  -3.986  1.00 69.10 ? 63   PRO A CG  1 
ATOM   468 C CD  . PRO A 1 60  ? -15.089 9.617   -4.133  1.00 60.84 ? 63   PRO A CD  1 
ATOM   469 N N   . ASN A 1 61  ? -12.592 11.481  -4.134  1.00 54.05 ? 64   ASN A N   1 
ATOM   470 C CA  . ASN A 1 61  ? -11.363 12.036  -3.546  1.00 50.06 ? 64   ASN A CA  1 
ATOM   471 C C   . ASN A 1 61  ? -10.227 12.153  -4.597  1.00 47.45 ? 64   ASN A C   1 
ATOM   472 O O   . ASN A 1 61  ? -9.030  12.078  -4.274  1.00 42.92 ? 64   ASN A O   1 
ATOM   473 C CB  . ASN A 1 61  ? -10.900 11.231  -2.298  1.00 45.69 ? 64   ASN A CB  1 
ATOM   474 C CG  . ASN A 1 61  ? -11.542 11.718  -0.962  1.00 48.23 ? 64   ASN A CG  1 
ATOM   475 O OD1 . ASN A 1 61  ? -10.841 12.210  -0.063  1.00 45.59 ? 64   ASN A OD1 1 
ATOM   476 N ND2 . ASN A 1 61  ? -12.857 11.544  -0.829  1.00 51.61 ? 64   ASN A ND2 1 
ATOM   477 N N   . ALA A 1 62  ? -10.621 12.340  -5.853  1.00 51.16 ? 65   ALA A N   1 
ATOM   478 C CA  . ALA A 1 62  ? -9.698  12.624  -6.937  1.00 50.77 ? 65   ALA A CA  1 
ATOM   479 C C   . ALA A 1 62  ? -10.067 13.971  -7.558  1.00 57.97 ? 65   ALA A C   1 
ATOM   480 O O   . ALA A 1 62  ? -11.257 14.287  -7.713  1.00 64.11 ? 65   ALA A O   1 
ATOM   481 C CB  . ALA A 1 62  ? -9.750  11.523  -7.985  1.00 49.92 ? 65   ALA A CB  1 
ATOM   482 N N   . VAL A 1 63  ? -9.063  14.776  -7.907  1.00 58.21 ? 66   VAL A N   1 
ATOM   483 C CA  . VAL A 1 63  ? -7.642  14.472  -7.688  1.00 51.74 ? 66   VAL A CA  1 
ATOM   484 C C   . VAL A 1 63  ? -7.108  15.469  -6.647  1.00 51.42 ? 66   VAL A C   1 
ATOM   485 O O   . VAL A 1 63  ? -5.940  15.395  -6.218  1.00 47.09 ? 66   VAL A O   1 
ATOM   486 C CB  . VAL A 1 63  ? -6.806  14.639  -8.991  1.00 53.32 ? 66   VAL A CB  1 
ATOM   487 C CG1 . VAL A 1 63  ? -5.872  13.459  -9.190  1.00 47.36 ? 66   VAL A CG1 1 
ATOM   488 C CG2 . VAL A 1 63  ? -7.706  14.901  -10.238 1.00 60.21 ? 66   VAL A CG2 1 
ATOM   489 N N   . GLU A 1 64  ? -7.987  16.403  -6.265  1.00 56.16 ? 67   GLU A N   1 
ATOM   490 C CA  . GLU A 1 64  ? -7.664  17.524  -5.383  1.00 57.20 ? 67   GLU A CA  1 
ATOM   491 C C   . GLU A 1 64  ? -7.349  17.074  -3.941  1.00 51.37 ? 67   GLU A C   1 
ATOM   492 O O   . GLU A 1 64  ? -7.506  17.862  -2.986  1.00 53.63 ? 67   GLU A O   1 
ATOM   493 C CB  . GLU A 1 64  ? -8.816  18.540  -5.416  1.00 65.47 ? 67   GLU A CB  1 
ATOM   494 C CG  . GLU A 1 64  ? -8.466  19.964  -4.957  1.00 70.18 ? 67   GLU A CG  1 
ATOM   495 C CD  . GLU A 1 64  ? -7.546  20.704  -5.920  1.00 73.15 ? 67   GLU A CD  1 
ATOM   496 O OE1 . GLU A 1 64  ? -6.565  20.090  -6.420  1.00 68.27 ? 67   GLU A OE1 1 
ATOM   497 O OE2 . GLU A 1 64  ? -7.808  21.904  -6.169  1.00 79.34 ? 67   GLU A OE2 1 
ATOM   498 N N   . HIS A 1 65  ? -6.885  15.823  -3.813  1.00 43.94 ? 68   HIS A N   1 
ATOM   499 C CA  . HIS A 1 65  ? -6.601  15.155  -2.530  1.00 38.63 ? 68   HIS A CA  1 
ATOM   500 C C   . HIS A 1 65  ? -5.440  14.149  -2.664  1.00 32.76 ? 68   HIS A C   1 
ATOM   501 O O   . HIS A 1 65  ? -5.410  13.075  -2.052  1.00 29.14 ? 68   HIS A O   1 
ATOM   502 C CB  . HIS A 1 65  ? -7.866  14.484  -2.013  1.00 39.51 ? 68   HIS A CB  1 
ATOM   503 C CG  . HIS A 1 65  ? -9.087  15.309  -2.239  1.00 44.93 ? 68   HIS A CG  1 
ATOM   504 N ND1 . HIS A 1 65  ? -9.310  16.490  -1.568  1.00 49.39 ? 68   HIS A ND1 1 
ATOM   505 C CD2 . HIS A 1 65  ? -10.109 15.169  -3.112  1.00 48.18 ? 68   HIS A CD2 1 
ATOM   506 C CE1 . HIS A 1 65  ? -10.433 17.032  -1.997  1.00 55.29 ? 68   HIS A CE1 1 
ATOM   507 N NE2 . HIS A 1 65  ? -10.940 16.247  -2.931  1.00 56.92 ? 68   HIS A NE2 1 
ATOM   508 N N   . SER A 1 66  ? -4.479  14.566  -3.473  1.00 32.19 ? 69   SER A N   1 
ATOM   509 C CA  . SER A 1 66  ? -3.285  13.842  -3.804  1.00 28.20 ? 69   SER A CA  1 
ATOM   510 C C   . SER A 1 66  ? -2.394  13.677  -2.567  1.00 25.33 ? 69   SER A C   1 
ATOM   511 O O   . SER A 1 66  ? -1.524  12.796  -2.517  1.00 22.62 ? 69   SER A O   1 
ATOM   512 C CB  . SER A 1 66  ? -2.563  14.678  -4.858  1.00 31.15 ? 69   SER A CB  1 
ATOM   513 O OG  . SER A 1 66  ? -1.583  13.937  -5.545  1.00 31.33 ? 69   SER A OG  1 
ATOM   514 N N   . HIS A 1 67  ? -2.615  14.548  -1.585  1.00 26.29 ? 70   HIS A N   1 
ATOM   515 C CA  . HIS A 1 67  ? -1.786  14.624  -0.399  1.00 24.89 ? 70   HIS A CA  1 
ATOM   516 C C   . HIS A 1 67  ? -2.088  13.510  0.572   1.00 22.55 ? 70   HIS A C   1 
ATOM   517 O O   . HIS A 1 67  ? -1.185  13.002  1.254   1.00 21.23 ? 70   HIS A O   1 
ATOM   518 C CB  . HIS A 1 67  ? -1.936  15.978  0.290   1.00 27.99 ? 70   HIS A CB  1 
ATOM   519 C CG  . HIS A 1 67  ? -3.344  16.466  0.398   1.00 30.26 ? 70   HIS A CG  1 
ATOM   520 N ND1 . HIS A 1 67  ? -4.046  16.963  -0.678  1.00 33.62 ? 70   HIS A ND1 1 
ATOM   521 C CD2 . HIS A 1 67  ? -4.163  16.588  1.467   1.00 31.05 ? 70   HIS A CD2 1 
ATOM   522 C CE1 . HIS A 1 67  ? -5.242  17.353  -0.280  1.00 36.57 ? 70   HIS A CE1 1 
ATOM   523 N NE2 . HIS A 1 67  ? -5.339  17.136  1.017   1.00 35.48 ? 70   HIS A NE2 1 
ATOM   524 N N   . TYR A 1 68  ? -3.367  13.137  0.618   1.00 22.88 ? 71   TYR A N   1 
ATOM   525 C CA  . TYR A 1 68  ? -3.839  12.044  1.451   1.00 21.57 ? 71   TYR A CA  1 
ATOM   526 C C   . TYR A 1 68  ? -3.122  10.767  1.031   1.00 19.31 ? 71   TYR A C   1 
ATOM   527 O O   . TYR A 1 68  ? -2.715  9.962   1.880   1.00 18.96 ? 71   TYR A O   1 
ATOM   528 C CB  . TYR A 1 68  ? -5.369  11.918  1.391   1.00 23.18 ? 71   TYR A CB  1 
ATOM   529 C CG  . TYR A 1 68  ? -6.099  12.997  2.196   1.00 26.86 ? 71   TYR A CG  1 
ATOM   530 C CD1 . TYR A 1 68  ? -5.672  13.357  3.472   1.00 27.43 ? 71   TYR A CD1 1 
ATOM   531 C CD2 . TYR A 1 68  ? -7.214  13.649  1.681   1.00 30.33 ? 71   TYR A CD2 1 
ATOM   532 C CE1 . TYR A 1 68  ? -6.335  14.342  4.205   1.00 30.71 ? 71   TYR A CE1 1 
ATOM   533 C CE2 . TYR A 1 68  ? -7.879  14.635  2.403   1.00 34.20 ? 71   TYR A CE2 1 
ATOM   534 C CZ  . TYR A 1 68  ? -7.438  14.978  3.669   1.00 34.12 ? 71   TYR A CZ  1 
ATOM   535 O OH  . TYR A 1 68  ? -8.097  15.956  4.395   1.00 37.04 ? 71   TYR A OH  1 
ATOM   536 N N   . LEU A 1 69  ? -2.931  10.618  -0.276  1.00 18.51 ? 72   LEU A N   1 
ATOM   537 C CA  . LEU A 1 69  ? -2.216  9.489   -0.839  1.00 17.25 ? 72   LEU A CA  1 
ATOM   538 C C   . LEU A 1 69  ? -0.755  9.438   -0.411  1.00 17.03 ? 72   LEU A C   1 
ATOM   539 O O   . LEU A 1 69  ? -0.241  8.364   -0.172  1.00 16.96 ? 72   LEU A O   1 
ATOM   540 C CB  . LEU A 1 69  ? -2.299  9.506   -2.368  1.00 17.45 ? 72   LEU A CB  1 
ATOM   541 C CG  . LEU A 1 69  ? -1.887  8.174   -3.006  1.00 17.47 ? 72   LEU A CG  1 
ATOM   542 C CD1 . LEU A 1 69  ? -2.824  7.026   -2.551  1.00 16.43 ? 72   LEU A CD1 1 
ATOM   543 C CD2 . LEU A 1 69  ? -1.786  8.290   -4.534  1.00 16.80 ? 72   LEU A CD2 1 
ATOM   544 N N   . ARG A 1 70  ? -0.107  10.600  -0.314  1.00 17.94 ? 73   ARG A N   1 
ATOM   545 C CA  . ARG A 1 70  ? 1.287   10.728  0.139   1.00 18.77 ? 73   ARG A CA  1 
ATOM   546 C C   . ARG A 1 70  ? 1.431   10.440  1.622   1.00 19.55 ? 73   ARG A C   1 
ATOM   547 O O   . ARG A 1 70  ? 2.446   9.867   2.058   1.00 20.75 ? 73   ARG A O   1 
ATOM   548 C CB  . ARG A 1 70  ? 1.808   12.151  -0.101  1.00 20.53 ? 73   ARG A CB  1 
ATOM   549 C CG  . ARG A 1 70  ? 1.851   12.566  -1.555  1.00 21.41 ? 73   ARG A CG  1 
ATOM   550 C CD  . ARG A 1 70  ? 2.603   13.851  -1.722  1.00 24.73 ? 73   ARG A CD  1 
ATOM   551 N NE  . ARG A 1 70  ? 3.908   13.773  -1.071  1.00 26.30 ? 73   ARG A NE  1 
ATOM   552 C CZ  . ARG A 1 70  ? 5.046   13.531  -1.707  1.00 27.48 ? 73   ARG A CZ  1 
ATOM   553 N NH1 . ARG A 1 70  ? 5.044   13.359  -3.018  1.00 27.30 ? 73   ARG A NH1 1 
ATOM   554 N NH2 . ARG A 1 70  ? 6.188   13.477  -1.032  1.00 29.68 ? 73   ARG A NH2 1 
ATOM   555 N N   . ILE A 1 71  ? 0.423   10.888  2.383   1.00 19.55 ? 74   ILE A N   1 
ATOM   556 C CA  . ILE A 1 71  ? 0.366   10.724  3.833   1.00 20.66 ? 74   ILE A CA  1 
ATOM   557 C C   . ILE A 1 71  ? 0.152   9.261   4.183   1.00 20.60 ? 74   ILE A C   1 
ATOM   558 O O   . ILE A 1 71  ? 0.736   8.795   5.148   1.00 23.28 ? 74   ILE A O   1 
ATOM   559 C CB  . ILE A 1 71  ? -0.731  11.637  4.514   1.00 21.86 ? 74   ILE A CB  1 
ATOM   560 C CG1 . ILE A 1 71  ? -0.391  13.117  4.370   1.00 23.26 ? 74   ILE A CG1 1 
ATOM   561 C CG2 . ILE A 1 71  ? -0.878  11.350  6.002   1.00 23.00 ? 74   ILE A CG2 1 
ATOM   562 C CD1 . ILE A 1 71  ? -1.476  14.026  4.892   1.00 26.28 ? 74   ILE A CD1 1 
ATOM   563 N N   . TYR A 1 72  ? -0.655  8.544   3.402   1.00 18.66 ? 75   TYR A N   1 
ATOM   564 C CA  . TYR A 1 72  ? -0.956  7.133   3.681   1.00 19.61 ? 75   TYR A CA  1 
ATOM   565 C C   . TYR A 1 72  ? 0.075   6.171   3.116   1.00 20.01 ? 75   TYR A C   1 
ATOM   566 O O   . TYR A 1 72  ? 0.216   5.058   3.590   1.00 22.64 ? 75   TYR A O   1 
ATOM   567 C CB  . TYR A 1 72  ? -2.360  6.744   3.201   1.00 18.70 ? 75   TYR A CB  1 
ATOM   568 C CG  . TYR A 1 72  ? -3.427  7.138   4.163   1.00 20.24 ? 75   TYR A CG  1 
ATOM   569 C CD1 . TYR A 1 72  ? -3.550  6.509   5.375   1.00 23.06 ? 75   TYR A CD1 1 
ATOM   570 C CD2 . TYR A 1 72  ? -4.303  8.169   3.871   1.00 21.56 ? 75   TYR A CD2 1 
ATOM   571 C CE1 . TYR A 1 72  ? -4.519  6.877   6.280   1.00 25.60 ? 75   TYR A CE1 1 
ATOM   572 C CE2 . TYR A 1 72  ? -5.280  8.542   4.760   1.00 24.00 ? 75   TYR A CE2 1 
ATOM   573 C CZ  . TYR A 1 72  ? -5.381  7.891   5.971   1.00 25.95 ? 75   TYR A CZ  1 
ATOM   574 O OH  . TYR A 1 72  ? -6.354  8.261   6.872   1.00 29.84 ? 75   TYR A OH  1 
ATOM   575 N N   . MET A 1 73  ? 0.781   6.592   2.084   1.00 17.04 ? 76   MET A N   1 
ATOM   576 C CA  . MET A 1 73  ? 1.955   5.865   1.638   1.00 15.59 ? 76   MET A CA  1 
ATOM   577 C C   . MET A 1 73  ? 3.035   5.928   2.722   1.00 15.87 ? 76   MET A C   1 
ATOM   578 O O   . MET A 1 73  ? 3.638   4.906   3.079   1.00 15.49 ? 76   MET A O   1 
ATOM   579 C CB  . MET A 1 73  ? 2.461   6.408   0.306   1.00 15.13 ? 76   MET A CB  1 
ATOM   580 C CG  . MET A 1 73  ? 3.058   5.325   -0.621  1.00 15.85 ? 76   MET A CG  1 
ATOM   581 S SD  . MET A 1 73  ? 1.887   4.083   -1.249  1.00 15.33 ? 76   MET A SD  1 
ATOM   582 C CE  . MET A 1 73  ? 0.557   5.135   -1.779  1.00 16.14 ? 76   MET A CE  1 
ATOM   583 N N   . GLY A 1 74  ? 3.238   7.121   3.271   1.00 17.20 ? 77   GLY A N   1 
ATOM   584 C CA  . GLY A 1 74  ? 4.115   7.295   4.420   1.00 18.40 ? 77   GLY A CA  1 
ATOM   585 C C   . GLY A 1 74  ? 3.752   6.355   5.549   1.00 19.04 ? 77   GLY A C   1 
ATOM   586 O O   . GLY A 1 74  ? 4.617   5.649   6.054   1.00 19.26 ? 77   GLY A O   1 
ATOM   587 N N   . HIS A 1 75  ? 2.473   6.324   5.936   1.00 19.80 ? 78   HIS A N   1 
ATOM   588 C CA  . HIS A 1 75  ? 2.041   5.461   7.043   1.00 20.63 ? 78   HIS A CA  1 
ATOM   589 C C   . HIS A 1 75  ? 2.337   3.998   6.736   1.00 18.95 ? 78   HIS A C   1 
ATOM   590 O O   . HIS A 1 75  ? 2.738   3.260   7.621   1.00 19.23 ? 78   HIS A O   1 
ATOM   591 C CB  . HIS A 1 75  ? 0.552   5.642   7.396   1.00 22.11 ? 78   HIS A CB  1 
ATOM   592 C CG  . HIS A 1 75  ? 0.197   7.009   7.909   1.00 24.75 ? 78   HIS A CG  1 
ATOM   593 N ND1 . HIS A 1 75  ? -1.071  7.535   7.795   1.00 26.86 ? 78   HIS A ND1 1 
ATOM   594 C CD2 . HIS A 1 75  ? 0.945   7.966   8.511   1.00 26.30 ? 78   HIS A CD2 1 
ATOM   595 C CE1 . HIS A 1 75  ? -1.094  8.750   8.316   1.00 29.30 ? 78   HIS A CE1 1 
ATOM   596 N NE2 . HIS A 1 75  ? 0.118   9.034   8.756   1.00 28.86 ? 78   HIS A NE2 1 
ATOM   597 N N   . LEU A 1 76  ? 2.148   3.599   5.474   1.00 17.48 ? 79   LEU A N   1 
ATOM   598 C CA  . LEU A 1 76  ? 2.357   2.221   5.056   1.00 16.50 ? 79   LEU A CA  1 
ATOM   599 C C   . LEU A 1 76  ? 3.827   1.840   5.166   1.00 16.59 ? 79   LEU A C   1 
ATOM   600 O O   . LEU A 1 76  ? 4.156   0.761   5.644   1.00 16.97 ? 79   LEU A O   1 
ATOM   601 C CB  . LEU A 1 76  ? 1.848   1.989   3.629   1.00 15.22 ? 79   LEU A CB  1 
ATOM   602 C CG  . LEU A 1 76  ? 0.358   1.672   3.356   1.00 15.52 ? 79   LEU A CG  1 
ATOM   603 C CD1 . LEU A 1 76  ? 0.213   1.196   1.919   1.00 13.99 ? 79   LEU A CD1 1 
ATOM   604 C CD2 . LEU A 1 76  ? -0.292  0.655   4.321   1.00 13.56 ? 79   LEU A CD2 1 
ATOM   605 N N   . ARG A 1 77  ? 4.698   2.743   4.729   1.00 16.94 ? 80   ARG A N   1 
ATOM   606 C CA  . ARG A 1 77  ? 6.145   2.595   4.859   1.00 18.00 ? 80   ARG A CA  1 
ATOM   607 C C   . ARG A 1 77  ? 6.619   2.539   6.314   1.00 20.76 ? 80   ARG A C   1 
ATOM   608 O O   . ARG A 1 77  ? 7.461   1.700   6.683   1.00 20.97 ? 80   ARG A O   1 
ATOM   609 C CB  . ARG A 1 77  ? 6.837   3.770   4.180   1.00 17.85 ? 80   ARG A CB  1 
ATOM   610 C CG  . ARG A 1 77  ? 6.668   3.741   2.736   1.00 15.83 ? 80   ARG A CG  1 
ATOM   611 C CD  . ARG A 1 77  ? 7.166   4.995   2.102   1.00 16.90 ? 80   ARG A CD  1 
ATOM   612 N NE  . ARG A 1 77  ? 7.126   4.791   0.658   1.00 18.03 ? 80   ARG A NE  1 
ATOM   613 C CZ  . ARG A 1 77  ? 6.992   5.754   -0.238  1.00 18.81 ? 80   ARG A CZ  1 
ATOM   614 N NH1 . ARG A 1 77  ? 6.894   7.006   0.158   1.00 20.84 ? 80   ARG A NH1 1 
ATOM   615 N NH2 . ARG A 1 77  ? 6.961   5.460   -1.529  1.00 18.77 ? 80   ARG A NH2 1 
ATOM   616 N N   . GLN A 1 78  ? 6.094   3.457   7.128   1.00 22.73 ? 81   GLN A N   1 
ATOM   617 C CA  . GLN A 1 78  ? 6.449   3.513   8.534   1.00 25.66 ? 81   GLN A CA  1 
ATOM   618 C C   . GLN A 1 78  ? 6.200   2.132   9.143   1.00 25.11 ? 81   GLN A C   1 
ATOM   619 O O   . GLN A 1 78  ? 7.075   1.572   9.800   1.00 26.75 ? 81   GLN A O   1 
ATOM   620 C CB  . GLN A 1 78  ? 5.685   4.643   9.263   1.00 27.78 ? 81   GLN A CB  1 
ATOM   621 C CG  . GLN A 1 78  ? 6.133   6.075   8.853   1.00 31.03 ? 81   GLN A CG  1 
ATOM   622 C CD  . GLN A 1 78  ? 5.185   7.202   9.349   1.00 35.68 ? 81   GLN A CD  1 
ATOM   623 O OE1 . GLN A 1 78  ? 4.372   7.002   10.264  1.00 39.72 ? 81   GLN A OE1 1 
ATOM   624 N NE2 . GLN A 1 78  ? 5.306   8.392   8.746   1.00 35.38 ? 81   GLN A NE2 1 
ATOM   625 N N   . LYS A 1 79  ? 5.030   1.557   8.868   1.00 23.31 ? 82   LYS A N   1 
ATOM   626 C CA  . LYS A 1 79  ? 4.653   0.275   9.476   1.00 23.07 ? 82   LYS A CA  1 
ATOM   627 C C   . LYS A 1 79  ? 5.316   -0.961  8.830   1.00 21.29 ? 82   LYS A C   1 
ATOM   628 O O   . LYS A 1 79  ? 5.621   -1.914  9.534   1.00 22.72 ? 82   LYS A O   1 
ATOM   629 C CB  . LYS A 1 79  ? 3.124   0.113   9.555   1.00 22.80 ? 82   LYS A CB  1 
ATOM   630 C CG  . LYS A 1 79  ? 2.395   1.234   10.339  1.00 25.87 ? 82   LYS A CG  1 
ATOM   631 C CD  . LYS A 1 79  ? 1.127   0.751   11.080  1.00 26.07 ? 82   LYS A CD  1 
ATOM   632 C CE  . LYS A 1 79  ? 0.184   1.936   11.378  1.00 28.98 ? 82   LYS A CE  1 
ATOM   633 N NZ  . LYS A 1 79  ? -1.226  1.561   11.770  1.00 30.23 ? 82   LYS A NZ  1 
ATOM   634 N N   . LEU A 1 80  ? 5.560   -0.940  7.523   1.00 18.59 ? 83   LEU A N   1 
ATOM   635 C CA  . LEU A 1 80  ? 5.912   -2.172  6.798   1.00 17.57 ? 83   LEU A CA  1 
ATOM   636 C C   . LEU A 1 80  ? 7.336   -2.268  6.233   1.00 17.90 ? 83   LEU A C   1 
ATOM   637 O O   . LEU A 1 80  ? 7.766   -3.320  5.770   1.00 17.77 ? 83   LEU A O   1 
ATOM   638 C CB  . LEU A 1 80  ? 4.872   -2.472  5.701   1.00 15.37 ? 83   LEU A CB  1 
ATOM   639 C CG  . LEU A 1 80  ? 3.459   -2.648  6.256   1.00 15.71 ? 83   LEU A CG  1 
ATOM   640 C CD1 . LEU A 1 80  ? 2.426   -2.959  5.189   1.00 14.12 ? 83   LEU A CD1 1 
ATOM   641 C CD2 . LEU A 1 80  ? 3.492   -3.740  7.328   1.00 18.66 ? 83   LEU A CD2 1 
ATOM   642 N N   . GLU A 1 81  ? 8.069   -1.177  6.316   1.00 18.72 ? 84   GLU A N   1 
ATOM   643 C CA  . GLU A 1 81  ? 9.308   -1.034  5.593   1.00 19.56 ? 84   GLU A CA  1 
ATOM   644 C C   . GLU A 1 81  ? 10.417  -1.044  6.612   1.00 22.42 ? 84   GLU A C   1 
ATOM   645 O O   . GLU A 1 81  ? 10.235  -0.568  7.727   1.00 23.72 ? 84   GLU A O   1 
ATOM   646 C CB  . GLU A 1 81  ? 9.265   0.289   4.803   1.00 18.79 ? 84   GLU A CB  1 
ATOM   647 C CG  . GLU A 1 81  ? 10.091  0.341   3.534   1.00 19.16 ? 84   GLU A CG  1 
ATOM   648 C CD  . GLU A 1 81  ? 9.614   -0.594  2.448   1.00 18.62 ? 84   GLU A CD  1 
ATOM   649 O OE1 . GLU A 1 81  ? 8.491   -0.415  1.939   1.00 16.35 ? 84   GLU A OE1 1 
ATOM   650 O OE2 . GLU A 1 81  ? 10.392  -1.502  2.088   1.00 20.55 ? 84   GLU A OE2 1 
ATOM   651 N N   . GLN A 1 82  ? 11.547  -1.631  6.239   1.00 24.20 ? 85   GLN A N   1 
ATOM   652 C CA  . GLN A 1 82  ? 12.709  -1.751  7.121   1.00 27.83 ? 85   GLN A CA  1 
ATOM   653 C C   . GLN A 1 82  ? 13.302  -0.384  7.342   1.00 29.07 ? 85   GLN A C   1 
ATOM   654 O O   . GLN A 1 82  ? 13.682  -0.033  8.452   1.00 31.84 ? 85   GLN A O   1 
ATOM   655 C CB  . GLN A 1 82  ? 13.762  -2.693  6.522   1.00 29.71 ? 85   GLN A CB  1 
ATOM   656 C CG  . GLN A 1 82  ? 13.358  -4.176  6.504   1.00 30.70 ? 85   GLN A CG  1 
ATOM   657 C CD  . GLN A 1 82  ? 13.086  -4.752  7.909   1.00 34.36 ? 85   GLN A CD  1 
ATOM   658 O OE1 . GLN A 1 82  ? 13.907  -4.604  8.833   1.00 37.66 ? 85   GLN A OE1 1 
ATOM   659 N NE2 . GLN A 1 82  ? 11.940  -5.431  8.066   1.00 32.34 ? 85   GLN A NE2 1 
ATOM   660 N N   . ASP A 1 83  ? 13.375  0.375   6.256   1.00 27.54 ? 86   ASP A N   1 
ATOM   661 C CA  . ASP A 1 83  ? 13.801  1.753   6.265   1.00 28.46 ? 86   ASP A CA  1 
ATOM   662 C C   . ASP A 1 83  ? 12.715  2.500   5.525   1.00 25.24 ? 86   ASP A C   1 
ATOM   663 O O   . ASP A 1 83  ? 12.652  2.415   4.305   1.00 23.48 ? 86   ASP A O   1 
ATOM   664 C CB  . ASP A 1 83  ? 15.124  1.890   5.510   1.00 30.34 ? 86   ASP A CB  1 
ATOM   665 C CG  . ASP A 1 83  ? 15.838  3.218   5.780   1.00 32.98 ? 86   ASP A CG  1 
ATOM   666 O OD1 . ASP A 1 83  ? 15.180  4.248   6.079   1.00 33.25 ? 86   ASP A OD1 1 
ATOM   667 O OD2 . ASP A 1 83  ? 17.079  3.219   5.673   1.00 35.80 ? 86   ASP A OD2 1 
ATOM   668 N N   . PRO A 1 84  ? 11.833  3.207   6.259   1.00 25.01 ? 87   PRO A N   1 
ATOM   669 C CA  . PRO A 1 84  ? 10.793  4.019   5.620   1.00 22.57 ? 87   PRO A CA  1 
ATOM   670 C C   . PRO A 1 84  ? 11.372  5.035   4.636   1.00 22.50 ? 87   PRO A C   1 
ATOM   671 O O   . PRO A 1 84  ? 10.737  5.305   3.622   1.00 20.66 ? 87   PRO A O   1 
ATOM   672 C CB  . PRO A 1 84  ? 10.129  4.736   6.790   1.00 23.82 ? 87   PRO A CB  1 
ATOM   673 C CG  . PRO A 1 84  ? 10.406  3.861   7.978   1.00 26.27 ? 87   PRO A CG  1 
ATOM   674 C CD  . PRO A 1 84  ? 11.763  3.277   7.730   1.00 27.49 ? 87   PRO A CD  1 
ATOM   675 N N   . ALA A 1 85  ? 12.572  5.562   4.913   1.00 24.71 ? 88   ALA A N   1 
ATOM   676 C CA  . ALA A 1 85  ? 13.248  6.495   3.988   1.00 25.03 ? 88   ALA A CA  1 
ATOM   677 C C   . ALA A 1 85  ? 13.809  5.858   2.679   1.00 24.00 ? 88   ALA A C   1 
ATOM   678 O O   . ALA A 1 85  ? 14.112  6.560   1.703   1.00 23.46 ? 88   ALA A O   1 
ATOM   679 C CB  . ALA A 1 85  ? 14.337  7.272   4.728   1.00 27.98 ? 88   ALA A CB  1 
ATOM   680 N N   . ARG A 1 86  ? 13.959  4.534   2.682   1.00 24.06 ? 89   ARG A N   1 
ATOM   681 C CA  . ARG A 1 86  ? 14.438  3.782   1.527   1.00 23.79 ? 89   ARG A CA  1 
ATOM   682 C C   . ARG A 1 86  ? 13.530  2.586   1.311   1.00 21.79 ? 89   ARG A C   1 
ATOM   683 O O   . ARG A 1 86  ? 13.892  1.459   1.667   1.00 23.08 ? 89   ARG A O   1 
ATOM   684 C CB  . ARG A 1 86  ? 15.883  3.314   1.745   1.00 27.27 ? 89   ARG A CB  1 
ATOM   685 C CG  . ARG A 1 86  ? 16.900  4.429   1.646   1.00 29.86 ? 89   ARG A CG  1 
ATOM   686 C CD  . ARG A 1 86  ? 18.258  3.980   2.103   1.00 35.32 ? 89   ARG A CD  1 
ATOM   687 N NE  . ARG A 1 86  ? 19.173  3.744   0.988   1.00 39.07 ? 89   ARG A NE  1 
ATOM   688 C CZ  . ARG A 1 86  ? 19.831  2.602   0.776   1.00 42.07 ? 89   ARG A CZ  1 
ATOM   689 N NH1 . ARG A 1 86  ? 19.676  1.575   1.610   1.00 43.54 ? 89   ARG A NH1 1 
ATOM   690 N NH2 . ARG A 1 86  ? 20.658  2.491   -0.262  1.00 44.01 ? 89   ARG A NH2 1 
ATOM   691 N N   . PRO A 1 87  ? 12.323  2.829   0.752   1.00 19.54 ? 90   PRO A N   1 
ATOM   692 C CA  . PRO A 1 87  ? 11.383  1.730   0.588   1.00 17.70 ? 90   PRO A CA  1 
ATOM   693 C C   . PRO A 1 87  ? 11.938  0.687   -0.354  1.00 18.20 ? 90   PRO A C   1 
ATOM   694 O O   . PRO A 1 87  ? 12.597  1.033   -1.331  1.00 18.61 ? 90   PRO A O   1 
ATOM   695 C CB  . PRO A 1 87  ? 10.155  2.401   -0.042  1.00 15.62 ? 90   PRO A CB  1 
ATOM   696 C CG  . PRO A 1 87  ? 10.658  3.634   -0.658  1.00 16.10 ? 90   PRO A CG  1 
ATOM   697 C CD  . PRO A 1 87  ? 11.761  4.102   0.237   1.00 18.34 ? 90   PRO A CD  1 
ATOM   698 N N   . ARG A 1 88  ? 11.678  -0.577  -0.035  1.00 18.49 ? 91   ARG A N   1 
ATOM   699 C CA  . ARG A 1 88  ? 11.961  -1.695  -0.921  1.00 19.54 ? 91   ARG A CA  1 
ATOM   700 C C   . ARG A 1 88  ? 10.726  -2.275  -1.614  1.00 17.63 ? 91   ARG A C   1 
ATOM   701 O O   . ARG A 1 88  ? 10.851  -2.817  -2.703  1.00 18.50 ? 91   ARG A O   1 
ATOM   702 C CB  . ARG A 1 88  ? 12.723  -2.791  -0.179  1.00 21.86 ? 91   ARG A CB  1 
ATOM   703 C CG  . ARG A 1 88  ? 14.197  -2.762  -0.465  1.00 27.36 ? 91   ARG A CG  1 
ATOM   704 C CD  . ARG A 1 88  ? 14.958  -1.842  0.491   1.00 33.47 ? 91   ARG A CD  1 
ATOM   705 N NE  . ARG A 1 88  ? 16.070  -1.091  -0.121  1.00 37.21 ? 91   ARG A NE  1 
ATOM   706 C CZ  . ARG A 1 88  ? 16.199  -0.798  -1.417  1.00 39.12 ? 91   ARG A CZ  1 
ATOM   707 N NH1 . ARG A 1 88  ? 15.288  -1.193  -2.314  1.00 37.03 ? 91   ARG A NH1 1 
ATOM   708 N NH2 . ARG A 1 88  ? 17.254  -0.094  -1.820  1.00 41.92 ? 91   ARG A NH2 1 
ATOM   709 N N   . HIS A 1 89  ? 9.553   -2.164  -0.992  1.00 15.83 ? 92   HIS A N   1 
ATOM   710 C CA  . HIS A 1 89  ? 8.296   -2.644  -1.593  1.00 14.83 ? 92   HIS A CA  1 
ATOM   711 C C   . HIS A 1 89  ? 7.366   -1.531  -2.012  1.00 13.53 ? 92   HIS A C   1 
ATOM   712 O O   . HIS A 1 89  ? 6.700   -1.639  -3.038  1.00 13.79 ? 92   HIS A O   1 
ATOM   713 C CB  . HIS A 1 89  ? 7.556   -3.603  -0.660  1.00 14.51 ? 92   HIS A CB  1 
ATOM   714 C CG  . HIS A 1 89  ? 8.419   -4.725  -0.197  1.00 16.47 ? 92   HIS A CG  1 
ATOM   715 N ND1 . HIS A 1 89  ? 9.137   -4.668  0.979   1.00 17.01 ? 92   HIS A ND1 1 
ATOM   716 C CD2 . HIS A 1 89  ? 8.767   -5.884  -0.799  1.00 16.89 ? 92   HIS A CD2 1 
ATOM   717 C CE1 . HIS A 1 89  ? 9.864   -5.767  1.095   1.00 20.08 ? 92   HIS A CE1 1 
ATOM   718 N NE2 . HIS A 1 89  ? 9.655   -6.521  0.031   1.00 19.63 ? 92   HIS A NE2 1 
ATOM   719 N N   . PHE A 1 90  ? 7.325   -0.462  -1.226  1.00 13.10 ? 93   PHE A N   1 
ATOM   720 C CA  . PHE A 1 90  ? 6.391   0.633   -1.459  1.00 11.99 ? 93   PHE A CA  1 
ATOM   721 C C   . PHE A 1 90  ? 7.081   1.779   -2.203  1.00 12.30 ? 93   PHE A C   1 
ATOM   722 O O   . PHE A 1 90  ? 7.401   2.807   -1.606  1.00 12.89 ? 93   PHE A O   1 
ATOM   723 C CB  . PHE A 1 90  ? 5.807   1.103   -0.116  1.00 11.80 ? 93   PHE A CB  1 
ATOM   724 C CG  . PHE A 1 90  ? 4.917   0.093   0.541   1.00 10.96 ? 93   PHE A CG  1 
ATOM   725 C CD1 . PHE A 1 90  ? 3.552   0.048   0.242   1.00 11.68 ? 93   PHE A CD1 1 
ATOM   726 C CD2 . PHE A 1 90  ? 5.433   -0.818  1.454   1.00 11.40 ? 93   PHE A CD2 1 
ATOM   727 C CE1 . PHE A 1 90  ? 2.713   -0.907  0.845   1.00 12.25 ? 93   PHE A CE1 1 
ATOM   728 C CE2 . PHE A 1 90  ? 4.620   -1.770  2.050   1.00 12.34 ? 93   PHE A CE2 1 
ATOM   729 C CZ  . PHE A 1 90  ? 3.248   -1.810  1.754   1.00 12.25 ? 93   PHE A CZ  1 
ATOM   730 N N   . ILE A 1 91  ? 7.268   1.605   -3.512  1.00 12.79 ? 94   ILE A N   1 
ATOM   731 C CA  . ILE A 1 91  ? 8.109   2.481   -4.350  1.00 13.18 ? 94   ILE A CA  1 
ATOM   732 C C   . ILE A 1 91  ? 7.362   3.617   -5.056  1.00 13.47 ? 94   ILE A C   1 
ATOM   733 O O   . ILE A 1 91  ? 6.282   3.417   -5.632  1.00 14.07 ? 94   ILE A O   1 
ATOM   734 C CB  . ILE A 1 91  ? 8.865   1.648   -5.415  1.00 14.43 ? 94   ILE A CB  1 
ATOM   735 C CG1 . ILE A 1 91  ? 9.558   0.423   -4.781  1.00 14.39 ? 94   ILE A CG1 1 
ATOM   736 C CG2 . ILE A 1 91  ? 9.856   2.519   -6.217  1.00 14.89 ? 94   ILE A CG2 1 
ATOM   737 C CD1 . ILE A 1 91  ? 10.742  0.748   -3.938  1.00 13.88 ? 94   ILE A CD1 1 
ATOM   738 N N   . THR A 1 92  ? 7.960   4.803   -5.017  1.00 13.64 ? 95   THR A N   1 
ATOM   739 C CA  . THR A 1 92  ? 7.441   5.991   -5.692  1.00 13.99 ? 95   THR A CA  1 
ATOM   740 C C   . THR A 1 92  ? 7.969   6.089   -7.114  1.00 14.93 ? 95   THR A C   1 
ATOM   741 O O   . THR A 1 92  ? 9.174   5.937   -7.356  1.00 15.70 ? 95   THR A O   1 
ATOM   742 C CB  . THR A 1 92  ? 7.874   7.290   -4.950  1.00 14.30 ? 95   THR A CB  1 
ATOM   743 O OG1 . THR A 1 92  ? 7.462   7.219   -3.584  1.00 13.63 ? 95   THR A OG1 1 
ATOM   744 C CG2 . THR A 1 92  ? 7.257   8.531   -5.590  1.00 15.50 ? 95   THR A CG2 1 
ATOM   745 N N   . GLU A 1 93  ? 7.064   6.359   -8.048  1.00 15.56 ? 96   GLU A N   1 
ATOM   746 C CA  . GLU A 1 93  ? 7.427   6.781   -9.393  1.00 16.83 ? 96   GLU A CA  1 
ATOM   747 C C   . GLU A 1 93  ? 7.245   8.288   -9.447  1.00 17.30 ? 96   GLU A C   1 
ATOM   748 O O   . GLU A 1 93  ? 6.139   8.773   -9.678  1.00 18.41 ? 96   GLU A O   1 
ATOM   749 C CB  . GLU A 1 93  ? 6.541   6.091   -10.435 1.00 18.19 ? 96   GLU A CB  1 
ATOM   750 C CG  . GLU A 1 93  ? 6.562   4.547   -10.360 1.00 18.47 ? 96   GLU A CG  1 
ATOM   751 C CD  . GLU A 1 93  ? 7.895   3.921   -10.773 1.00 18.96 ? 96   GLU A CD  1 
ATOM   752 O OE1 . GLU A 1 93  ? 8.534   4.421   -11.733 1.00 20.50 ? 96   GLU A OE1 1 
ATOM   753 O OE2 . GLU A 1 93  ? 8.285   2.915   -10.144 1.00 18.02 ? 96   GLU A OE2 1 
ATOM   754 N N   . THR A 1 94  ? 8.325   9.017   -9.203  1.00 17.42 ? 97   THR A N   1 
ATOM   755 C CA  . THR A 1 94  ? 8.315   10.485  -9.134  1.00 18.39 ? 97   THR A CA  1 
ATOM   756 C C   . THR A 1 94  ? 7.492   11.102  -10.258 1.00 20.03 ? 97   THR A C   1 
ATOM   757 O O   . THR A 1 94  ? 7.628   10.704  -11.403 1.00 20.78 ? 97   THR A O   1 
ATOM   758 C CB  . THR A 1 94  ? 9.758   11.095  -9.181  1.00 18.78 ? 97   THR A CB  1 
ATOM   759 O OG1 . THR A 1 94  ? 10.686  10.181  -8.592  1.00 17.81 ? 97   THR A OG1 1 
ATOM   760 C CG2 . THR A 1 94  ? 9.800   12.400  -8.444  1.00 18.32 ? 97   THR A CG2 1 
ATOM   761 N N   . GLY A 1 95  ? 6.632   12.060  -9.899  1.00 21.12 ? 98   GLY A N   1 
ATOM   762 C CA  . GLY A 1 95  ? 5.780   12.757  -10.848 1.00 23.24 ? 98   GLY A CA  1 
ATOM   763 C C   . GLY A 1 95  ? 4.652   11.921  -11.442 1.00 24.28 ? 98   GLY A C   1 
ATOM   764 O O   . GLY A 1 95  ? 3.767   12.468  -12.130 1.00 27.05 ? 98   GLY A O   1 
ATOM   765 N N   . ILE A 1 96  ? 4.661   10.609  -11.206 1.00 22.37 ? 99   ILE A N   1 
ATOM   766 C CA  . ILE A 1 96  ? 3.620   9.760   -11.790 1.00 23.51 ? 99   ILE A CA  1 
ATOM   767 C C   . ILE A 1 96  ? 2.648   9.193   -10.766 1.00 22.89 ? 99   ILE A C   1 
ATOM   768 O O   . ILE A 1 96  ? 1.439   9.399   -10.879 1.00 25.00 ? 99   ILE A O   1 
ATOM   769 C CB  . ILE A 1 96  ? 4.191   8.616   -12.679 1.00 23.53 ? 99   ILE A CB  1 
ATOM   770 C CG1 . ILE A 1 96  ? 5.013   9.200   -13.834 1.00 24.98 ? 99   ILE A CG1 1 
ATOM   771 C CG2 . ILE A 1 96  ? 3.047   7.751   -13.228 1.00 23.83 ? 99   ILE A CG2 1 
ATOM   772 C CD1 . ILE A 1 96  ? 6.026   8.256   -14.457 1.00 24.40 ? 99   ILE A CD1 1 
ATOM   773 N N   . GLY A 1 97  ? 3.185   8.478   -9.778  1.00 20.76 ? 100  GLY A N   1 
ATOM   774 C CA  . GLY A 1 97  ? 2.381   7.668   -8.872  1.00 19.95 ? 100  GLY A CA  1 
ATOM   775 C C   . GLY A 1 97  ? 3.269   6.745   -8.049  1.00 18.42 ? 100  GLY A C   1 
ATOM   776 O O   . GLY A 1 97  ? 4.273   7.181   -7.465  1.00 17.41 ? 100  GLY A O   1 
ATOM   777 N N   . TYR A 1 98  ? 2.905   5.464   -8.012  1.00 18.58 ? 101  TYR A N   1 
ATOM   778 C CA  . TYR A 1 98  ? 3.565   4.480   -7.154  1.00 17.43 ? 101  TYR A CA  1 
ATOM   779 C C   . TYR A 1 98  ? 3.588   3.065   -7.721  1.00 17.96 ? 101  TYR A C   1 
ATOM   780 O O   . TYR A 1 98  ? 2.784   2.705   -8.569  1.00 19.13 ? 101  TYR A O   1 
ATOM   781 C CB  . TYR A 1 98  ? 2.906   4.444   -5.774  1.00 16.98 ? 101  TYR A CB  1 
ATOM   782 C CG  . TYR A 1 98  ? 2.991   5.742   -4.991  1.00 16.87 ? 101  TYR A CG  1 
ATOM   783 C CD1 . TYR A 1 98  ? 4.093   6.006   -4.174  1.00 15.82 ? 101  TYR A CD1 1 
ATOM   784 C CD2 . TYR A 1 98  ? 1.954   6.681   -5.043  1.00 16.47 ? 101  TYR A CD2 1 
ATOM   785 C CE1 . TYR A 1 98  ? 4.169   7.177   -3.448  1.00 16.34 ? 101  TYR A CE1 1 
ATOM   786 C CE2 . TYR A 1 98  ? 2.018   7.847   -4.313  1.00 17.14 ? 101  TYR A CE2 1 
ATOM   787 C CZ  . TYR A 1 98  ? 3.131   8.086   -3.523  1.00 17.25 ? 101  TYR A CZ  1 
ATOM   788 O OH  . TYR A 1 98  ? 3.219   9.230   -2.795  1.00 19.72 ? 101  TYR A OH  1 
ATOM   789 N N   . ARG A 1 99  ? 4.515   2.265   -7.209  1.00 17.71 ? 102  ARG A N   1 
ATOM   790 C CA  . ARG A 1 99  ? 4.761   0.919   -7.700  1.00 19.54 ? 102  ARG A CA  1 
ATOM   791 C C   . ARG A 1 99  ? 5.044   0.021   -6.485  1.00 18.39 ? 102  ARG A C   1 
ATOM   792 O O   . ARG A 1 99  ? 5.810   0.393   -5.586  1.00 18.10 ? 102  ARG A O   1 
ATOM   793 C CB  . ARG A 1 99  ? 5.961   0.945   -8.646  1.00 20.85 ? 102  ARG A CB  1 
ATOM   794 C CG  . ARG A 1 99  ? 6.193   -0.312  -9.446  1.00 24.37 ? 102  ARG A CG  1 
ATOM   795 C CD  . ARG A 1 99  ? 7.472   -0.180  -10.262 1.00 27.48 ? 102  ARG A CD  1 
ATOM   796 N NE  . ARG A 1 99  ? 7.345   -0.918  -11.514 1.00 34.44 ? 102  ARG A NE  1 
ATOM   797 C CZ  . ARG A 1 99  ? 8.203   -0.863  -12.534 1.00 39.06 ? 102  ARG A CZ  1 
ATOM   798 N NH1 . ARG A 1 99  ? 9.288   -0.093  -12.473 1.00 40.28 ? 102  ARG A NH1 1 
ATOM   799 N NH2 . ARG A 1 99  ? 7.976   -1.583  -13.624 1.00 42.98 ? 102  ARG A NH2 1 
ATOM   800 N N   . PHE A 1 100 ? 4.411   -1.144  -6.441  1.00 18.14 ? 103  PHE A N   1 
ATOM   801 C CA  . PHE A 1 100 ? 4.607   -2.037  -5.317  1.00 16.87 ? 103  PHE A CA  1 
ATOM   802 C C   . PHE A 1 100 ? 5.350   -3.313  -5.701  1.00 18.14 ? 103  PHE A C   1 
ATOM   803 O O   . PHE A 1 100 ? 5.012   -3.996  -6.669  1.00 19.07 ? 103  PHE A O   1 
ATOM   804 C CB  . PHE A 1 100 ? 3.284   -2.351  -4.622  1.00 16.51 ? 103  PHE A CB  1 
ATOM   805 C CG  . PHE A 1 100 ? 3.378   -3.489  -3.660  1.00 15.61 ? 103  PHE A CG  1 
ATOM   806 C CD1 . PHE A 1 100 ? 3.915   -3.294  -2.392  1.00 13.44 ? 103  PHE A CD1 1 
ATOM   807 C CD2 . PHE A 1 100 ? 2.950   -4.759  -4.034  1.00 15.62 ? 103  PHE A CD2 1 
ATOM   808 C CE1 . PHE A 1 100 ? 4.015   -4.335  -1.509  1.00 15.37 ? 103  PHE A CE1 1 
ATOM   809 C CE2 . PHE A 1 100 ? 3.052   -5.813  -3.158  1.00 16.98 ? 103  PHE A CE2 1 
ATOM   810 C CZ  . PHE A 1 100 ? 3.594   -5.611  -1.887  1.00 15.85 ? 103  PHE A CZ  1 
ATOM   811 N N   . MET A 1 101 ? 6.369   -3.631  -4.918  1.00 18.35 ? 104  MET A N   1 
ATOM   812 C CA  . MET A 1 101 ? 7.270   -4.705  -5.264  1.00 20.34 ? 104  MET A CA  1 
ATOM   813 C C   . MET A 1 101 ? 7.069   -5.900  -4.355  1.00 20.77 ? 104  MET A C   1 
ATOM   814 O O   . MET A 1 101 ? 7.250   -5.798  -3.151  1.00 20.18 ? 104  MET A O   1 
ATOM   815 C CB  . MET A 1 101 ? 8.719   -4.209  -5.245  1.00 21.30 ? 104  MET A CB  1 
ATOM   816 C CG  . MET A 1 101 ? 9.007   -3.107  -6.260  1.00 21.16 ? 104  MET A CG  1 
ATOM   817 S SD  . MET A 1 101 ? 8.543   -3.601  -7.937  1.00 27.67 ? 104  MET A SD  1 
ATOM   818 N N   . LEU A 1 102 ? 6.655   -7.011  -4.962  1.00 22.90 ? 105  LEU A N   1 
ATOM   819 C CA  . LEU A 1 102 ? 6.542   -8.358  -4.351  1.00 24.10 ? 105  LEU A CA  1 
ATOM   820 C C   . LEU A 1 102 ? 5.131   -8.698  -3.818  1.00 23.09 ? 105  LEU A C   1 
ATOM   821 O O   . LEU A 1 102 ? 4.530   -9.731  -4.185  1.00 23.72 ? 105  LEU A O   1 
ATOM   822 C CB  . LEU A 1 102 ? 7.640   -8.627  -3.301  1.00 24.42 ? 105  LEU A CB  1 
ATOM   823 C CG  . LEU A 1 102 ? 9.124   -8.433  -3.650  1.00 26.93 ? 105  LEU A CG  1 
ATOM   824 C CD1 . LEU A 1 102 ? 9.965   -8.743  -2.412  1.00 30.20 ? 105  LEU A CD1 1 
ATOM   825 C CD2 . LEU A 1 102 ? 9.630   -9.255  -4.876  1.00 29.67 ? 105  LEU A CD2 1 
HETATM 826 O O   . HOH B 2 .   ? -5.156  -19.456 -7.109  1.00 34.51 ? 2001 HOH A O   1 
HETATM 827 O O   . HOH B 2 .   ? 0.371   -15.563 -2.185  1.00 32.74 ? 2002 HOH A O   1 
HETATM 828 O O   . HOH B 2 .   ? 3.216   -14.066 -2.414  1.00 30.25 ? 2003 HOH A O   1 
HETATM 829 O O   . HOH B 2 .   ? 6.856   -13.032 4.445   1.00 32.90 ? 2004 HOH A O   1 
HETATM 830 O O   . HOH B 2 .   ? -10.817 -3.045  7.453   1.00 34.37 ? 2005 HOH A O   1 
HETATM 831 O O   . HOH B 2 .   ? -12.833 -4.947  -0.152  1.00 32.72 ? 2006 HOH A O   1 
HETATM 832 O O   . HOH B 2 .   ? 9.691   -14.826 12.361  1.00 32.72 ? 2007 HOH A O   1 
HETATM 833 O O   . HOH B 2 .   ? 7.707   -11.483 15.485  1.00 30.41 ? 2008 HOH A O   1 
HETATM 834 O O   . HOH B 2 .   ? -7.922  -3.199  8.809   1.00 34.23 ? 2009 HOH A O   1 
HETATM 835 O O   . HOH B 2 .   ? -6.716  6.584   9.131   1.00 27.58 ? 2010 HOH A O   1 
HETATM 836 O O   . HOH B 2 .   ? -8.209  -3.806  -5.646  1.00 29.05 ? 2011 HOH A O   1 
HETATM 837 O O   . HOH B 2 .   ? -3.340  -10.719 -4.477  1.00 34.19 ? 2012 HOH A O   1 
HETATM 838 O O   . HOH B 2 .   ? 2.023   -1.493  -7.807  1.00 31.44 ? 2013 HOH A O   1 
HETATM 839 O O   . HOH B 2 .   ? -5.918  -1.724  -11.776 1.00 30.59 ? 2014 HOH A O   1 
HETATM 840 O O   . HOH B 2 .   ? -1.008  2.784   -15.142 1.00 30.79 ? 2015 HOH A O   1 
HETATM 841 O O   . HOH B 2 .   ? -3.812  15.434  -8.021  1.00 32.31 ? 2016 HOH A O   1 
HETATM 842 O O   . HOH B 2 .   ? 4.913   10.358  0.986   1.00 30.90 ? 2017 HOH A O   1 
HETATM 843 O O   . HOH B 2 .   ? 11.972  -3.326  3.526   1.00 31.76 ? 2018 HOH A O   1 
HETATM 844 O O   . HOH B 2 .   ? 12.394  -2.657  -4.724  1.00 31.50 ? 2019 HOH A O   1 
HETATM 845 O O   . HOH B 2 .   ? 17.672  2.053   -3.057  1.00 31.87 ? 2020 HOH A O   1 
HETATM 846 O O   . HOH B 2 .   ? 10.646  4.981   -3.394  1.00 30.45 ? 2021 HOH A O   1 
HETATM 847 O O   . HOH B 2 .   ? 9.467   8.655   -12.940 1.00 33.96 ? 2022 HOH A O   1 
HETATM 848 O O   . HOH B 2 .   ? 5.612   12.072  -7.290  1.00 30.33 ? 2023 HOH A O   1 
# 
loop_
_atom_site_anisotrop.id 
_atom_site_anisotrop.type_symbol 
_atom_site_anisotrop.pdbx_label_atom_id 
_atom_site_anisotrop.pdbx_label_alt_id 
_atom_site_anisotrop.pdbx_label_comp_id 
_atom_site_anisotrop.pdbx_label_asym_id 
_atom_site_anisotrop.pdbx_label_seq_id 
_atom_site_anisotrop.pdbx_PDB_ins_code 
_atom_site_anisotrop.U[1][1] 
_atom_site_anisotrop.U[2][2] 
_atom_site_anisotrop.U[3][3] 
_atom_site_anisotrop.U[1][2] 
_atom_site_anisotrop.U[1][3] 
_atom_site_anisotrop.U[2][3] 
_atom_site_anisotrop.pdbx_auth_seq_id 
_atom_site_anisotrop.pdbx_auth_comp_id 
_atom_site_anisotrop.pdbx_auth_asym_id 
_atom_site_anisotrop.pdbx_auth_atom_id 
1   N N   . PRO A 2   ? 0.6212 0.5785 0.4491 -0.0719 -0.0434 -0.2742 5   PRO A N   
2   C CA  . PRO A 2   ? 0.5665 0.5570 0.3959 -0.0451 -0.0574 -0.2328 5   PRO A CA  
3   C C   . PRO A 2   ? 0.5130 0.4832 0.3779 -0.0271 -0.0354 -0.1999 5   PRO A C   
4   O O   . PRO A 2   ? 0.4800 0.4589 0.3348 -0.0053 -0.0341 -0.1711 5   PRO A O   
5   C CB  . PRO A 2   ? 0.5530 0.6062 0.4103 -0.0551 -0.0954 -0.2312 5   PRO A CB  
6   C CG  . PRO A 2   ? 0.6175 0.6829 0.4583 -0.0867 -0.1136 -0.2771 5   PRO A CG  
7   C CD  . PRO A 2   ? 0.6656 0.6630 0.4814 -0.0992 -0.0764 -0.3076 5   PRO A CD  
8   N N   . ASP A 3   ? 0.5104 0.4535 0.4131 -0.0375 -0.0179 -0.2050 6   ASP A N   
9   C CA  . ASP A 3   ? 0.4849 0.3967 0.4054 -0.0213 0.0064  -0.1771 6   ASP A CA  
10  C C   . ASP A 3   ? 0.4248 0.3643 0.3581 -0.0073 -0.0037 -0.1425 6   ASP A C   
11  O O   . ASP A 3   ? 0.4061 0.3606 0.3188 0.0091  -0.0082 -0.1256 6   ASP A O   
12  C CB  . ASP A 3   ? 0.5109 0.3843 0.4061 -0.0042 0.0310  -0.1731 6   ASP A CB  
13  C CG  . ASP A 3   ? 0.5134 0.3568 0.4293 0.0114  0.0529  -0.1460 6   ASP A CG  
14  O OD1 . ASP A 3   ? 0.5133 0.3774 0.4371 0.0232  0.0438  -0.1168 6   ASP A OD1 
15  O OD2 . ASP A 3   ? 0.5706 0.3686 0.4926 0.0120  0.0803  -0.1531 6   ASP A OD2 
16  N N   . PRO A 4   ? 0.4047 0.3453 0.3717 -0.0155 -0.0014 -0.1338 7   PRO A N   
17  C CA  . PRO A 4   ? 0.3660 0.3298 0.3405 -0.0072 -0.0077 -0.1070 7   PRO A CA  
18  C C   . PRO A 4   ? 0.3625 0.3033 0.3238 0.0063  0.0068  -0.0826 7   PRO A C   
19  O O   . PRO A 4   ? 0.3378 0.2879 0.3023 0.0077  0.0072  -0.0639 7   PRO A O   
20  C CB  . PRO A 4   ? 0.3582 0.3296 0.3748 -0.0239 -0.0070 -0.1111 7   PRO A CB  
21  C CG  . PRO A 4   ? 0.3854 0.3389 0.4192 -0.0425 -0.0013 -0.1416 7   PRO A CG  
22  C CD  . PRO A 4   ? 0.4245 0.3416 0.4239 -0.0342 0.0120  -0.1483 7   PRO A CD  
23  N N   . LEU A 5   ? 0.3868 0.2999 0.3344 0.0159  0.0189  -0.0828 8   LEU A N   
24  C CA  . LEU A 5   ? 0.3843 0.2861 0.3241 0.0306  0.0267  -0.0578 8   LEU A CA  
25  C C   . LEU A 5   ? 0.3756 0.2982 0.3031 0.0462  0.0221  -0.0523 8   LEU A C   
26  O O   . LEU A 5   ? 0.4045 0.3127 0.3267 0.0548  0.0317  -0.0614 8   LEU A O   
27  C CB  . LEU A 5   ? 0.4213 0.2783 0.3647 0.0350  0.0470  -0.0547 8   LEU A CB  
28  C CG  . LEU A 5   ? 0.4395 0.2736 0.3777 0.0429  0.0562  -0.0271 8   LEU A CG  
29  C CD1 . LEU A 5   ? 0.4525 0.3064 0.3821 0.0630  0.0475  -0.0011 8   LEU A CD1 
30  C CD2 . LEU A 5   ? 0.4404 0.2738 0.3762 0.0272  0.0549  -0.0217 8   LEU A CD2 
31  N N   . VAL A 6   ? 0.3444 0.2962 0.2691 0.0481  0.0128  -0.0390 9   VAL A N   
32  C CA  . VAL A 6   ? 0.3296 0.3024 0.2488 0.0604  0.0124  -0.0338 9   VAL A CA  
33  C C   . VAL A 6   ? 0.3180 0.3011 0.2476 0.0689  0.0127  -0.0131 9   VAL A C   
34  O O   . VAL A 6   ? 0.3018 0.2888 0.2301 0.0604  0.0072  -0.0020 9   VAL A O   
35  C CB  . VAL A 6   ? 0.3072 0.3064 0.2198 0.0560  0.0061  -0.0339 9   VAL A CB  
36  C CG1 . VAL A 6   ? 0.3140 0.3217 0.2131 0.0676  0.0116  -0.0375 9   VAL A CG1 
37  C CG2 . VAL A 6   ? 0.3040 0.3055 0.2176 0.0450  -0.0021 -0.0444 9   VAL A CG2 
38  N N   . LYS A 7   ? 0.3280 0.3173 0.2681 0.0846  0.0195  -0.0085 10  LYS A N   
39  C CA  . LYS A 7   ? 0.3225 0.3362 0.2836 0.0941  0.0150  0.0121  10  LYS A CA  
40  C C   . LYS A 7   ? 0.3097 0.3528 0.2868 0.1001  0.0203  0.0112  10  LYS A C   
41  O O   . LYS A 7   ? 0.3232 0.3533 0.2983 0.1094  0.0357  0.0006  10  LYS A O   
42  C CB  . LYS A 7   ? 0.3496 0.3450 0.3271 0.1125  0.0226  0.0256  10  LYS A CB  
43  C CG  . LYS A 7   ? 0.3785 0.3433 0.3432 0.1095  0.0217  0.0344  10  LYS A CG  
44  C CD  . LYS A 7   ? 0.4360 0.3966 0.4204 0.1332  0.0254  0.0621  10  LYS A CD  
45  C CE  . LYS A 7   ? 0.4631 0.3918 0.4277 0.1329  0.0261  0.0786  10  LYS A CE  
46  N NZ  . LYS A 7   ? 0.5084 0.3794 0.4698 0.1333  0.0535  0.0651  10  LYS A NZ  
47  N N   . PHE A 8   ? 0.2903 0.3691 0.2812 0.0927  0.0113  0.0196  11  PHE A N   
48  C CA  . PHE A 8   ? 0.2802 0.3876 0.2974 0.0975  0.0214  0.0184  11  PHE A CA  
49  C C   . PHE A 8   ? 0.2806 0.4344 0.3439 0.1018  0.0128  0.0326  11  PHE A C   
50  O O   . PHE A 8   ? 0.2884 0.4546 0.3887 0.1188  0.0253  0.0370  11  PHE A O   
51  C CB  . PHE A 8   ? 0.2567 0.3643 0.2565 0.0856  0.0318  0.0068  11  PHE A CB  
52  C CG  . PHE A 8   ? 0.2311 0.3411 0.2141 0.0651  0.0234  0.0059  11  PHE A CG  
53  C CD1 . PHE A 8   ? 0.2224 0.3061 0.1777 0.0597  0.0207  0.0016  11  PHE A CD1 
54  C CD2 . PHE A 8   ? 0.2103 0.3484 0.2085 0.0492  0.0221  0.0067  11  PHE A CD2 
55  C CE1 . PHE A 8   ? 0.2001 0.2813 0.1448 0.0422  0.0206  0.0015  11  PHE A CE1 
56  C CE2 . PHE A 8   ? 0.2056 0.3368 0.1847 0.0286  0.0225  0.0031  11  PHE A CE2 
57  C CZ  . PHE A 8   ? 0.2018 0.3021 0.1548 0.0267  0.0237  0.0020  11  PHE A CZ  
58  N N   . SER A 9   ? 0.2764 0.4584 0.3397 0.0852  -0.0074 0.0384  12  SER A N   
59  C CA  . SER A 9   ? 0.2853 0.5200 0.3932 0.0890  -0.0241 0.0529  12  SER A CA  
60  C C   . SER A 9   ? 0.3070 0.5428 0.3968 0.0920  -0.0494 0.0723  12  SER A C   
61  O O   . SER A 9   ? 0.3301 0.5340 0.4134 0.1124  -0.0448 0.0847  12  SER A O   
62  C CB  . SER A 9   ? 0.2710 0.5491 0.4009 0.0654  -0.0258 0.0413  12  SER A CB  
63  O OG  . SER A 9   ? 0.2783 0.5489 0.3673 0.0369  -0.0339 0.0314  12  SER A OG  
64  N N   . ASP A 10  ? 0.3124 0.5786 0.3882 0.0705  -0.0726 0.0742  13  ASP A N   
65  C CA  . ASP A 10  ? 0.3432 0.5973 0.3800 0.0700  -0.0931 0.0916  13  ASP A CA  
66  C C   . ASP A 10  ? 0.3409 0.5323 0.3210 0.0565  -0.0778 0.0792  13  ASP A C   
67  O O   . ASP A 10  ? 0.3711 0.5353 0.3122 0.0557  -0.0845 0.0913  13  ASP A O   
68  C CB  . ASP A 10  ? 0.3656 0.6756 0.3987 0.0497  -0.1254 0.0970  13  ASP A CB  
69  C CG  . ASP A 10  ? 0.3498 0.6857 0.3898 0.0153  -0.1198 0.0682  13  ASP A CG  
70  O OD1 . ASP A 10  ? 0.3111 0.6381 0.3783 0.0159  -0.0931 0.0519  13  ASP A OD1 
71  O OD2 . ASP A 10  ? 0.3889 0.7521 0.4042 -0.0133 -0.1402 0.0618  13  ASP A OD2 
72  N N   . VAL A 11  ? 0.3096 0.4791 0.2891 0.0485  -0.0556 0.0579  14  VAL A N   
73  C CA  . VAL A 11  ? 0.3056 0.4286 0.2473 0.0353  -0.0416 0.0458  14  VAL A CA  
74  C C   . VAL A 11  ? 0.3080 0.3892 0.2469 0.0527  -0.0294 0.0459  14  VAL A C   
75  O O   . VAL A 11  ? 0.2984 0.3776 0.2584 0.0680  -0.0194 0.0403  14  VAL A O   
76  C CB  . VAL A 11  ? 0.2805 0.4046 0.2244 0.0190  -0.0245 0.0263  14  VAL A CB  
77  C CG1 . VAL A 11  ? 0.2805 0.3685 0.1930 0.0027  -0.0128 0.0189  14  VAL A CG1 
78  C CG2 . VAL A 11  ? 0.2688 0.4348 0.2298 0.0020  -0.0280 0.0202  14  VAL A CG2 
79  N N   . THR A 12  ? 0.3227 0.3678 0.2340 0.0476  -0.0270 0.0494  15  THR A N   
80  C CA  . THR A 12  ? 0.3257 0.3321 0.2367 0.0534  -0.0127 0.0404  15  THR A CA  
81  C C   . THR A 12  ? 0.3154 0.3019 0.2108 0.0333  -0.0038 0.0276  15  THR A C   
82  O O   . THR A 12  ? 0.3342 0.3092 0.2067 0.0190  -0.0029 0.0327  15  THR A O   
83  C CB  . THR A 12  ? 0.3649 0.3390 0.2711 0.0677  -0.0082 0.0547  15  THR A CB  
84  O OG1 . THR A 12  ? 0.3672 0.3043 0.2488 0.0539  0.0006  0.0531  15  THR A OG1 
85  C CG2 . THR A 12  ? 0.3884 0.3864 0.2993 0.0844  -0.0228 0.0819  15  THR A CG2 
86  N N   . VAL A 13  ? 0.2948 0.2791 0.2027 0.0328  0.0029  0.0123  16  VAL A N   
87  C CA  . VAL A 13  ? 0.2861 0.2618 0.1946 0.0183  0.0107  0.0032  16  VAL A CA  
88  C C   . VAL A 13  ? 0.2980 0.2521 0.2187 0.0180  0.0149  -0.0077 16  VAL A C   
89  O O   . VAL A 13  ? 0.3004 0.2605 0.2292 0.0259  0.0110  -0.0188 16  VAL A O   
90  C CB  . VAL A 13  ? 0.2606 0.2614 0.1783 0.0187  0.0123  -0.0025 16  VAL A CB  
91  C CG1 . VAL A 13  ? 0.2458 0.2414 0.1735 0.0086  0.0213  -0.0056 16  VAL A CG1 
92  C CG2 . VAL A 13  ? 0.2420 0.2640 0.1555 0.0156  0.0131  0.0029  16  VAL A CG2 
93  N N   . ASP A 14  ? 0.3138 0.2425 0.2352 0.0062  0.0251  -0.0073 17  ASP A N   
94  C CA  . ASP A 14  ? 0.3178 0.2332 0.2628 0.0000  0.0309  -0.0216 17  ASP A CA  
95  C C   . ASP A 14  ? 0.2966 0.2352 0.2654 -0.0081 0.0304  -0.0266 17  ASP A C   
96  O O   . ASP A 14  ? 0.2958 0.2265 0.2675 -0.0177 0.0435  -0.0194 17  ASP A O   
97  C CB  . ASP A 14  ? 0.3505 0.2237 0.2924 -0.0078 0.0485  -0.0182 17  ASP A CB  
98  C CG  . ASP A 14  ? 0.3598 0.2214 0.3368 -0.0179 0.0570  -0.0376 17  ASP A CG  
99  O OD1 . ASP A 14  ? 0.3352 0.2285 0.3418 -0.0239 0.0469  -0.0512 17  ASP A OD1 
100 O OD2 . ASP A 14  ? 0.3976 0.2195 0.3742 -0.0202 0.0743  -0.0388 17  ASP A OD2 
101 N N   . LEU A 15  ? 0.2869 0.2522 0.2703 -0.0033 0.0166  -0.0379 18  LEU A N   
102 C CA  . LEU A 15  ? 0.2689 0.2664 0.2736 -0.0026 0.0104  -0.0363 18  LEU A CA  
103 C C   . LEU A 15  ? 0.2738 0.2737 0.3219 -0.0151 0.0162  -0.0417 18  LEU A C   
104 O O   . LEU A 15  ? 0.2630 0.2814 0.3381 -0.0148 0.0212  -0.0321 18  LEU A O   
105 C CB  . LEU A 15  ? 0.2720 0.2952 0.2672 0.0070  -0.0090 -0.0461 18  LEU A CB  
106 C CG  . LEU A 15  ? 0.2619 0.3101 0.2392 0.0213  -0.0159 -0.0366 18  LEU A CG  
107 C CD1 . LEU A 15  ? 0.2355 0.2746 0.1962 0.0262  -0.0012 -0.0221 18  LEU A CD1 
108 C CD2 . LEU A 15  ? 0.2887 0.3392 0.2394 0.0272  -0.0283 -0.0516 18  LEU A CD2 
109 N N   . ALA A 16  ? 0.2948 0.2745 0.3554 -0.0253 0.0199  -0.0565 19  ALA A N   
110 C CA  . ALA A 16  ? 0.2980 0.2805 0.4096 -0.0402 0.0277  -0.0663 19  ALA A CA  
111 C C   . ALA A 16  ? 0.3038 0.2535 0.4228 -0.0477 0.0578  -0.0530 19  ALA A C   
112 O O   . ALA A 16  ? 0.3020 0.2673 0.4647 -0.0522 0.0676  -0.0480 19  ALA A O   
113 C CB  . ALA A 16  ? 0.3232 0.2856 0.4425 -0.0513 0.0295  -0.0890 19  ALA A CB  
114 N N   . ALA A 17  ? 0.3198 0.2236 0.3946 -0.0478 0.0733  -0.0457 20  ALA A N   
115 C CA  . ALA A 17  ? 0.3347 0.1985 0.3926 -0.0561 0.1021  -0.0333 20  ALA A CA  
116 C C   . ALA A 17  ? 0.3227 0.1961 0.3605 -0.0541 0.1059  -0.0201 20  ALA A C   
117 O O   . ALA A 17  ? 0.3465 0.1906 0.3767 -0.0649 0.1332  -0.0138 20  ALA A O   
118 C CB  . ALA A 17  ? 0.3700 0.1878 0.3776 -0.0542 0.1109  -0.0263 20  ALA A CB  
119 N N   . ARG A 18  ? 0.2994 0.2072 0.3258 -0.0422 0.0841  -0.0176 21  ARG A N   
120 C CA  . ARG A 18  ? 0.2919 0.2045 0.2992 -0.0423 0.0922  -0.0076 21  ARG A CA  
121 C C   . ARG A 18  ? 0.3212 0.2020 0.2718 -0.0507 0.0996  -0.0027 21  ARG A C   
122 O O   . ARG A 18  ? 0.3368 0.1958 0.2669 -0.0641 0.1216  0.0004  21  ARG A O   
123 C CB  . ARG A 18  ? 0.2925 0.2020 0.3383 -0.0491 0.1184  -0.0030 21  ARG A CB  
124 C CG  . ARG A 18  ? 0.2668 0.2229 0.3666 -0.0359 0.1064  0.0006  21  ARG A CG  
125 C CD  . ARG A 18  ? 0.2794 0.2509 0.4398 -0.0393 0.1045  -0.0057 21  ARG A CD  
126 N NE  . ARG A 18  ? 0.2802 0.2857 0.5011 -0.0308 0.1111  0.0068  21  ARG A NE  
127 C CZ  . ARG A 18  ? 0.2802 0.3384 0.5250 -0.0136 0.0835  0.0139  21  ARG A CZ  
128 N NH1 . ARG A 18  ? 0.2559 0.3345 0.4647 -0.0064 0.0500  0.0055  21  ARG A NH1 
129 N NH2 . ARG A 18  ? 0.2611 0.3505 0.5648 -0.0022 0.0914  0.0317  21  ARG A NH2 
130 N N   . VAL A 19  ? 0.3336 0.2118 0.2584 -0.0431 0.0822  -0.0016 22  VAL A N   
131 C CA  . VAL A 19  ? 0.3642 0.2245 0.2367 -0.0477 0.0806  0.0074  22  VAL A CA  
132 C C   . VAL A 19  ? 0.3528 0.2452 0.2139 -0.0345 0.0551  0.0114  22  VAL A C   
133 O O   . VAL A 19  ? 0.3347 0.2455 0.2179 -0.0191 0.0419  0.0082  22  VAL A O   
134 C CB  . VAL A 19  ? 0.4061 0.2208 0.2514 -0.0511 0.0924  0.0144  22  VAL A CB  
135 C CG1 . VAL A 19  ? 0.4316 0.2069 0.2722 -0.0698 0.1256  0.0123  22  VAL A CG1 
136 C CG2 . VAL A 19  ? 0.4131 0.2220 0.2874 -0.0387 0.0887  0.0106  22  VAL A CG2 
137 N N   . ILE A 20  ? 0.3725 0.2718 0.1999 -0.0430 0.0501  0.0166  23  ILE A N   
138 C CA  . ILE A 20  ? 0.3626 0.2997 0.1910 -0.0331 0.0283  0.0201  23  ILE A CA  
139 C C   . ILE A 20  ? 0.4019 0.3444 0.1922 -0.0370 0.0128  0.0322  23  ILE A C   
140 O O   . ILE A 20  ? 0.4325 0.3611 0.1839 -0.0581 0.0187  0.0309  23  ILE A O   
141 C CB  . ILE A 20  ? 0.3320 0.2969 0.1811 -0.0375 0.0331  0.0104  23  ILE A CB  
142 C CG1 . ILE A 20  ? 0.3263 0.3277 0.1738 -0.0375 0.0178  0.0115  23  ILE A CG1 
143 C CG2 . ILE A 20  ? 0.3458 0.2887 0.1884 -0.0577 0.0593  0.0038  23  ILE A CG2 
144 C CD1 . ILE A 20  ? 0.3186 0.3404 0.1893 -0.0383 0.0283  0.0030  23  ILE A CD1 
145 N N   . HIS A 21  ? 0.4032 0.3664 0.2050 -0.0159 -0.0065 0.0446  24  HIS A N   
146 C CA  . HIS A 21  ? 0.4400 0.4214 0.2168 -0.0115 -0.0282 0.0629  24  HIS A CA  
147 C C   . HIS A 21  ? 0.4230 0.4637 0.2316 -0.0045 -0.0494 0.0642  24  HIS A C   
148 O O   . HIS A 21  ? 0.3887 0.4450 0.2399 0.0125  -0.0468 0.0606  24  HIS A O   
149 C CB  . HIS A 21  ? 0.4706 0.4225 0.2407 0.0111  -0.0275 0.0835  24  HIS A CB  
150 C CG  . HIS A 21  ? 0.4831 0.3760 0.2286 0.0025  -0.0022 0.0810  24  HIS A CG  
151 N ND1 . HIS A 21  ? 0.5383 0.3970 0.2284 -0.0056 0.0028  0.0950  24  HIS A ND1 
152 C CD2 . HIS A 21  ? 0.4481 0.3129 0.2190 -0.0008 0.0201  0.0652  24  HIS A CD2 
153 C CE1 . HIS A 21  ? 0.5501 0.3570 0.2365 -0.0132 0.0325  0.0878  24  HIS A CE1 
154 N NE2 . HIS A 21  ? 0.4919 0.3065 0.2322 -0.0110 0.0414  0.0691  24  HIS A NE2 
155 N N   . ARG A 22  ? 0.4554 0.5285 0.2422 -0.0206 -0.0687 0.0670  25  ARG A N   
156 C CA  . ARG A 22  ? 0.4449 0.5829 0.2682 -0.0187 -0.0910 0.0679  25  ARG A CA  
157 C C   . ARG A 22  ? 0.5039 0.6754 0.2937 -0.0296 -0.1227 0.0816  25  ARG A C   
158 O O   . ARG A 22  ? 0.5502 0.7037 0.2847 -0.0592 -0.1212 0.0711  25  ARG A O   
159 C CB  . ARG A 22  ? 0.4081 0.5625 0.2525 -0.0414 -0.0760 0.0410  25  ARG A CB  
160 C CG  . ARG A 22  ? 0.4047 0.6244 0.2784 -0.0549 -0.0953 0.0347  25  ARG A CG  
161 C CD  . ARG A 22  ? 0.3747 0.6019 0.2782 -0.0718 -0.0703 0.0097  25  ARG A CD  
162 N NE  . ARG A 22  ? 0.3804 0.6728 0.3300 -0.0801 -0.0854 0.0039  25  ARG A NE  
163 C CZ  . ARG A 22  ? 0.3934 0.7128 0.3423 -0.1169 -0.0847 -0.0183 25  ARG A CZ  
164 N NH1 . ARG A 22  ? 0.4093 0.6900 0.3092 -0.1490 -0.0651 -0.0373 25  ARG A NH1 
165 N NH2 . ARG A 22  ? 0.3800 0.7652 0.3833 -0.1232 -0.0999 -0.0235 25  ARG A NH2 
166 N N   . GLY A 23  ? 0.8823 0.9055 0.4011 0.4778  -0.2069 0.1104  26  GLY A N   
167 C CA  . GLY A 23  ? 0.9158 0.9127 0.4450 0.5397  -0.1901 0.1258  26  GLY A CA  
168 C C   . GLY A 23  ? 1.0616 0.9907 0.4965 0.6197  -0.1941 0.1667  26  GLY A C   
169 O O   . GLY A 23  ? 1.1001 1.1189 0.5552 0.6892  -0.2195 0.1903  26  GLY A O   
170 N N   . GLU A 24  ? 1.1488 0.9220 0.4796 0.6125  -0.1675 0.1767  27  GLU A N   
171 C CA  . GLU A 24  ? 1.1057 0.7957 0.4254 0.5315  -0.1386 0.1490  27  GLU A CA  
172 C C   . GLU A 24  ? 1.1778 0.7821 0.4004 0.5080  -0.1360 0.1565  27  GLU A C   
173 O O   . GLU A 24  ? 1.3100 0.8241 0.4286 0.5564  -0.1318 0.1866  27  GLU A O   
174 C CB  . GLU A 24  ? 1.1032 0.6845 0.4227 0.5156  -0.0895 0.1361  27  GLU A CB  
175 C CG  . GLU A 24  ? 1.2594 0.6633 0.4608 0.5423  -0.0483 0.1544  27  GLU A CG  
176 C CD  . GLU A 24  ? 1.2771 0.5960 0.4832 0.5246  -0.0031 0.1382  27  GLU A CD  
177 O OE1 . GLU A 24  ? 1.3015 0.6569 0.5455 0.5629  -0.0014 0.1409  27  GLU A OE1 
178 O OE2 . GLU A 24  ? 1.2951 0.5156 0.4670 0.4697  0.0318  0.1212  27  GLU A OE2 
179 N N   . GLU A 25  ? 1.0969 0.7298 0.3533 0.4346  -0.1359 0.1292  28  GLU A N   
180 C CA  . GLU A 25  ? 1.1370 0.6721 0.3208 0.3888  -0.1142 0.1234  28  GLU A CA  
181 C C   . GLU A 25  ? 1.0141 0.5670 0.2814 0.3171  -0.0900 0.0888  28  GLU A C   
182 O O   . GLU A 25  ? 0.9115 0.5606 0.2743 0.3080  -0.1011 0.0742  28  GLU A O   
183 C CB  . GLU A 25  ? 1.1822 0.7746 0.3212 0.3835  -0.1519 0.1306  28  GLU A CB  
184 C CG  . GLU A 25  ? 1.0967 0.8645 0.3267 0.3723  -0.1954 0.1170  28  GLU A CG  
185 C CD  . GLU A 25  ? 1.1027 0.9112 0.3095 0.3143  -0.2114 0.1000  28  GLU A CD  
186 O OE1 . GLU A 25  ? 1.0368 0.8221 0.2771 0.2488  -0.1818 0.0711  28  GLU A OE1 
187 O OE2 . GLU A 25  ? 1.1774 1.0412 0.3295 0.3351  -0.2523 0.1161  28  GLU A OE2 
188 N N   . GLU A 26  ? 1.0284 0.4914 0.2615 0.2694  -0.0551 0.0773  29  GLU A N   
189 C CA  . GLU A 26  ? 0.9267 0.4027 0.2415 0.2142  -0.0282 0.0509  29  GLU A CA  
190 C C   . GLU A 26  ? 0.8350 0.4187 0.2241 0.1778  -0.0455 0.0322  29  GLU A C   
191 O O   . GLU A 26  ? 0.8644 0.4503 0.2160 0.1528  -0.0499 0.0276  29  GLU A O   
192 C CB  . GLU A 26  ? 0.9709 0.3337 0.2401 0.1750  0.0178  0.0437  29  GLU A CB  
193 C CG  . GLU A 26  ? 0.9037 0.2671 0.2506 0.1409  0.0474  0.0262  29  GLU A CG  
194 C CD  . GLU A 26  ? 0.9357 0.2365 0.2760 0.0919  0.0904  0.0137  29  GLU A CD  
195 O OE1 . GLU A 26  ? 1.0424 0.2542 0.2913 0.0873  0.1092  0.0197  29  GLU A OE1 
196 O OE2 . GLU A 26  ? 0.8612 0.2034 0.2874 0.0602  0.1067  -0.0008 29  GLU A OE2 
197 N N   . VAL A 27  ? 0.7321 0.3933 0.2151 0.1723  -0.0509 0.0206  30  VAL A N   
198 C CA  . VAL A 27  ? 0.6523 0.3873 0.2028 0.1308  -0.0514 0.0009  30  VAL A CA  
199 C C   . VAL A 27  ? 0.6241 0.3059 0.2023 0.0906  -0.0105 -0.0100 30  VAL A C   
200 O O   . VAL A 27  ? 0.6033 0.2572 0.2099 0.0930  0.0063  -0.0088 30  VAL A O   
201 C CB  . VAL A 27  ? 0.5658 0.3981 0.2008 0.1404  -0.0689 -0.0060 30  VAL A CB  
202 C CG1 . VAL A 27  ? 0.5047 0.3970 0.1875 0.0974  -0.0654 -0.0252 30  VAL A CG1 
203 C CG2 . VAL A 27  ? 0.5946 0.4903 0.2217 0.1882  -0.1046 0.0061  30  VAL A CG2 
204 N N   . HIS A 28  ? 0.6325 0.3050 0.2036 0.0530  0.0070  -0.0210 31  HIS A N   
205 C CA  . HIS A 28  ? 0.6124 0.2431 0.2168 0.0215  0.0493  -0.0284 31  HIS A CA  
206 C C   . HIS A 28  ? 0.5264 0.2189 0.2173 0.0064  0.0567  -0.0372 31  HIS A C   
207 O O   . HIS A 28  ? 0.5244 0.2526 0.2201 -0.0110 0.0538  -0.0473 31  HIS A O   
208 C CB  . HIS A 28  ? 0.6806 0.2451 0.2213 -0.0071 0.0766  -0.0337 31  HIS A CB  
209 C CG  . HIS A 28  ? 0.7933 0.2746 0.2428 0.0048  0.0804  -0.0231 31  HIS A CG  
210 N ND1 . HIS A 28  ? 0.8390 0.2534 0.2826 0.0055  0.1092  -0.0188 31  HIS A ND1 
211 C CD2 . HIS A 28  ? 0.8988 0.3509 0.2530 0.0163  0.0598  -0.0150 31  HIS A CD2 
212 C CE1 . HIS A 28  ? 0.9454 0.2784 0.2879 0.0164  0.1118  -0.0089 31  HIS A CE1 
213 N NE2 . HIS A 28  ? 0.9830 0.3375 0.2687 0.0271  0.0798  -0.0039 31  HIS A NE2 
214 N N   . LEU A 29  ? 0.4734 0.1753 0.2251 0.0108  0.0673  -0.0337 32  LEU A N   
215 C CA  . LEU A 29  ? 0.4076 0.1595 0.2346 0.0020  0.0760  -0.0365 32  LEU A CA  
216 C C   . LEU A 29  ? 0.4066 0.1310 0.2671 -0.0160 0.1172  -0.0351 32  LEU A C   
217 O O   . LEU A 29  ? 0.4362 0.1149 0.2831 -0.0228 0.1388  -0.0330 32  LEU A O   
218 C CB  . LEU A 29  ? 0.3523 0.1510 0.2291 0.0204  0.0555  -0.0315 32  LEU A CB  
219 C CG  . LEU A 29  ? 0.3427 0.1932 0.2209 0.0407  0.0219  -0.0333 32  LEU A CG  
220 C CD1 . LEU A 29  ? 0.2985 0.1877 0.2330 0.0464  0.0166  -0.0308 32  LEU A CD1 
221 C CD2 . LEU A 29  ? 0.3565 0.2467 0.2278 0.0294  0.0142  -0.0432 32  LEU A CD2 
222 N N   . THR A 30  ? 0.3736 0.1259 0.2777 -0.0221 0.1315  -0.0356 33  THR A N   
223 C CA  . THR A 30  ? 0.3686 0.1087 0.3183 -0.0277 0.1717  -0.0293 33  THR A CA  
224 C C   . THR A 30  ? 0.3164 0.1068 0.3358 -0.0124 0.1597  -0.0168 33  THR A C   
225 O O   . THR A 30  ? 0.2774 0.1071 0.3061 -0.0015 0.1257  -0.0159 33  THR A O   
226 C CB  . THR A 30  ? 0.3737 0.1108 0.3252 -0.0363 0.1932  -0.0333 33  THR A CB  
227 O OG1 . THR A 30  ? 0.4385 0.1095 0.3420 -0.0580 0.2331  -0.0421 33  THR A OG1 
228 C CG2 . THR A 30  ? 0.3404 0.1086 0.3618 -0.0200 0.2089  -0.0182 33  THR A CG2 
229 N N   . PRO A 31  ? 0.3169 0.1108 0.3833 -0.0141 0.1875  -0.0086 34  PRO A N   
230 C CA  . PRO A 31  ? 0.2810 0.1373 0.4153 -0.0063 0.1743  0.0022  34  PRO A CA  
231 C C   . PRO A 31  ? 0.2414 0.1547 0.4156 0.0114  0.1516  0.0135  34  PRO A C   
232 O O   . PRO A 31  ? 0.2172 0.1757 0.4133 0.0135  0.1224  0.0165  34  PRO A O   
233 C CB  . PRO A 31  ? 0.2910 0.1552 0.4792 -0.0084 0.2159  0.0107  34  PRO A CB  
234 C CG  . PRO A 31  ? 0.3424 0.1295 0.4723 -0.0246 0.2476  -0.0012 34  PRO A CG  
235 C CD  . PRO A 31  ? 0.3658 0.1111 0.4244 -0.0259 0.2346  -0.0103 34  PRO A CD  
236 N N   . ILE A 32  ? 0.2529 0.1536 0.4266 0.0201  0.1700  0.0182  35  ILE A N   
237 C CA  . ILE A 32  ? 0.2317 0.1647 0.4255 0.0354  0.1579  0.0285  35  ILE A CA  
238 C C   . ILE A 32  ? 0.2167 0.1570 0.3707 0.0300  0.1222  0.0147  35  ILE A C   
239 O O   . ILE A 32  ? 0.1964 0.1771 0.3679 0.0385  0.0961  0.0200  35  ILE A O   
240 C CB  . ILE A 32  ? 0.2697 0.1606 0.4535 0.0400  0.1996  0.0332  35  ILE A CB  
241 C CG1 . ILE A 32  ? 0.3071 0.1900 0.5364 0.0551  0.2432  0.0506  35  ILE A CG1 
242 C CG2 . ILE A 32  ? 0.2666 0.1726 0.4522 0.0520  0.1920  0.0414  35  ILE A CG2 
243 C CD1 . ILE A 32  ? 0.3390 0.1701 0.5435 0.0357  0.2758  0.0371  35  ILE A CD1 
244 N N   . GLU A 33  ? 0.2380 0.1436 0.3382 0.0164  0.1218  -0.0026 36  GLU A N   
245 C CA  . GLU A 33  ? 0.2176 0.1411 0.2862 0.0158  0.0887  -0.0150 36  GLU A CA  
246 C C   . GLU A 33  ? 0.2023 0.1427 0.2720 0.0253  0.0600  -0.0140 36  GLU A C   
247 O O   . GLU A 33  ? 0.1857 0.1505 0.2470 0.0335  0.0358  -0.0187 36  GLU A O   
248 C CB  . GLU A 33  ? 0.2541 0.1481 0.2664 0.0016  0.0902  -0.0302 36  GLU A CB  
249 C CG  . GLU A 33  ? 0.2704 0.1529 0.2625 -0.0180 0.1112  -0.0410 36  GLU A CG  
250 C CD  . GLU A 33  ? 0.3250 0.1729 0.2572 -0.0396 0.1182  -0.0549 36  GLU A CD  
251 O OE1 . GLU A 33  ? 0.3541 0.1877 0.2567 -0.0330 0.1021  -0.0537 36  GLU A OE1 
252 O OE2 . GLU A 33  ? 0.3752 0.2025 0.2802 -0.0655 0.1421  -0.0674 36  GLU A OE2 
253 N N   . PHE A 34  ? 0.2165 0.1383 0.2913 0.0214  0.0680  -0.0100 37  PHE A N   
254 C CA  . PHE A 34  ? 0.2163 0.1386 0.2806 0.0227  0.0493  -0.0120 37  PHE A CA  
255 C C   . PHE A 34  ? 0.1842 0.1551 0.2937 0.0223  0.0365  -0.0046 37  PHE A C   
256 O O   . PHE A 34  ? 0.1837 0.1590 0.2752 0.0237  0.0172  -0.0096 37  PHE A O   
257 C CB  . PHE A 34  ? 0.2547 0.1284 0.2907 0.0106  0.0650  -0.0156 37  PHE A CB  
258 C CG  . PHE A 34  ? 0.2863 0.1437 0.2971 0.0070  0.0531  -0.0206 37  PHE A CG  
259 C CD1 . PHE A 34  ? 0.3098 0.1240 0.2567 0.0227  0.0417  -0.0251 37  PHE A CD1 
260 C CD2 . PHE A 34  ? 0.2553 0.1444 0.3048 -0.0113 0.0538  -0.0203 37  PHE A CD2 
261 C CE1 . PHE A 34  ? 0.3456 0.1266 0.2582 0.0209  0.0396  -0.0300 37  PHE A CE1 
262 C CE2 . PHE A 34  ? 0.2963 0.1608 0.3110 -0.0230 0.0476  -0.0294 37  PHE A CE2 
263 C CZ  . PHE A 34  ? 0.3398 0.1402 0.2818 -0.0065 0.0444  -0.0346 37  PHE A CZ  
264 N N   . ARG A 35  ? 0.1616 0.1677 0.3245 0.0221  0.0480  0.0086  38  ARG A N   
265 C CA  . ARG A 35  ? 0.1442 0.2058 0.3455 0.0226  0.0304  0.0189  38  ARG A CA  
266 C C   . ARG A 35  ? 0.1298 0.2039 0.3174 0.0343  0.0131  0.0198  38  ARG A C   
267 O O   . ARG A 35  ? 0.1260 0.2282 0.3147 0.0312  -0.0076 0.0215  38  ARG A O   
268 C CB  . ARG A 35  ? 0.1359 0.2420 0.4009 0.0288  0.0454  0.0383  38  ARG A CB  
269 C CG  . ARG A 35  ? 0.1504 0.3293 0.4567 0.0324  0.0218  0.0543  38  ARG A CG  
270 C CD  . ARG A 35  ? 0.2007 0.3982 0.4869 0.0060  -0.0054 0.0403  38  ARG A CD  
271 N NE  . ARG A 35  ? 0.2273 0.5008 0.5465 0.0036  -0.0313 0.0550  38  ARG A NE  
272 C CZ  . ARG A 35  ? 0.2560 0.5408 0.5424 -0.0164 -0.0575 0.0452  38  ARG A CZ  
273 N NH1 . ARG A 35  ? 0.2790 0.4994 0.5023 -0.0302 -0.0570 0.0218  38  ARG A NH1 
274 N NH2 . ARG A 35  ? 0.2409 0.5995 0.5527 -0.0204 -0.0831 0.0601  38  ARG A NH2 
275 N N   . LEU A 36  ? 0.1272 0.1786 0.2966 0.0420  0.0241  0.0160  39  LEU A N   
276 C CA  . LEU A 36  ? 0.1188 0.1800 0.2736 0.0478  0.0140  0.0125  39  LEU A CA  
277 C C   . LEU A 36  ? 0.1219 0.1766 0.2422 0.0478  -0.0045 -0.0036 39  LEU A C   
278 O O   . LEU A 36  ? 0.1331 0.2038 0.2475 0.0501  -0.0182 -0.0054 39  LEU A O   
279 C CB  . LEU A 36  ? 0.1305 0.1733 0.2768 0.0473  0.0366  0.0098  39  LEU A CB  
280 C CG  . LEU A 36  ? 0.1215 0.1728 0.2484 0.0442  0.0334  -0.0016 39  LEU A CG  
281 C CD1 . LEU A 36  ? 0.0988 0.1667 0.2358 0.0512  0.0295  0.0109  39  LEU A CD1 
282 C CD2 . LEU A 36  ? 0.1327 0.1598 0.2427 0.0306  0.0602  -0.0110 39  LEU A CD2 
283 N N   . LEU A 37  ? 0.1362 0.1637 0.2288 0.0485  -0.0029 -0.0134 40  LEU A N   
284 C CA  . LEU A 37  ? 0.1514 0.1678 0.2097 0.0588  -0.0174 -0.0231 40  LEU A CA  
285 C C   . LEU A 37  ? 0.1631 0.1724 0.2154 0.0536  -0.0248 -0.0225 40  LEU A C   
286 O O   . LEU A 37  ? 0.1807 0.1973 0.2213 0.0598  -0.0332 -0.0274 40  LEU A O   
287 C CB  . LEU A 37  ? 0.1829 0.1633 0.2043 0.0651  -0.0147 -0.0271 40  LEU A CB  
288 C CG  . LEU A 37  ? 0.2307 0.1905 0.2094 0.0878  -0.0256 -0.0311 40  LEU A CG  
289 C CD1 . LEU A 37  ? 0.2083 0.2162 0.1953 0.1052  -0.0380 -0.0365 40  LEU A CD1 
290 C CD2 . LEU A 37  ? 0.2682 0.1792 0.2002 0.0950  -0.0208 -0.0287 40  LEU A CD2 
291 N N   . ALA A 38  ? 0.1703 0.1685 0.2306 0.0375  -0.0190 -0.0188 41  ALA A N   
292 C CA  . ALA A 38  ? 0.1915 0.1872 0.2414 0.0207  -0.0255 -0.0226 41  ALA A CA  
293 C C   . ALA A 38  ? 0.1751 0.2112 0.2385 0.0177  -0.0404 -0.0192 41  ALA A C   
294 O O   . ALA A 38  ? 0.1993 0.2174 0.2268 0.0143  -0.0455 -0.0288 41  ALA A O   
295 C CB  . ALA A 38  ? 0.1955 0.2003 0.2704 -0.0035 -0.0170 -0.0195 41  ALA A CB  
296 N N   . VAL A 39  ? 0.1371 0.2181 0.2442 0.0204  -0.0431 -0.0043 42  VAL A N   
297 C CA  . VAL A 39  ? 0.1250 0.2403 0.2387 0.0197  -0.0566 0.0041  42  VAL A CA  
298 C C   . VAL A 39  ? 0.1358 0.2284 0.2123 0.0289  -0.0568 -0.0085 42  VAL A C   
299 O O   . VAL A 39  ? 0.1607 0.2487 0.2086 0.0195  -0.0650 -0.0147 42  VAL A O   
300 C CB  . VAL A 39  ? 0.0978 0.2457 0.2530 0.0334  -0.0511 0.0259  42  VAL A CB  
301 C CG1 . VAL A 39  ? 0.0953 0.2556 0.2384 0.0406  -0.0581 0.0347  42  VAL A CG1 
302 C CG2 . VAL A 39  ? 0.0871 0.2772 0.2866 0.0280  -0.0544 0.0418  42  VAL A CG2 
303 N N   . LEU A 40  ? 0.1202 0.2017 0.1970 0.0445  -0.0463 -0.0139 43  LEU A N   
304 C CA  . LEU A 40  ? 0.1223 0.2008 0.1795 0.0562  -0.0439 -0.0259 43  LEU A CA  
305 C C   . LEU A 40  ? 0.1548 0.2017 0.1746 0.0627  -0.0445 -0.0381 43  LEU A C   
306 O O   . LEU A 40  ? 0.1697 0.2131 0.1699 0.0655  -0.0426 -0.0455 43  LEU A O   
307 C CB  . LEU A 40  ? 0.1086 0.1965 0.1786 0.0657  -0.0354 -0.0303 43  LEU A CB  
308 C CG  . LEU A 40  ? 0.0903 0.1949 0.1815 0.0587  -0.0238 -0.0247 43  LEU A CG  
309 C CD1 . LEU A 40  ? 0.0780 0.1824 0.1719 0.0568  -0.0146 -0.0316 43  LEU A CD1 
310 C CD2 . LEU A 40  ? 0.0897 0.2104 0.1750 0.0570  -0.0195 -0.0307 43  LEU A CD2 
311 N N   . LEU A 41  ? 0.1747 0.1888 0.1779 0.0663  -0.0415 -0.0398 44  LEU A N   
312 C CA  . LEU A 41  ? 0.2346 0.1965 0.1897 0.0740  -0.0344 -0.0484 44  LEU A CA  
313 C C   . LEU A 41  ? 0.2731 0.2126 0.1989 0.0486  -0.0334 -0.0549 44  LEU A C   
314 O O   . LEU A 41  ? 0.3220 0.2242 0.2063 0.0561  -0.0228 -0.0646 44  LEU A O   
315 C CB  . LEU A 41  ? 0.2610 0.1794 0.1945 0.0762  -0.0273 -0.0465 44  LEU A CB  
316 C CG  . LEU A 41  ? 0.2663 0.1837 0.1953 0.1065  -0.0275 -0.0425 44  LEU A CG  
317 C CD1 . LEU A 41  ? 0.2936 0.1536 0.1868 0.1048  -0.0178 -0.0392 44  LEU A CD1 
318 C CD2 . LEU A 41  ? 0.2947 0.2086 0.2021 0.1420  -0.0259 -0.0451 44  LEU A CD2 
319 N N   . ASN A 42  ? 0.2627 0.2288 0.2097 0.0186  -0.0433 -0.0496 45  ASN A N   
320 C CA  . ASN A 42  ? 0.3026 0.2660 0.2235 -0.0152 -0.0490 -0.0560 45  ASN A CA  
321 C C   . ASN A 42  ? 0.2970 0.2853 0.2115 -0.0173 -0.0580 -0.0548 45  ASN A C   
322 O O   . ASN A 42  ? 0.3404 0.3195 0.2178 -0.0460 -0.0626 -0.0627 45  ASN A O   
323 C CB  . ASN A 42  ? 0.2903 0.2950 0.2452 -0.0454 -0.0602 -0.0490 45  ASN A CB  
324 C CG  . ASN A 42  ? 0.3388 0.3016 0.2800 -0.0574 -0.0442 -0.0569 45  ASN A CG  
325 O OD1 . ASN A 42  ? 0.4112 0.2993 0.2906 -0.0624 -0.0259 -0.0718 45  ASN A OD1 
326 N ND2 . ASN A 42  ? 0.3132 0.3143 0.3059 -0.0607 -0.0452 -0.0464 45  ASN A ND2 
327 N N   . ASN A 43  ? 0.2552 0.2716 0.1992 0.0076  -0.0583 -0.0468 46  ASN A N   
328 C CA  . ASN A 43  ? 0.2625 0.2890 0.1920 0.0081  -0.0586 -0.0475 46  ASN A CA  
329 C C   . ASN A 43  ? 0.2608 0.2718 0.1832 0.0348  -0.0402 -0.0588 46  ASN A C   
330 O O   . ASN A 43  ? 0.2499 0.2805 0.1793 0.0397  -0.0348 -0.0589 46  ASN A O   
331 C CB  . ASN A 43  ? 0.2268 0.3007 0.1914 0.0080  -0.0703 -0.0277 46  ASN A CB  
332 C CG  . ASN A 43  ? 0.2324 0.3398 0.2112 -0.0119 -0.0907 -0.0131 46  ASN A CG  
333 O OD1 . ASN A 43  ? 0.2705 0.3921 0.2231 -0.0312 -0.1058 -0.0092 46  ASN A OD1 
334 N ND2 . ASN A 43  ? 0.1973 0.3231 0.2179 -0.0084 -0.0913 -0.0052 46  ASN A ND2 
335 N N   . ALA A 44  ? 0.2783 0.2561 0.1864 0.0527  -0.0288 -0.0672 47  ALA A N   
336 C CA  . ALA A 44  ? 0.2880 0.2644 0.1965 0.0853  -0.0131 -0.0752 47  ALA A CA  
337 C C   . ALA A 44  ? 0.3099 0.2914 0.2052 0.0837  -0.0004 -0.0841 47  ALA A C   
338 O O   . ALA A 44  ? 0.3641 0.3043 0.2106 0.0644  0.0067  -0.0912 47  ALA A O   
339 C CB  . ALA A 44  ? 0.3465 0.2628 0.2140 0.1048  0.0015  -0.0805 47  ALA A CB  
340 N N   . GLY A 45  ? 0.2787 0.3097 0.2127 0.0981  0.0051  -0.0862 48  GLY A N   
341 C CA  . GLY A 45  ? 0.3071 0.3432 0.2311 0.0986  0.0247  -0.0973 48  GLY A CA  
342 C C   . GLY A 45  ? 0.3114 0.3476 0.2190 0.0679  0.0226  -0.0940 48  GLY A C   
343 O O   . GLY A 45  ? 0.3275 0.3700 0.2287 0.0653  0.0418  -0.1033 48  GLY A O   
344 N N   . LYS A 46  ? 0.3068 0.3374 0.2068 0.0472  0.0009  -0.0794 49  LYS A N   
345 C CA  . LYS A 46  ? 0.3190 0.3516 0.2007 0.0257  -0.0061 -0.0680 49  LYS A CA  
346 C C   . LYS A 46  ? 0.2747 0.3408 0.1979 0.0304  -0.0037 -0.0576 49  LYS A C   
347 O O   . LYS A 46  ? 0.2340 0.3207 0.1965 0.0399  -0.0096 -0.0535 49  LYS A O   
348 C CB  . LYS A 46  ? 0.3355 0.3614 0.1967 0.0061  -0.0322 -0.0540 49  LYS A CB  
349 C CG  . LYS A 46  ? 0.4145 0.3999 0.2108 -0.0172 -0.0332 -0.0655 49  LYS A CG  
350 C CD  . LYS A 46  ? 0.4349 0.4248 0.2223 -0.0411 -0.0573 -0.0604 49  LYS A CD  
351 C CE  . LYS A 46  ? 0.4395 0.4872 0.2668 -0.0441 -0.0855 -0.0335 49  LYS A CE  
352 N NZ  . LYS A 46  ? 0.4543 0.5275 0.2741 -0.0749 -0.1113 -0.0295 49  LYS A NZ  
353 N N   . VAL A 47  ? 0.2951 0.3561 0.2002 0.0212  0.0096  -0.0546 50  VAL A N   
354 C CA  . VAL A 47  ? 0.2818 0.3553 0.2110 0.0207  0.0198  -0.0453 50  VAL A CA  
355 C C   . VAL A 47  ? 0.2879 0.3518 0.2091 0.0214  0.0036  -0.0153 50  VAL A C   
356 O O   . VAL A 47  ? 0.3339 0.3814 0.2139 0.0161  -0.0062 -0.0007 50  VAL A O   
357 C CB  . VAL A 47  ? 0.3006 0.3733 0.2219 0.0105  0.0533  -0.0611 50  VAL A CB  
358 C CG1 . VAL A 47  ? 0.3591 0.4209 0.2510 0.0070  0.0669  -0.0790 50  VAL A CG1 
359 C CG2 . VAL A 47  ? 0.3334 0.3752 0.2261 0.0007  0.0679  -0.0440 50  VAL A CG2 
360 N N   . LEU A 48  ? 0.3054 0.2975 0.2643 -0.0534 0.0430  -0.0285 51  LEU A N   
361 C CA  . LEU A 48  ? 0.3014 0.2851 0.2319 -0.0554 0.0258  0.0147  51  LEU A CA  
362 C C   . LEU A 48  ? 0.2980 0.2736 0.2285 -0.0515 0.0165  0.0356  51  LEU A C   
363 O O   . LEU A 48  ? 0.2868 0.2608 0.2452 -0.0373 0.0201  0.0204  51  LEU A O   
364 C CB  . LEU A 48  ? 0.2861 0.2513 0.2193 -0.0275 0.0148  0.0231  51  LEU A CB  
365 C CG  . LEU A 48  ? 0.3103 0.2482 0.2202 -0.0314 0.0266  0.0070  51  LEU A CG  
366 C CD1 . LEU A 48  ? 0.3251 0.2235 0.2173 -0.0121 0.0201  0.0149  51  LEU A CD1 
367 C CD2 . LEU A 48  ? 0.3113 0.2726 0.1930 -0.0728 0.0390  0.0065  51  LEU A CD2 
368 N N   . THR A 49  ? 0.3246 0.2914 0.2198 -0.0625 0.0025  0.0683  52  THR A N   
369 C CA  . THR A 49  ? 0.3498 0.2806 0.2270 -0.0572 -0.0061 0.0917  52  THR A CA  
370 C C   . THR A 49  ? 0.3175 0.2487 0.2349 -0.0152 -0.0222 0.1022  52  THR A C   
371 O O   . THR A 49  ? 0.2810 0.2415 0.2242 0.0008  -0.0292 0.0975  52  THR A O   
372 C CB  . THR A 49  ? 0.4276 0.3293 0.2351 -0.0759 -0.0249 0.1268  52  THR A CB  
373 O OG1 . THR A 49  ? 0.4127 0.3501 0.2332 -0.0505 -0.0564 0.1447  52  THR A OG1 
374 C CG2 . THR A 49  ? 0.4630 0.3645 0.2165 -0.1310 -0.0043 0.1132  52  THR A CG2 
375 N N   . GLN A 50  ? 0.3405 0.2336 0.2563 -0.0057 -0.0211 0.1109  53  GLN A N   
376 C CA  . GLN A 50  ? 0.3168 0.2088 0.2715 0.0291  -0.0307 0.1150  53  GLN A CA  
377 C C   . GLN A 50  ? 0.3240 0.2399 0.2909 0.0533  -0.0577 0.1326  53  GLN A C   
378 O O   . GLN A 50  ? 0.2896 0.2417 0.3002 0.0700  -0.0587 0.1183  53  GLN A O   
379 C CB  . GLN A 50  ? 0.3607 0.1965 0.3026 0.0293  -0.0201 0.1191  53  GLN A CB  
380 C CG  . GLN A 50  ? 0.3599 0.2037 0.3101 0.0034  0.0083  0.0853  53  GLN A CG  
381 C CD  . GLN A 50  ? 0.4458 0.2280 0.3603 -0.0216 0.0314  0.0820  53  GLN A CD  
382 O OE1 . GLN A 50  ? 0.4597 0.2587 0.3746 -0.0567 0.0590  0.0464  53  GLN A OE1 
383 N NE2 . GLN A 50  ? 0.4961 0.2063 0.3804 -0.0044 0.0222  0.1123  53  GLN A NE2 
384 N N   . ARG A 51  ? 0.3819 0.2832 0.3074 0.0521  -0.0805 0.1582  54  ARG A N   
385 C CA  . ARG A 51  ? 0.3902 0.3405 0.3401 0.0801  -0.1141 0.1655  54  ARG A CA  
386 C C   . ARG A 51  ? 0.3298 0.3595 0.3080 0.0610  -0.1055 0.1392  54  ARG A C   
387 O O   . ARG A 51  ? 0.3040 0.3898 0.3348 0.0764  -0.1092 0.1186  54  ARG A O   
388 C CB  . ARG A 51  ? 0.4917 0.4049 0.3799 0.0911  -0.1530 0.2019  54  ARG A CB  
389 C CG  . ARG A 51  ? 0.5055 0.4693 0.3576 0.0651  -0.1705 0.2058  54  ARG A CG  
390 C CD  . ARG A 51  ? 0.6372 0.5362 0.3943 0.0688  -0.2104 0.2485  54  ARG A CD  
391 N NE  . ARG A 51  ? 0.6952 0.4892 0.3596 0.0234  -0.1808 0.2644  54  ARG A NE  
392 C CZ  . ARG A 51  ? 0.6514 0.4564 0.2948 -0.0361 -0.1379 0.2414  54  ARG A CZ  
393 N NH1 . ARG A 51  ? 0.5438 0.4388 0.2423 -0.0517 -0.1218 0.2091  54  ARG A NH1 
394 N NH2 . ARG A 51  ? 0.7224 0.4457 0.2903 -0.0818 -0.1071 0.2440  54  ARG A NH2 
395 N N   . GLN A 52  ? 0.3229 0.3519 0.2641 0.0227  -0.0874 0.1329  55  GLN A N   
396 C CA  . GLN A 52  ? 0.2860 0.3618 0.2370 -0.0010 -0.0708 0.1065  55  GLN A CA  
397 C C   . GLN A 52  ? 0.2432 0.3202 0.2282 0.0075  -0.0521 0.0839  55  GLN A C   
398 O O   . GLN A 52  ? 0.2284 0.3466 0.2257 -0.0056 -0.0444 0.0624  55  GLN A O   
399 C CB  . GLN A 52  ? 0.2935 0.3456 0.2068 -0.0360 -0.0460 0.0963  55  GLN A CB  
400 C CG  . GLN A 52  ? 0.3448 0.4258 0.2179 -0.0695 -0.0517 0.0986  55  GLN A CG  
401 C CD  . GLN A 52  ? 0.3765 0.4343 0.2216 -0.1054 -0.0202 0.0789  55  GLN A CD  
402 O OE1 . GLN A 52  ? 0.3760 0.3985 0.2141 -0.1093 -0.0078 0.0765  55  GLN A OE1 
403 N NE2 . GLN A 52  ? 0.3699 0.4520 0.2032 -0.1355 -0.0025 0.0558  55  GLN A NE2 
404 N N   . LEU A 53  ? 0.2301 0.2612 0.2211 0.0221  -0.0427 0.0854  56  LEU A N   
405 C CA  . LEU A 53  ? 0.2139 0.2281 0.2134 0.0261  -0.0275 0.0680  56  LEU A CA  
406 C C   . LEU A 53  ? 0.2016 0.2470 0.2416 0.0398  -0.0307 0.0586  56  LEU A C   
407 O O   . LEU A 53  ? 0.2033 0.2560 0.2404 0.0244  -0.0143 0.0366  56  LEU A O   
408 C CB  . LEU A 53  ? 0.2093 0.1788 0.2013 0.0365  -0.0218 0.0669  56  LEU A CB  
409 C CG  . LEU A 53  ? 0.2192 0.1647 0.1850 0.0295  -0.0141 0.0548  56  LEU A CG  
410 C CD1 . LEU A 53  ? 0.2219 0.1620 0.2037 0.0406  -0.0148 0.0445  56  LEU A CD1 
411 C CD2 . LEU A 53  ? 0.2418 0.1467 0.1711 0.0293  -0.0078 0.0439  56  LEU A CD2 
412 N N   . LEU A 54  ? 0.2085 0.2641 0.2799 0.0662  -0.0495 0.0720  57  LEU A N   
413 C CA  . LEU A 54  ? 0.2104 0.3020 0.3377 0.0891  -0.0549 0.0562  57  LEU A CA  
414 C C   . LEU A 54  ? 0.2081 0.3866 0.3717 0.0854  -0.0647 0.0324  57  LEU A C   
415 O O   . LEU A 54  ? 0.1958 0.4267 0.4087 0.0837  -0.0524 -0.0044 57  LEU A O   
416 C CB  . LEU A 54  ? 0.2482 0.3038 0.3877 0.1258  -0.0762 0.0797  57  LEU A CB  
417 C CG  . LEU A 54  ? 0.2609 0.2520 0.3976 0.1338  -0.0606 0.0833  57  LEU A CG  
418 C CD1 . LEU A 54  ? 0.2145 0.1935 0.3375 0.1081  -0.0330 0.0657  57  LEU A CD1 
419 C CD2 . LEU A 54  ? 0.3170 0.2367 0.4036 0.1359  -0.0693 0.1154  57  LEU A CD2 
420 N N   . ASN A 55  ? 0.2222 0.4243 0.3623 0.0786  -0.0844 0.0469  58  ASN A N   
421 C CA  . ASN A 55  ? 0.2285 0.5249 0.3919 0.0621  -0.0920 0.0193  58  ASN A CA  
422 C C   . ASN A 55  ? 0.2152 0.5307 0.3645 0.0099  -0.0486 -0.0207 58  ASN A C   
423 O O   . ASN A 55  ? 0.2105 0.6117 0.4056 -0.0063 -0.0383 -0.0662 58  ASN A O   
424 C CB  . ASN A 55  ? 0.2559 0.5519 0.3689 0.0491  -0.1126 0.0448  58  ASN A CB  
425 C CG  . ASN A 55  ? 0.3127 0.6485 0.4420 0.0904  -0.1673 0.0639  58  ASN A CG  
426 O OD1 . ASN A 55  ? 0.3285 0.7169 0.5264 0.1350  -0.1933 0.0481  58  ASN A OD1 
427 N ND2 . ASN A 55  ? 0.3543 0.6627 0.4159 0.0770  -0.1872 0.0956  58  ASN A ND2 
428 N N   . GLN A 56  ? 0.2241 0.4547 0.3046 -0.0170 -0.0228 -0.0073 59  GLN A N   
429 C CA  . GLN A 56  ? 0.2561 0.4610 0.2861 -0.0671 0.0163  -0.0345 59  GLN A CA  
430 C C   . GLN A 56  ? 0.2746 0.4372 0.2894 -0.0803 0.0437  -0.0538 59  GLN A C   
431 O O   . GLN A 56  ? 0.3166 0.4617 0.2851 -0.1294 0.0794  -0.0848 59  GLN A O   
432 C CB  . GLN A 56  ? 0.2764 0.3970 0.2367 -0.0794 0.0256  -0.0132 59  GLN A CB  
433 C CG  . GLN A 56  ? 0.2892 0.4470 0.2466 -0.0863 0.0106  -0.0028 59  GLN A CG  
434 C CD  . GLN A 56  ? 0.3532 0.4579 0.2474 -0.1245 0.0399  -0.0141 59  GLN A CD  
435 O OE1 . GLN A 56  ? 0.3967 0.4742 0.2514 -0.1614 0.0723  -0.0409 59  GLN A OE1 
436 N NE2 . GLN A 56  ? 0.3523 0.4339 0.2308 -0.1205 0.0341  0.0013  59  GLN A NE2 
437 N N   . VAL A 57  ? 0.2575 0.3946 0.2973 -0.0446 0.0309  -0.0371 60  VAL A N   
438 C CA  . VAL A 57  ? 0.2850 0.3836 0.3043 -0.0599 0.0547  -0.0550 60  VAL A CA  
439 C C   . VAL A 57  ? 0.2781 0.4703 0.3809 -0.0588 0.0619  -0.0962 60  VAL A C   
440 O O   . VAL A 57  ? 0.3152 0.5159 0.4011 -0.1037 0.0982  -0.1380 60  VAL A O   
441 C CB  . VAL A 57  ? 0.2784 0.3037 0.2757 -0.0299 0.0419  -0.0246 60  VAL A CB  
442 C CG1 . VAL A 57  ? 0.3091 0.3082 0.2890 -0.0464 0.0624  -0.0450 60  VAL A CG1 
443 C CG2 . VAL A 57  ? 0.2939 0.2383 0.2173 -0.0298 0.0365  -0.0006 60  VAL A CG2 
444 N N   . TRP A 58  ? 0.2548 0.5117 0.4418 -0.0093 0.0284  -0.0886 61  TRP A N   
445 C CA  . TRP A 58  ? 0.2563 0.6070 0.5434 0.0115  0.0263  -0.1320 61  TRP A CA  
446 C C   . TRP A 58  ? 0.2554 0.7252 0.6218 0.0393  -0.0073 -0.1524 61  TRP A C   
447 O O   . TRP A 58  ? 0.2596 0.8314 0.6731 0.0089  0.0116  -0.2124 61  TRP A O   
448 C CB  . TRP A 58  ? 0.2492 0.5589 0.5707 0.0564  0.0156  -0.1161 61  TRP A CB  
449 C CG  . TRP A 58  ? 0.2585 0.4838 0.5196 0.0283  0.0463  -0.1121 61  TRP A CG  
450 C CD1 . TRP A 58  ? 0.2805 0.5116 0.5370 -0.0110 0.0850  -0.1557 61  TRP A CD1 
451 C CD2 . TRP A 58  ? 0.2745 0.4065 0.4707 0.0358  0.0381  -0.0672 61  TRP A CD2 
452 N NE1 . TRP A 58  ? 0.2857 0.4256 0.4672 -0.0259 0.0951  -0.1335 61  TRP A NE1 
453 C CE2 . TRP A 58  ? 0.2886 0.3763 0.4421 0.0063  0.0649  -0.0825 61  TRP A CE2 
454 C CE3 . TRP A 58  ? 0.2740 0.3631 0.4424 0.0588  0.0125  -0.0225 61  TRP A CE3 
455 C CZ2 . TRP A 58  ? 0.3434 0.3577 0.4377 0.0090  0.0583  -0.0547 61  TRP A CZ2 
456 C CZ3 . TRP A 58  ? 0.2801 0.3022 0.3989 0.0563  0.0143  -0.0028 61  TRP A CZ3 
457 C CH2 . TRP A 58  ? 0.2993 0.2907 0.3868 0.0364  0.0328  -0.0187 61  TRP A CH2 
458 N N   . GLY A 59  ? 0.2714 0.7301 0.6474 0.0932  -0.0569 -0.1080 62  GLY A N   
459 C CA  . GLY A 59  ? 0.2999 0.8626 0.7280 0.1229  -0.1019 -0.1184 62  GLY A CA  
460 C C   . GLY A 59  ? 0.3516 0.9365 0.8459 0.2067  -0.1597 -0.1055 62  GLY A C   
461 O O   . GLY A 59  ? 0.3955 0.9746 0.8618 0.2397  -0.2113 -0.0666 62  GLY A O   
462 N N   . PRO A 60  ? 0.3606 0.9733 0.9404 0.2417  -0.1535 -0.1433 63  PRO A N   
463 C CA  . PRO A 60  ? 0.4183 0.9895 1.0374 0.3265  -0.2004 -0.1205 63  PRO A CA  
464 C C   . PRO A 60  ? 0.4327 0.8584 1.0008 0.3278  -0.1726 -0.0848 63  PRO A C   
465 O O   . PRO A 60  ? 0.4962 0.8497 1.0714 0.3892  -0.2017 -0.0606 63  PRO A O   
466 C CB  . PRO A 60  ? 0.4180 1.1310 1.1817 0.3612  -0.2039 -0.2034 63  PRO A CB  
467 C CG  . PRO A 60  ? 0.3565 1.1366 1.1325 0.2714  -0.1300 -0.2670 63  PRO A CG  
468 C CD  . PRO A 60  ? 0.3283 1.0129 0.9703 0.2003  -0.0994 -0.2175 63  PRO A CD  
469 N N   . ASN A 61  ? 0.3873 0.7671 0.8993 0.2611  -0.1185 -0.0845 64  ASN A N   
470 C CA  . ASN A 61  ? 0.3977 0.6540 0.8506 0.2511  -0.0936 -0.0519 64  ASN A CA  
471 C C   . ASN A 61  ? 0.4299 0.5862 0.7869 0.2516  -0.1148 0.0143  64  ASN A C   
472 O O   . ASN A 61  ? 0.4179 0.4989 0.7139 0.2199  -0.0887 0.0346  64  ASN A O   
473 C CB  . ASN A 61  ? 0.3554 0.6031 0.7774 0.1864  -0.0393 -0.0769 64  ASN A CB  
474 C CG  . ASN A 61  ? 0.3520 0.6380 0.8426 0.1803  -0.0048 -0.1356 64  ASN A CG  
475 O OD1 . ASN A 61  ? 0.3480 0.5695 0.8146 0.1668  0.0214  -0.1345 64  ASN A OD1 
476 N ND2 . ASN A 61  ? 0.3277 0.7289 0.9044 0.1829  -0.0012 -0.1948 64  ASN A ND2 
477 N N   . ALA A 62  ? 0.4785 0.6429 0.8224 0.2850  -0.1624 0.0413  65  ALA A N   
478 C CA  . ALA A 62  ? 0.5390 0.6045 0.7855 0.2821  -0.1817 0.0987  65  ALA A CA  
479 C C   . ALA A 62  ? 0.6580 0.6526 0.8922 0.3481  -0.2284 0.1279  65  ALA A C   
480 O O   . ALA A 62  ? 0.6894 0.7526 0.9940 0.4050  -0.2702 0.1085  65  ALA A O   
481 C CB  . ALA A 62  ? 0.5258 0.6404 0.7304 0.2505  -0.1963 0.1105  65  ALA A CB  
482 N N   . VAL A 63  ? 0.7382 0.5925 0.8808 0.3415  -0.2219 0.1700  66  VAL A N   
483 C CA  . VAL A 63  ? 0.6966 0.4931 0.7760 0.2766  -0.1727 0.1781  66  VAL A CA  
484 C C   . VAL A 63  ? 0.7133 0.4360 0.8042 0.2790  -0.1372 0.1648  66  VAL A C   
485 O O   . VAL A 63  ? 0.6807 0.3698 0.7385 0.2309  -0.0957 0.1587  66  VAL A O   
486 C CB  . VAL A 63  ? 0.7898 0.4898 0.7464 0.2476  -0.1821 0.2244  66  VAL A CB  
487 C CG1 . VAL A 63  ? 0.7081 0.4511 0.6405 0.1828  -0.1494 0.2140  66  VAL A CG1 
488 C CG2 . VAL A 63  ? 0.8971 0.5821 0.8087 0.2894  -0.2466 0.2597  66  VAL A CG2 
489 N N   . GLU A 64  ? 0.7611 0.4673 0.9052 0.3375  -0.1553 0.1538  67  GLU A N   
490 C CA  . GLU A 64  ? 0.7991 0.4219 0.9524 0.3466  -0.1237 0.1393  67  GLU A CA  
491 C C   . GLU A 64  ? 0.6797 0.3759 0.8962 0.3058  -0.0727 0.0903  67  GLU A C   
492 O O   . GLU A 64  ? 0.7010 0.3748 0.9617 0.3180  -0.0474 0.0600  67  GLU A O   
493 C CB  . GLU A 64  ? 0.8963 0.4896 1.1014 0.4302  -0.1617 0.1341  67  GLU A CB  
494 C CG  . GLU A 64  ? 1.0146 0.4615 1.1903 0.4495  -0.1375 0.1351  67  GLU A CG  
495 C CD  . GLU A 64  ? 1.1648 0.4283 1.1861 0.4302  -0.1387 0.1919  67  GLU A CD  
496 O OE1 . GLU A 64  ? 1.1300 0.3900 1.0741 0.3621  -0.1193 0.2115  67  GLU A OE1 
497 O OE2 . GLU A 64  ? 1.3083 0.4247 1.2815 0.4812  -0.1562 0.2126  67  GLU A OE2 
498 N N   . HIS A 65  ? 0.5635 0.3340 0.7721 0.2577  -0.0591 0.0838  68  HIS A N   
499 C CA  . HIS A 65  ? 0.4645 0.2972 0.7060 0.2186  -0.0225 0.0456  68  HIS A CA  
500 C C   . HIS A 65  ? 0.4064 0.2469 0.5915 0.1706  -0.0113 0.0567  68  HIS A C   
501 O O   . HIS A 65  ? 0.3397 0.2365 0.5310 0.1465  -0.0024 0.0389  68  HIS A O   
502 C CB  . HIS A 65  ? 0.4156 0.3534 0.7323 0.2287  -0.0266 0.0089  68  HIS A CB  
503 C CG  . HIS A 65  ? 0.4533 0.4116 0.8422 0.2885  -0.0516 -0.0066 68  HIS A CG  
504 N ND1 . HIS A 65  ? 0.5093 0.4257 0.9415 0.3174  -0.0366 -0.0302 68  HIS A ND1 
505 C CD2 . HIS A 65  ? 0.4627 0.4786 0.8895 0.3310  -0.0953 -0.0045 68  HIS A CD2 
506 C CE1 . HIS A 65  ? 0.5520 0.4968 1.0521 0.3831  -0.0723 -0.0428 68  HIS A CE1 
507 N NE2 . HIS A 65  ? 0.5501 0.5629 1.0497 0.3934  -0.1116 -0.0279 68  HIS A NE2 
508 N N   . SER A 66  ? 0.4420 0.2147 0.5663 0.1574  -0.0107 0.0826  69  SER A N   
509 C CA  . SER A 66  ? 0.4037 0.1830 0.4849 0.1187  -0.0008 0.0855  69  SER A CA  
510 C C   . SER A 66  ? 0.3548 0.1586 0.4490 0.0932  0.0252  0.0533  69  SER A C   
511 O O   . SER A 66  ? 0.3136 0.1512 0.3948 0.0732  0.0260  0.0439  69  SER A O   
512 C CB  . SER A 66  ? 0.4921 0.1854 0.5059 0.1033  0.0040  0.1086  69  SER A CB  
513 O OG  . SER A 66  ? 0.4999 0.2119 0.4785 0.0668  0.0109  0.1072  69  SER A OG  
514 N N   . HIS A 67  ? 0.3643 0.1509 0.4838 0.0973  0.0433  0.0335  70  HIS A N   
515 C CA  . HIS A 67  ? 0.3389 0.1449 0.4620 0.0707  0.0660  0.0017  70  HIS A CA  
516 C C   . HIS A 67  ? 0.2864 0.1509 0.4195 0.0670  0.0581  -0.0129 70  HIS A C   
517 O O   . HIS A 67  ? 0.2681 0.1570 0.3816 0.0493  0.0572  -0.0284 70  HIS A O   
518 C CB  . HIS A 67  ? 0.3886 0.1482 0.5269 0.0685  0.0941  -0.0180 70  HIS A CB  
519 C CG  . HIS A 67  ? 0.4072 0.1536 0.5891 0.1057  0.0895  -0.0180 70  HIS A CG  
520 N ND1 . HIS A 67  ? 0.4667 0.1635 0.6471 0.1448  0.0677  0.0107  70  HIS A ND1 
521 C CD2 . HIS A 67  ? 0.3895 0.1698 0.6206 0.1105  0.1034  -0.0503 70  HIS A CD2 
522 C CE1 . HIS A 67  ? 0.4784 0.1909 0.7202 0.1815  0.0635  -0.0069 70  HIS A CE1 
523 N NE2 . HIS A 67  ? 0.4350 0.2009 0.7120 0.1569  0.0904  -0.0477 70  HIS A NE2 
524 N N   . TYR A 68  ? 0.2758 0.1603 0.4331 0.0830  0.0509  -0.0108 71  TYR A N   
525 C CA  . TYR A 68  ? 0.2515 0.1709 0.3970 0.0684  0.0506  -0.0247 71  TYR A CA  
526 C C   . TYR A 68  ? 0.2380 0.1595 0.3365 0.0629  0.0311  -0.0076 71  TYR A C   
527 O O   . TYR A 68  ? 0.2495 0.1661 0.3049 0.0492  0.0271  -0.0152 71  TYR A O   
528 C CB  . TYR A 68  ? 0.2466 0.2000 0.4341 0.0782  0.0533  -0.0371 71  TYR A CB  
529 C CG  . TYR A 68  ? 0.2719 0.2338 0.5149 0.0831  0.0770  -0.0717 71  TYR A CG  
530 C CD1 . TYR A 68  ? 0.2882 0.2382 0.5157 0.0539  0.1033  -0.0983 71  TYR A CD1 
531 C CD2 . TYR A 68  ? 0.2844 0.2705 0.5974 0.1196  0.0704  -0.0822 71  TYR A CD2 
532 C CE1 . TYR A 68  ? 0.3092 0.2669 0.5908 0.0543  0.1317  -0.1375 71  TYR A CE1 
533 C CE2 . TYR A 68  ? 0.3095 0.3045 0.6855 0.1315  0.0927  -0.1220 71  TYR A CE2 
534 C CZ  . TYR A 68  ? 0.3188 0.2978 0.6797 0.0950  0.1281  -0.1512 71  TYR A CZ  
535 O OH  . TYR A 68  ? 0.3310 0.3187 0.7578 0.1023  0.1571  -0.1982 71  TYR A OH  
536 N N   . LEU A 69  ? 0.2282 0.1475 0.3278 0.0747  0.0176  0.0145  72  LEU A N   
537 C CA  . LEU A 69  ? 0.2224 0.1439 0.2891 0.0719  0.0034  0.0241  72  LEU A CA  
538 C C   . LEU A 69  ? 0.2231 0.1469 0.2771 0.0688  -0.0004 0.0098  72  LEU A C   
539 O O   . LEU A 69  ? 0.2312 0.1552 0.2578 0.0748  -0.0160 0.0064  72  LEU A O   
540 C CB  . LEU A 69  ? 0.2240 0.1458 0.2933 0.0764  -0.0044 0.0444  72  LEU A CB  
541 C CG  . LEU A 69  ? 0.2307 0.1598 0.2734 0.0709  -0.0132 0.0476  72  LEU A CG  
542 C CD1 . LEU A 69  ? 0.2243 0.1543 0.2456 0.0657  -0.0137 0.0450  72  LEU A CD1 
543 C CD2 . LEU A 69  ? 0.2240 0.1542 0.2601 0.0640  -0.0163 0.0628  72  LEU A CD2 
544 N N   . ARG A 70  ? 0.2281 0.1523 0.3012 0.0608  0.0132  -0.0029 73  ARG A N   
545 C CA  . ARG A 70  ? 0.2283 0.1804 0.3044 0.0526  0.0122  -0.0308 73  ARG A CA  
546 C C   . ARG A 70  ? 0.2402 0.2042 0.2986 0.0542  0.0011  -0.0469 73  ARG A C   
547 O O   . ARG A 70  ? 0.2479 0.2428 0.2975 0.0642  -0.0221 -0.0653 73  ARG A O   
548 C CB  . ARG A 70  ? 0.2490 0.1910 0.3399 0.0294  0.0405  -0.0464 73  ARG A CB  
549 C CG  . ARG A 70  ? 0.2752 0.1838 0.3545 0.0183  0.0523  -0.0300 73  ARG A CG  
550 C CD  . ARG A 70  ? 0.3302 0.2104 0.3991 -0.0163 0.0858  -0.0512 73  ARG A CD  
551 N NE  . ARG A 70  ? 0.3186 0.2695 0.4112 -0.0368 0.0928  -0.1010 73  ARG A NE  
552 C CZ  . ARG A 70  ? 0.3136 0.3134 0.4170 -0.0598 0.1009  -0.1344 73  ARG A CZ  
553 N NH1 . ARG A 70  ? 0.3293 0.3003 0.4079 -0.0735 0.1089  -0.1192 73  ARG A NH1 
554 N NH2 . ARG A 70  ? 0.3003 0.3864 0.4410 -0.0716 0.1011  -0.1892 73  ARG A NH2 
555 N N   . ILE A 71  ? 0.2495 0.1911 0.3024 0.0448  0.0162  -0.0446 74  ILE A N   
556 C CA  . ILE A 71  ? 0.2754 0.2159 0.2938 0.0329  0.0129  -0.0598 74  ILE A CA  
557 C C   . ILE A 71  ? 0.3052 0.2178 0.2597 0.0425  -0.0138 -0.0440 74  ILE A C   
558 O O   . ILE A 71  ? 0.3596 0.2637 0.2613 0.0436  -0.0368 -0.0511 74  ILE A O   
559 C CB  . ILE A 71  ? 0.2894 0.2161 0.3250 0.0126  0.0464  -0.0723 74  ILE A CB  
560 C CG1 . ILE A 71  ? 0.2921 0.2195 0.3722 0.0036  0.0740  -0.0904 74  ILE A CG1 
561 C CG2 . ILE A 71  ? 0.3236 0.2440 0.3061 -0.0128 0.0482  -0.0902 74  ILE A CG2 
562 C CD1 . ILE A 71  ? 0.3263 0.2354 0.4369 -0.0048 0.1064  -0.1071 74  ILE A CD1 
563 N N   . TYR A 72  ? 0.2896 0.1809 0.2385 0.0483  -0.0123 -0.0235 75  TYR A N   
564 C CA  . TYR A 72  ? 0.3438 0.1850 0.2165 0.0487  -0.0280 -0.0098 75  TYR A CA  
565 C C   . TYR A 72  ? 0.3586 0.1884 0.2133 0.0812  -0.0611 -0.0010 75  TYR A C   
566 O O   . TYR A 72  ? 0.4385 0.2073 0.2144 0.0915  -0.0833 0.0087  75  TYR A O   
567 C CB  . TYR A 72  ? 0.3359 0.1659 0.2086 0.0299  -0.0045 -0.0036 75  TYR A CB  
568 C CG  . TYR A 72  ? 0.3590 0.1883 0.2219 -0.0050 0.0248  -0.0238 75  TYR A CG  
569 C CD1 . TYR A 72  ? 0.4459 0.2185 0.2119 -0.0350 0.0282  -0.0298 75  TYR A CD1 
570 C CD2 . TYR A 72  ? 0.3307 0.2116 0.2769 -0.0075 0.0486  -0.0407 75  TYR A CD2 
571 C CE1 . TYR A 72  ? 0.4801 0.2573 0.2355 -0.0789 0.0638  -0.0586 75  TYR A CE1 
572 C CE2 . TYR A 72  ? 0.3542 0.2490 0.3087 -0.0386 0.0795  -0.0725 75  TYR A CE2 
573 C CZ  . TYR A 72  ? 0.4258 0.2738 0.2864 -0.0804 0.0917  -0.0847 75  TYR A CZ  
574 O OH  . TYR A 72  ? 0.4668 0.3334 0.3337 -0.1233 0.1311  -0.1262 75  TYR A OH  
575 N N   . MET A 73  ? 0.2353 0.1078 0.3044 0.0310  0.1102  0.0183  76  MET A N   
576 C CA  . MET A 73  ? 0.2140 0.1153 0.2632 0.0203  0.0766  0.0092  76  MET A CA  
577 C C   . MET A 73  ? 0.2433 0.1231 0.2364 0.0001  0.0776  -0.0061 76  MET A C   
578 O O   . MET A 73  ? 0.2351 0.1345 0.2189 -0.0056 0.0577  -0.0086 76  MET A O   
579 C CB  . MET A 73  ? 0.1993 0.1180 0.2577 0.0206  0.0611  0.0128  76  MET A CB  
580 C CG  . MET A 73  ? 0.1938 0.1493 0.2592 0.0190  0.0317  0.0113  76  MET A CG  
581 S SD  . MET A 73  ? 0.1668 0.1461 0.2696 0.0274  0.0166  0.0245  76  MET A SD  
582 C CE  . MET A 73  ? 0.1633 0.1418 0.3079 0.0362  0.0249  0.0486  76  MET A CE  
583 N N   . GLY A 74  ? 0.2876 0.1238 0.2422 -0.0126 0.1005  -0.0136 77  GLY A N   
584 C CA  . GLY A 74  ? 0.3337 0.1412 0.2241 -0.0408 0.1010  -0.0256 77  GLY A CA  
585 C C   . GLY A 74  ? 0.3520 0.1487 0.2229 -0.0460 0.1031  -0.0260 77  GLY A C   
586 O O   . GLY A 74  ? 0.3562 0.1709 0.2047 -0.0616 0.0768  -0.0254 77  GLY A O   
587 N N   . HIS A 75  ? 0.3657 0.1361 0.2507 -0.0322 0.1345  -0.0234 78  HIS A N   
588 C CA  . HIS A 75  ? 0.3896 0.1430 0.2512 -0.0389 0.1419  -0.0240 78  HIS A CA  
589 C C   . HIS A 75  ? 0.3398 0.1470 0.2332 -0.0308 0.1039  -0.0153 78  HIS A C   
590 O O   . HIS A 75  ? 0.3572 0.1583 0.2154 -0.0456 0.0913  -0.0149 78  HIS A O   
591 C CB  . HIS A 75  ? 0.4100 0.1331 0.2968 -0.0224 0.1871  -0.0200 78  HIS A CB  
592 C CG  . HIS A 75  ? 0.4789 0.1326 0.3291 -0.0287 0.2373  -0.0289 78  HIS A CG  
593 N ND1 . HIS A 75  ? 0.4948 0.1301 0.3956 -0.0041 0.2828  -0.0193 78  HIS A ND1 
594 C CD2 . HIS A 75  ? 0.5449 0.1398 0.3145 -0.0575 0.2518  -0.0448 78  HIS A CD2 
595 C CE1 . HIS A 75  ? 0.5666 0.1282 0.4185 -0.0136 0.3289  -0.0306 78  HIS A CE1 
596 N NE2 . HIS A 75  ? 0.5998 0.1320 0.3647 -0.0488 0.3103  -0.0482 78  HIS A NE2 
597 N N   . LEU A 76  ? 0.2855 0.1389 0.2396 -0.0097 0.0868  -0.0074 79  LEU A N   
598 C CA  . LEU A 76  ? 0.2511 0.1435 0.2322 -0.0014 0.0585  -0.0013 79  LEU A CA  
599 C C   . LEU A 76  ? 0.2529 0.1642 0.2133 -0.0125 0.0308  -0.0021 79  LEU A C   
600 O O   . LEU A 76  ? 0.2557 0.1764 0.2127 -0.0133 0.0156  0.0037  79  LEU A O   
601 C CB  . LEU A 76  ? 0.2062 0.1313 0.2407 0.0156  0.0488  0.0055  79  LEU A CB  
602 C CG  . LEU A 76  ? 0.1932 0.1249 0.2715 0.0269  0.0598  0.0169  79  LEU A CG  
603 C CD1 . LEU A 76  ? 0.1519 0.1162 0.2633 0.0320  0.0364  0.0239  79  LEU A CD1 
604 C CD2 . LEU A 76  ? 0.1727 0.0944 0.2479 0.0252  0.0677  0.0193  79  LEU A CD2 
605 N N   . ARG A 77  ? 0.2580 0.1759 0.2099 -0.0206 0.0253  -0.0061 80  ARG A N   
606 C CA  . ARG A 77  ? 0.2663 0.2088 0.2086 -0.0338 0.0010  -0.0025 80  ARG A CA  
607 C C   . ARG A 77  ? 0.3250 0.2474 0.2165 -0.0600 -0.0074 0.0016  80  ARG A C   
608 O O   . ARG A 77  ? 0.3158 0.2662 0.2149 -0.0642 -0.0332 0.0152  80  ARG A O   
609 C CB  . ARG A 77  ? 0.2637 0.2117 0.2031 -0.0426 0.0019  -0.0078 80  ARG A CB  
610 C CG  . ARG A 77  ? 0.2170 0.1873 0.1972 -0.0230 0.0027  -0.0085 80  ARG A CG  
611 C CD  . ARG A 77  ? 0.2348 0.2011 0.2063 -0.0325 0.0080  -0.0133 80  ARG A CD  
612 N NE  . ARG A 77  ? 0.2307 0.2192 0.2352 -0.0172 0.0051  -0.0122 80  ARG A NE  
613 C CZ  . ARG A 77  ? 0.2438 0.2234 0.2477 -0.0176 0.0127  -0.0136 80  ARG A CZ  
614 N NH1 . ARG A 77  ? 0.2888 0.2367 0.2663 -0.0291 0.0268  -0.0165 80  ARG A NH1 
615 N NH2 . ARG A 77  ? 0.2319 0.2269 0.2543 -0.0089 0.0078  -0.0116 80  ARG A NH2 
616 N N   . GLN A 78  ? 0.3854 0.2552 0.2229 -0.0792 0.0159  -0.0080 81  GLN A N   
617 C CA  . GLN A 78  ? 0.4571 0.2926 0.2254 -0.1132 0.0107  -0.0062 81  GLN A CA  
618 C C   . GLN A 78  ? 0.4447 0.2900 0.2194 -0.1061 -0.0026 0.0062  81  GLN A C   
619 O O   . GLN A 78  ? 0.4657 0.3277 0.2231 -0.1240 -0.0337 0.0218  81  GLN A O   
620 C CB  . GLN A 78  ? 0.5315 0.2908 0.2335 -0.1325 0.0517  -0.0227 81  GLN A CB  
621 C CG  . GLN A 78  ? 0.5875 0.3249 0.2666 -0.1475 0.0638  -0.0337 81  GLN A CG  
622 C CD  . GLN A 78  ? 0.6916 0.3452 0.3191 -0.1551 0.1177  -0.0503 81  GLN A CD  
623 O OE1 . GLN A 78  ? 0.7714 0.3759 0.3617 -0.1600 0.1468  -0.0551 81  GLN A OE1 
624 N NE2 . GLN A 78  ? 0.6954 0.3281 0.3208 -0.1559 0.1356  -0.0583 81  GLN A NE2 
625 N N   . LYS A 79  ? 0.4134 0.2529 0.2195 -0.0805 0.0179  0.0033  82  LYS A N   
626 C CA  . LYS A 79  ? 0.4104 0.2492 0.2170 -0.0755 0.0109  0.0135  82  LYS A CA  
627 C C   . LYS A 79  ? 0.3522 0.2429 0.2137 -0.0550 -0.0199 0.0285  82  LYS A C   
628 O O   . LYS A 79  ? 0.3734 0.2657 0.2242 -0.0595 -0.0375 0.0434  82  LYS A O   
629 C CB  . LYS A 79  ? 0.4126 0.2235 0.2302 -0.0615 0.0466  0.0066  82  LYS A CB  
630 C CG  . LYS A 79  ? 0.4894 0.2386 0.2549 -0.0782 0.0890  -0.0065 82  LYS A CG  
631 C CD  . LYS A 79  ? 0.5063 0.2207 0.2633 -0.0756 0.1228  -0.0067 82  LYS A CD  
632 C CE  . LYS A 79  ? 0.5658 0.2278 0.3074 -0.0765 0.1783  -0.0186 82  LYS A CE  
633 N NZ  . LYS A 79  ? 0.5793 0.2227 0.3466 -0.0643 0.2194  -0.0156 82  LYS A NZ  
634 N N   . LEU A 80  ? 0.2883 0.2147 0.2035 -0.0338 -0.0235 0.0257  83  LEU A N   
635 C CA  . LEU A 80  ? 0.2484 0.2069 0.2122 -0.0111 -0.0377 0.0351  83  LEU A CA  
636 C C   . LEU A 80  ? 0.2275 0.2279 0.2246 -0.0059 -0.0575 0.0454  83  LEU A C   
637 O O   . LEU A 80  ? 0.2068 0.2265 0.2417 0.0132  -0.0634 0.0551  83  LEU A O   
638 C CB  . LEU A 80  ? 0.2101 0.1677 0.2062 0.0081  -0.0217 0.0252  83  LEU A CB  
639 C CG  . LEU A 80  ? 0.2284 0.1567 0.2120 0.0059  -0.0029 0.0223  83  LEU A CG  
640 C CD1 . LEU A 80  ? 0.1936 0.1293 0.2138 0.0185  0.0053  0.0189  83  LEU A CD1 
641 C CD2 . LEU A 80  ? 0.2780 0.1907 0.2401 0.0011  -0.0099 0.0331  83  LEU A CD2 
642 N N   . GLU A 81  ? 0.2391 0.2501 0.2221 -0.0238 -0.0641 0.0443  84  GLU A N   
643 C CA  . GLU A 81  ? 0.2218 0.2765 0.2450 -0.0194 -0.0761 0.0522  84  GLU A CA  
644 C C   . GLU A 81  ? 0.2523 0.3310 0.2687 -0.0415 -0.1049 0.0756  84  GLU A C   
645 O O   . GLU A 81  ? 0.2976 0.3483 0.2556 -0.0711 -0.1128 0.0767  84  GLU A O   
646 C CB  . GLU A 81  ? 0.2162 0.2668 0.2311 -0.0265 -0.0628 0.0351  84  GLU A CB  
647 C CG  . GLU A 81  ? 0.1936 0.2798 0.2545 -0.0132 -0.0611 0.0350  84  GLU A CG  
648 C CD  . GLU A 81  ? 0.1779 0.2615 0.2680 0.0139  -0.0470 0.0288  84  GLU A CD  
649 O OE1 . GLU A 81  ? 0.1632 0.2200 0.2379 0.0180  -0.0343 0.0156  84  GLU A OE1 
650 O OE2 . GLU A 81  ? 0.1815 0.2886 0.3106 0.0295  -0.0479 0.0393  84  GLU A OE2 
651 N N   . GLN A 82  ? 0.2383 0.3667 0.3144 -0.0284 -0.1193 0.0966  85  GLN A N   
652 C CA  . GLN A 82  ? 0.2664 0.4342 0.3566 -0.0481 -0.1535 0.1294  85  GLN A CA  
653 C C   . GLN A 82  ? 0.2895 0.4664 0.3486 -0.0859 -0.1659 0.1265  85  GLN A C   
654 O O   . GLN A 82  ? 0.3401 0.5146 0.3552 -0.1240 -0.1933 0.1420  85  GLN A O   
655 C CB  . GLN A 82  ? 0.2412 0.4651 0.4226 -0.0181 -0.1584 0.1561  85  GLN A CB  
656 C CG  . GLN A 82  ? 0.2497 0.4586 0.4583 0.0154  -0.1487 0.1654  85  GLN A CG  
657 C CD  . GLN A 82  ? 0.3146 0.5054 0.4856 -0.0004 -0.1744 0.1872  85  GLN A CD  
658 O OE1 . GLN A 82  ? 0.3456 0.5681 0.5173 -0.0256 -0.2106 0.2194  85  GLN A OE1 
659 N NE2 . GLN A 82  ? 0.3175 0.4577 0.4536 0.0106  -0.1576 0.1722  85  GLN A NE2 
660 N N   . ASP A 83  ? 0.2629 0.4453 0.3382 -0.0786 -0.1456 0.1070  86  ASP A N   
661 C CA  . ASP A 83  ? 0.2863 0.4665 0.3285 -0.1124 -0.1490 0.0982  86  ASP A CA  
662 C C   . ASP A 83  ? 0.2735 0.4035 0.2821 -0.1024 -0.1144 0.0642  86  ASP A C   
663 O O   . ASP A 83  ? 0.2336 0.3763 0.2823 -0.0761 -0.0966 0.0549  86  ASP A O   
664 C CB  . ASP A 83  ? 0.2641 0.5108 0.3777 -0.1094 -0.1578 0.1152  86  ASP A CB  
665 C CG  . ASP A 83  ? 0.3058 0.5602 0.3870 -0.1551 -0.1723 0.1158  86  ASP A CG  
666 O OD1 . ASP A 83  ? 0.3557 0.5503 0.3572 -0.1806 -0.1605 0.0915  86  ASP A OD1 
667 O OD2 . ASP A 83  ? 0.3001 0.6202 0.4399 -0.1653 -0.1931 0.1424  86  ASP A OD2 
668 N N   . PRO A 84  ? 0.3152 0.3850 0.2500 -0.1233 -0.1028 0.0479  87  PRO A N   
669 C CA  . PRO A 84  ? 0.3066 0.3315 0.2195 -0.1130 -0.0697 0.0226  87  PRO A CA  
670 C C   . PRO A 84  ? 0.2966 0.3351 0.2232 -0.1179 -0.0633 0.0154  87  PRO A C   
671 O O   . PRO A 84  ? 0.2719 0.2989 0.2143 -0.0961 -0.0425 0.0034  87  PRO A O   
672 C CB  . PRO A 84  ? 0.3714 0.3307 0.2031 -0.1421 -0.0569 0.0119  87  PRO A CB  
673 C CG  . PRO A 84  ? 0.4083 0.3721 0.2179 -0.1586 -0.0814 0.0290  87  PRO A CG  
674 C CD  . PRO A 84  ? 0.3801 0.4168 0.2475 -0.1586 -0.1174 0.0548  87  PRO A CD  
675 N N   . ALA A 85  ? 0.3174 0.3823 0.2391 -0.1487 -0.0833 0.0257  88  ALA A N   
676 C CA  . ALA A 85  ? 0.3111 0.3924 0.2478 -0.1566 -0.0775 0.0209  88  ALA A CA  
677 C C   . ALA A 85  ? 0.2538 0.3902 0.2681 -0.1253 -0.0747 0.0276  88  ALA A C   
678 O O   . ALA A 85  ? 0.2421 0.3830 0.2663 -0.1256 -0.0620 0.0201  88  ALA A O   
679 C CB  . ALA A 85  ? 0.3551 0.4473 0.2606 -0.2057 -0.1003 0.0310  88  ALA A CB  
680 N N   . ARG A 86  ? 0.2267 0.3975 0.2899 -0.1003 -0.0829 0.0417  89  ARG A N   
681 C CA  . ARG A 86  ? 0.1890 0.3975 0.3173 -0.0702 -0.0718 0.0463  89  ARG A CA  
682 C C   . ARG A 86  ? 0.1671 0.3562 0.3046 -0.0379 -0.0611 0.0418  89  ARG A C   
683 O O   . ARG A 86  ? 0.1627 0.3764 0.3379 -0.0229 -0.0694 0.0588  89  ARG A O   
684 C CB  . ARG A 86  ? 0.1886 0.4656 0.3821 -0.0741 -0.0897 0.0752  89  ARG A CB  
685 C CG  . ARG A 86  ? 0.2094 0.5165 0.4084 -0.1063 -0.0980 0.0813  89  ARG A CG  
686 C CD  . ARG A 86  ? 0.2293 0.6127 0.5001 -0.1151 -0.1229 0.1181  89  ARG A CD  
687 N NE  . ARG A 86  ? 0.2339 0.6665 0.5841 -0.0943 -0.1015 0.1269  89  ARG A NE  
688 C CZ  . ARG A 86  ? 0.2269 0.7079 0.6637 -0.0630 -0.0947 0.1517  89  ARG A CZ  
689 N NH1 . ARG A 86  ? 0.2365 0.7255 0.6922 -0.0486 -0.1129 0.1723  89  ARG A NH1 
690 N NH2 . ARG A 86  ? 0.2168 0.7342 0.7212 -0.0458 -0.0658 0.1571  89  ARG A NH2 
691 N N   . PRO A 87  ? 0.1644 0.3089 0.2690 -0.0289 -0.0440 0.0219  90  PRO A N   
692 C CA  . PRO A 87  ? 0.1466 0.2713 0.2548 -0.0057 -0.0369 0.0182  90  PRO A CA  
693 C C   . PRO A 87  ? 0.1323 0.2761 0.2832 0.0165  -0.0257 0.0215  90  PRO A C   
694 O O   . PRO A 87  ? 0.1279 0.2848 0.2944 0.0171  -0.0132 0.0179  90  PRO A O   
695 C CB  . PRO A 87  ? 0.1437 0.2297 0.2202 -0.0052 -0.0238 0.0021  90  PRO A CB  
696 C CG  . PRO A 87  ? 0.1522 0.2403 0.2194 -0.0188 -0.0185 -0.0029 90  PRO A CG  
697 C CD  . PRO A 87  ? 0.1723 0.2843 0.2401 -0.0401 -0.0318 0.0063  90  PRO A CD  
698 N N   . ARG A 88  ? 0.1330 0.2713 0.2982 0.0334  -0.0259 0.0281  91  ARG A N   
699 C CA  . ARG A 88  ? 0.1380 0.2729 0.3314 0.0557  -0.0066 0.0276  91  ARG A CA  
700 C C   . ARG A 88  ? 0.1407 0.2291 0.3002 0.0610  0.0052  0.0108  91  ARG A C   
701 O O   . ARG A 88  ? 0.1582 0.2282 0.3166 0.0687  0.0261  0.0018  91  ARG A O   
702 C CB  . ARG A 88  ? 0.1438 0.3033 0.3835 0.0717  -0.0119 0.0509  91  ARG A CB  
703 C CG  . ARG A 88  ? 0.1768 0.3845 0.4781 0.0792  -0.0050 0.0687  91  ARG A CG  
704 C CD  . ARG A 88  ? 0.2334 0.4891 0.5493 0.0557  -0.0354 0.0885  91  ARG A CD  
705 N NE  . ARG A 88  ? 0.2541 0.5515 0.6081 0.0480  -0.0282 0.0941  91  ARG A NE  
706 C CZ  . ARG A 88  ? 0.2829 0.5678 0.6360 0.0538  0.0022  0.0757  91  ARG A CZ  
707 N NH1 . ARG A 88  ? 0.2880 0.5187 0.6002 0.0649  0.0258  0.0509  91  ARG A NH1 
708 N NH2 . ARG A 88  ? 0.2922 0.6186 0.6818 0.0438  0.0078  0.0839  91  ARG A NH2 
709 N N   . HIS A 89  ? 0.1340 0.2023 0.2650 0.0536  -0.0063 0.0076  92  HIS A N   
710 C CA  . HIS A 89  ? 0.1415 0.1748 0.2470 0.0531  -0.0010 -0.0032 92  HIS A CA  
711 C C   . HIS A 89  ? 0.1355 0.1603 0.2185 0.0395  -0.0054 -0.0096 92  HIS A C   
712 O O   . HIS A 89  ? 0.1502 0.1567 0.2168 0.0341  -0.0028 -0.0156 92  HIS A O   
713 C CB  . HIS A 89  ? 0.1434 0.1619 0.2461 0.0577  -0.0070 0.0028  92  HIS A CB  
714 C CG  . HIS A 89  ? 0.1579 0.1820 0.2859 0.0732  -0.0037 0.0146  92  HIS A CG  
715 N ND1 . HIS A 89  ? 0.1496 0.2002 0.2966 0.0745  -0.0180 0.0325  92  HIS A ND1 
716 C CD2 . HIS A 89  ? 0.1662 0.1708 0.3046 0.0877  0.0137  0.0136  92  HIS A CD2 
717 C CE1 . HIS A 89  ? 0.1764 0.2313 0.3554 0.0925  -0.0126 0.0467  92  HIS A CE1 
718 N NE2 . HIS A 89  ? 0.1823 0.2062 0.3574 0.1030  0.0105  0.0341  92  HIS A NE2 
719 N N   . PHE A 90  ? 0.1278 0.1621 0.2076 0.0320  -0.0117 -0.0062 93  PHE A N   
720 C CA  . PHE A 90  ? 0.1220 0.1447 0.1887 0.0240  -0.0111 -0.0079 93  PHE A CA  
721 C C   . PHE A 90  ? 0.1258 0.1549 0.1866 0.0163  -0.0078 -0.0111 93  PHE A C   
722 O O   . PHE A 90  ? 0.1359 0.1654 0.1886 0.0079  -0.0067 -0.0107 93  PHE A O   
723 C CB  . PHE A 90  ? 0.1255 0.1383 0.1843 0.0201  -0.0098 -0.0041 93  PHE A CB  
724 C CG  . PHE A 90  ? 0.1170 0.1200 0.1795 0.0253  -0.0100 -0.0003 93  PHE A CG  
725 C CD1 . PHE A 90  ? 0.1257 0.1197 0.1982 0.0270  -0.0063 0.0034  93  PHE A CD1 
726 C CD2 . PHE A 90  ? 0.1227 0.1278 0.1827 0.0273  -0.0153 0.0035  93  PHE A CD2 
727 C CE1 . PHE A 90  ? 0.1336 0.1199 0.2118 0.0291  -0.0051 0.0076  93  PHE A CE1 
728 C CE2 . PHE A 90  ? 0.1392 0.1310 0.1986 0.0306  -0.0142 0.0073  93  PHE A CE2 
729 C CZ  . PHE A 90  ? 0.1388 0.1204 0.2061 0.0307  -0.0076 0.0077  93  PHE A CZ  
730 N N   . ILE A 91  ? 0.1345 0.1608 0.1906 0.0153  -0.0046 -0.0152 94  ILE A N   
731 C CA  . ILE A 91  ? 0.1403 0.1717 0.1888 0.0074  0.0014  -0.0186 94  ILE A CA  
732 C C   . ILE A 91  ? 0.1550 0.1706 0.1862 -0.0015 -0.0013 -0.0151 94  ILE A C   
733 O O   . ILE A 91  ? 0.1688 0.1719 0.1939 -0.0030 -0.0087 -0.0092 94  ILE A O   
734 C CB  . ILE A 91  ? 0.1576 0.1869 0.2037 0.0094  0.0136  -0.0254 94  ILE A CB  
735 C CG1 . ILE A 91  ? 0.1436 0.1860 0.2172 0.0240  0.0198  -0.0236 94  ILE A CG1 
736 C CG2 . ILE A 91  ? 0.1631 0.1992 0.2035 0.0002  0.0246  -0.0287 94  ILE A CG2 
737 C CD1 . ILE A 91  ? 0.1138 0.1930 0.2206 0.0261  0.0179  -0.0149 94  ILE A CD1 
738 N N   . THR A 92  ? 0.1586 0.1758 0.1839 -0.0094 0.0033  -0.0154 95  THR A N   
739 C CA  . THR A 92  ? 0.1738 0.1732 0.1844 -0.0164 0.0033  -0.0091 95  THR A CA  
740 C C   . THR A 92  ? 0.1943 0.1889 0.1842 -0.0265 0.0058  -0.0115 95  THR A C   
741 O O   . THR A 92  ? 0.2003 0.2068 0.1895 -0.0308 0.0164  -0.0202 95  THR A O   
742 C CB  . THR A 92  ? 0.1828 0.1740 0.1864 -0.0238 0.0114  -0.0099 95  THR A CB  
743 O OG1 . THR A 92  ? 0.1749 0.1598 0.1831 -0.0199 0.0137  -0.0102 95  THR A OG1 
744 C CG2 . THR A 92  ? 0.2103 0.1759 0.2026 -0.0270 0.0151  -0.0002 95  THR A CG2 
745 N N   . GLU A 93  ? 0.2131 0.1907 0.1874 -0.0320 -0.0038 -0.0009 96  GLU A N   
746 C CA  . GLU A 93  ? 0.2455 0.2079 0.1862 -0.0476 -0.0026 0.0002  96  GLU A CA  
747 C C   . GLU A 93  ? 0.2560 0.2068 0.1945 -0.0510 -0.0030 0.0124  96  GLU A C   
748 O O   . GLU A 93  ? 0.2709 0.2123 0.2162 -0.0489 -0.0158 0.0325  96  GLU A O   
749 C CB  . GLU A 93  ? 0.2766 0.2232 0.1915 -0.0589 -0.0183 0.0083  96  GLU A CB  
750 C CG  . GLU A 93  ? 0.2819 0.2273 0.1925 -0.0572 -0.0150 -0.0045 96  GLU A CG  
751 C CD  . GLU A 93  ? 0.2971 0.2340 0.1892 -0.0590 0.0113  -0.0247 96  GLU A CD  
752 O OE1 . GLU A 93  ? 0.3330 0.2538 0.1922 -0.0733 0.0230  -0.0287 96  GLU A OE1 
753 O OE2 . GLU A 93  ? 0.2751 0.2208 0.1888 -0.0453 0.0226  -0.0341 96  GLU A OE2 
754 N N   . THR A 94  ? 0.2586 0.2108 0.1924 -0.0565 0.0116  0.0032  97  THR A N   
755 C CA  . THR A 94  ? 0.2803 0.2126 0.2059 -0.0616 0.0171  0.0115  97  THR A CA  
756 C C   . THR A 94  ? 0.3145 0.2239 0.2226 -0.0666 0.0059  0.0324  97  THR A C   
757 O O   . THR A 94  ? 0.3354 0.2400 0.2143 -0.0798 -0.0012 0.0336  97  THR A O   
758 C CB  . THR A 94  ? 0.2888 0.2246 0.2001 -0.0774 0.0323  -0.0009 97  THR A CB  
759 O OG1 . THR A 94  ? 0.2583 0.2277 0.1907 -0.0759 0.0369  -0.0142 97  THR A OG1 
760 C CG2 . THR A 94  ? 0.2923 0.2057 0.1979 -0.0828 0.0409  0.0013  97  THR A CG2 
761 N N   . GLY A 95  ? 0.3285 0.2203 0.2535 -0.0568 0.0060  0.0508  98  GLY A N   
762 C CA  . GLY A 95  ? 0.3622 0.2366 0.2841 -0.0582 -0.0076 0.0801  98  GLY A CA  
763 C C   . GLY A 95  ? 0.3646 0.2562 0.3014 -0.0574 -0.0353 0.1012  98  GLY A C   
764 O O   . GLY A 95  ? 0.3983 0.2842 0.3454 -0.0584 -0.0535 0.1347  98  GLY A O   
765 N N   . ILE A 96  ? 0.3328 0.2452 0.2717 -0.0581 -0.0409 0.0856  99  ILE A N   
766 C CA  . ILE A 96  ? 0.3411 0.2665 0.2858 -0.0651 -0.0687 0.1041  99  ILE A CA  
767 C C   . ILE A 96  ? 0.3071 0.2560 0.3067 -0.0462 -0.0711 0.1111  99  ILE A C   
768 O O   . ILE A 96  ? 0.3157 0.2782 0.3558 -0.0409 -0.0885 0.1439  99  ILE A O   
769 C CB  . ILE A 96  ? 0.3625 0.2797 0.2520 -0.0890 -0.0746 0.0850  99  ILE A CB  
770 C CG1 . ILE A 96  ? 0.4096 0.2990 0.2404 -0.1114 -0.0698 0.0818  99  ILE A CG1 
771 C CG2 . ILE A 96  ? 0.3651 0.2891 0.2513 -0.1041 -0.1058 0.1043  99  ILE A CG2 
772 C CD1 . ILE A 96  ? 0.4263 0.2978 0.2032 -0.1289 -0.0527 0.0524  99  ILE A CD1 
773 N N   . GLY A 97  ? 0.2764 0.2318 0.2806 -0.0367 -0.0539 0.0838  100 GLY A N   
774 C CA  . GLY A 97  ? 0.2472 0.2210 0.2900 -0.0240 -0.0553 0.0857  100 GLY A CA  
775 C C   . GLY A 97  ? 0.2310 0.2076 0.2614 -0.0202 -0.0406 0.0551  100 GLY A C   
776 O O   . GLY A 97  ? 0.2235 0.1942 0.2439 -0.0169 -0.0227 0.0384  100 GLY A O   
777 N N   . TYR A 98  ? 0.2297 0.2150 0.2613 -0.0231 -0.0501 0.0510  101 TYR A N   
778 C CA  . TYR A 98  ? 0.2146 0.2034 0.2442 -0.0159 -0.0380 0.0293  101 TYR A CA  
779 C C   . TYR A 98  ? 0.2310 0.2135 0.2377 -0.0262 -0.0450 0.0204  101 TYR A C   
780 O O   . TYR A 98  ? 0.2524 0.2288 0.2456 -0.0421 -0.0629 0.0319  101 TYR A O   
781 C CB  . TYR A 98  ? 0.1945 0.1912 0.2596 -0.0006 -0.0303 0.0333  101 TYR A CB  
782 C CG  . TYR A 98  ? 0.1928 0.1801 0.2680 0.0079  -0.0133 0.0356  101 TYR A CG  
783 C CD1 . TYR A 98  ? 0.1878 0.1685 0.2446 0.0069  0.0001  0.0184  101 TYR A CD1 
784 C CD2 . TYR A 98  ? 0.1798 0.1622 0.2838 0.0152  -0.0095 0.0574  101 TYR A CD2 
785 C CE1 . TYR A 98  ? 0.2033 0.1633 0.2542 0.0073  0.0175  0.0179  101 TYR A CE1 
786 C CE2 . TYR A 98  ? 0.1954 0.1547 0.3012 0.0226  0.0142  0.0572  101 TYR A CE2 
787 C CZ  . TYR A 98  ? 0.2135 0.1571 0.2849 0.0159  0.0278  0.0349  101 TYR A CZ  
788 O OH  . TYR A 98  ? 0.2605 0.1702 0.3185 0.0159  0.0525  0.0318  101 TYR A OH  
789 N N   . ARG A 99  ? 0.2296 0.2111 0.2321 -0.0186 -0.0306 0.0022  102 ARG A N   
790 C CA  . ARG A 99  ? 0.2669 0.2309 0.2447 -0.0249 -0.0264 -0.0094 102 ARG A CA  
791 C C   . ARG A 99  ? 0.2413 0.2135 0.2438 -0.0076 -0.0176 -0.0156 102 ARG A C   
792 O O   . ARG A 99  ? 0.2246 0.2145 0.2486 0.0049  -0.0099 -0.0174 102 ARG A O   
793 C CB  . ARG A 99  ? 0.2994 0.2473 0.2456 -0.0317 -0.0092 -0.0230 102 ARG A CB  
794 C CG  . ARG A 99  ? 0.3688 0.2813 0.2757 -0.0420 0.0040  -0.0364 102 ARG A CG  
795 C CD  . ARG A 99  ? 0.4214 0.3180 0.3050 -0.0448 0.0317  -0.0497 102 ARG A CD  
796 N NE  . ARG A 99  ? 0.5493 0.3926 0.3664 -0.0688 0.0430  -0.0609 102 ARG A NE  
797 C CZ  . ARG A 99  ? 0.6323 0.4441 0.4078 -0.0802 0.0708  -0.0736 102 ARG A CZ  
798 N NH1 . ARG A 99  ? 0.6296 0.4668 0.4340 -0.0682 0.0889  -0.0748 102 ARG A NH1 
799 N NH2 . ARG A 99  ? 0.7275 0.4781 0.4273 -0.1078 0.0826  -0.0855 102 ARG A NH2 
800 N N   . PHE A 100 ? 0.2451 0.2031 0.2411 -0.0109 -0.0212 -0.0165 103 PHE A N   
801 C CA  . PHE A 100 ? 0.2213 0.1825 0.2372 0.0045  -0.0143 -0.0190 103 PHE A CA  
802 C C   . PHE A 100 ? 0.2521 0.1867 0.2504 0.0080  0.0032  -0.0308 103 PHE A C   
803 O O   . PHE A 100 ? 0.2882 0.1878 0.2485 -0.0079 0.0065  -0.0379 103 PHE A O   
804 C CB  . PHE A 100 ? 0.2101 0.1754 0.2418 0.0023  -0.0266 -0.0084 103 PHE A CB  
805 C CG  . PHE A 100 ? 0.1988 0.1565 0.2378 0.0127  -0.0201 -0.0107 103 PHE A CG  
806 C CD1 . PHE A 100 ? 0.1597 0.1326 0.2183 0.0272  -0.0157 -0.0080 103 PHE A CD1 
807 C CD2 . PHE A 100 ? 0.2148 0.1447 0.2341 0.0040  -0.0192 -0.0147 103 PHE A CD2 
808 C CE1 . PHE A 100 ? 0.1854 0.1501 0.2483 0.0353  -0.0126 -0.0059 103 PHE A CE1 
809 C CE2 . PHE A 100 ? 0.2341 0.1519 0.2591 0.0143  -0.0120 -0.0149 103 PHE A CE2 
810 C CZ  . PHE A 100 ? 0.2052 0.1426 0.2546 0.0316  -0.0097 -0.0090 103 PHE A CZ  
811 N N   . MET A 101 ? 0.2414 0.1894 0.2665 0.0274  0.0150  -0.0306 104 MET A N   
812 C CA  . MET A 101 ? 0.2743 0.2004 0.2979 0.0381  0.0389  -0.0374 104 MET A CA  
813 C C   . MET A 101 ? 0.2789 0.1939 0.3163 0.0507  0.0403  -0.0318 104 MET A C   
814 O O   . MET A 101 ? 0.2515 0.1950 0.3202 0.0622  0.0295  -0.0195 104 MET A O   
815 C CB  . MET A 101 ? 0.2662 0.2210 0.3219 0.0516  0.0531  -0.0346 104 MET A CB  
816 C CG  . MET A 101 ? 0.2700 0.2279 0.3062 0.0374  0.0569  -0.0415 104 MET A CG  
817 S SD  . MET A 101 ? 0.3956 0.2923 0.3633 0.0152  0.0733  -0.0584 104 MET A SD  
818 N N   . LEU A 102 ? 0.3331 0.1997 0.3373 0.0437  0.0533  -0.0410 105 LEU A N   
819 C CA  . LEU A 102 ? 0.3565 0.1952 0.3643 0.0548  0.0627  -0.0379 105 LEU A CA  
820 C C   . LEU A 102 ? 0.3512 0.1819 0.3441 0.0391  0.0415  -0.0342 105 LEU A C   
821 O O   . LEU A 102 ? 0.3862 0.1700 0.3450 0.0259  0.0485  -0.0412 105 LEU A O   
822 C CB  . LEU A 102 ? 0.3324 0.2008 0.3945 0.0846  0.0687  -0.0216 105 LEU A CB  
823 C CG  . LEU A 102 ? 0.3451 0.2336 0.4443 0.1037  0.0907  -0.0172 105 LEU A CG  
824 C CD1 . LEU A 102 ? 0.3535 0.2811 0.5129 0.1278  0.0832  0.0088  105 LEU A CD1 
825 C CD2 . LEU A 102 ? 0.4058 0.2388 0.4825 0.1082  0.1340  -0.0321 105 LEU A CD2 
# 
loop_
_pdbx_poly_seq_scheme.asym_id 
_pdbx_poly_seq_scheme.entity_id 
_pdbx_poly_seq_scheme.seq_id 
_pdbx_poly_seq_scheme.mon_id 
_pdbx_poly_seq_scheme.ndb_seq_num 
_pdbx_poly_seq_scheme.pdb_seq_num 
_pdbx_poly_seq_scheme.auth_seq_num 
_pdbx_poly_seq_scheme.pdb_mon_id 
_pdbx_poly_seq_scheme.auth_mon_id 
_pdbx_poly_seq_scheme.pdb_strand_id 
_pdbx_poly_seq_scheme.pdb_ins_code 
_pdbx_poly_seq_scheme.hetero 
A 1 1   ALA 1   4   ?   ?   ?   A . n 
A 1 2   PRO 2   5   5   PRO PRO A . n 
A 1 3   ASP 3   6   6   ASP ASP A . n 
A 1 4   PRO 4   7   7   PRO PRO A . n 
A 1 5   LEU 5   8   8   LEU LEU A . n 
A 1 6   VAL 6   9   9   VAL VAL A . n 
A 1 7   LYS 7   10  10  LYS LYS A . n 
A 1 8   PHE 8   11  11  PHE PHE A . n 
A 1 9   SER 9   12  12  SER SER A . n 
A 1 10  ASP 10  13  13  ASP ASP A . n 
A 1 11  VAL 11  14  14  VAL VAL A . n 
A 1 12  THR 12  15  15  THR THR A . n 
A 1 13  VAL 13  16  16  VAL VAL A . n 
A 1 14  ASP 14  17  17  ASP ASP A . n 
A 1 15  LEU 15  18  18  LEU LEU A . n 
A 1 16  ALA 16  19  19  ALA ALA A . n 
A 1 17  ALA 17  20  20  ALA ALA A . n 
A 1 18  ARG 18  21  21  ARG ARG A . n 
A 1 19  VAL 19  22  22  VAL VAL A . n 
A 1 20  ILE 20  23  23  ILE ILE A . n 
A 1 21  HIS 21  24  24  HIS HIS A . n 
A 1 22  ARG 22  25  25  ARG ARG A . n 
A 1 23  GLY 23  26  26  GLY GLY A . n 
A 1 24  GLU 24  27  27  GLU GLU A . n 
A 1 25  GLU 25  28  28  GLU GLU A . n 
A 1 26  GLU 26  29  29  GLU GLU A . n 
A 1 27  VAL 27  30  30  VAL VAL A . n 
A 1 28  HIS 28  31  31  HIS HIS A . n 
A 1 29  LEU 29  32  32  LEU LEU A . n 
A 1 30  THR 30  33  33  THR THR A . n 
A 1 31  PRO 31  34  34  PRO PRO A . n 
A 1 32  ILE 32  35  35  ILE ILE A . n 
A 1 33  GLU 33  36  36  GLU GLU A . n 
A 1 34  PHE 34  37  37  PHE PHE A . n 
A 1 35  ARG 35  38  38  ARG ARG A . n 
A 1 36  LEU 36  39  39  LEU LEU A . n 
A 1 37  LEU 37  40  40  LEU LEU A . n 
A 1 38  ALA 38  41  41  ALA ALA A . n 
A 1 39  VAL 39  42  42  VAL VAL A . n 
A 1 40  LEU 40  43  43  LEU LEU A . n 
A 1 41  LEU 41  44  44  LEU LEU A . n 
A 1 42  ASN 42  45  45  ASN ASN A . n 
A 1 43  ASN 43  46  46  ASN ASN A . n 
A 1 44  ALA 44  47  47  ALA ALA A . n 
A 1 45  GLY 45  48  48  GLY GLY A . n 
A 1 46  LYS 46  49  49  LYS LYS A . n 
A 1 47  VAL 47  50  50  VAL VAL A . n 
A 1 48  LEU 48  51  51  LEU LEU A . n 
A 1 49  THR 49  52  52  THR THR A . n 
A 1 50  GLN 50  53  53  GLN GLN A . n 
A 1 51  ARG 51  54  54  ARG ARG A . n 
A 1 52  GLN 52  55  55  GLN GLN A . n 
A 1 53  LEU 53  56  56  LEU LEU A . n 
A 1 54  LEU 54  57  57  LEU LEU A . n 
A 1 55  ASN 55  58  58  ASN ASN A . n 
A 1 56  GLN 56  59  59  GLN GLN A . n 
A 1 57  VAL 57  60  60  VAL VAL A . n 
A 1 58  TRP 58  61  61  TRP TRP A . n 
A 1 59  GLY 59  62  62  GLY GLY A . n 
A 1 60  PRO 60  63  63  PRO PRO A . n 
A 1 61  ASN 61  64  64  ASN ASN A . n 
A 1 62  ALA 62  65  65  ALA ALA A . n 
A 1 63  VAL 63  66  66  VAL VAL A . n 
A 1 64  GLU 64  67  67  GLU GLU A . n 
A 1 65  HIS 65  68  68  HIS HIS A . n 
A 1 66  SER 66  69  69  SER SER A . n 
A 1 67  HIS 67  70  70  HIS HIS A . n 
A 1 68  TYR 68  71  71  TYR TYR A . n 
A 1 69  LEU 69  72  72  LEU LEU A . n 
A 1 70  ARG 70  73  73  ARG ARG A . n 
A 1 71  ILE 71  74  74  ILE ILE A . n 
A 1 72  TYR 72  75  75  TYR TYR A . n 
A 1 73  MET 73  76  76  MET MET A . n 
A 1 74  GLY 74  77  77  GLY GLY A . n 
A 1 75  HIS 75  78  78  HIS HIS A . n 
A 1 76  LEU 76  79  79  LEU LEU A . n 
A 1 77  ARG 77  80  80  ARG ARG A . n 
A 1 78  GLN 78  81  81  GLN GLN A . n 
A 1 79  LYS 79  82  82  LYS LYS A . n 
A 1 80  LEU 80  83  83  LEU LEU A . n 
A 1 81  GLU 81  84  84  GLU GLU A . n 
A 1 82  GLN 82  85  85  GLN GLN A . n 
A 1 83  ASP 83  86  86  ASP ASP A . n 
A 1 84  PRO 84  87  87  PRO PRO A . n 
A 1 85  ALA 85  88  88  ALA ALA A . n 
A 1 86  ARG 86  89  89  ARG ARG A . n 
A 1 87  PRO 87  90  90  PRO PRO A . n 
A 1 88  ARG 88  91  91  ARG ARG A . n 
A 1 89  HIS 89  92  92  HIS HIS A . n 
A 1 90  PHE 90  93  93  PHE PHE A . n 
A 1 91  ILE 91  94  94  ILE ILE A . n 
A 1 92  THR 92  95  95  THR THR A . n 
A 1 93  GLU 93  96  96  GLU GLU A . n 
A 1 94  THR 94  97  97  THR THR A . n 
A 1 95  GLY 95  98  98  GLY GLY A . n 
A 1 96  ILE 96  99  99  ILE ILE A . n 
A 1 97  GLY 97  100 100 GLY GLY A . n 
A 1 98  TYR 98  101 101 TYR TYR A . n 
A 1 99  ARG 99  102 102 ARG ARG A . n 
A 1 100 PHE 100 103 103 PHE PHE A . n 
A 1 101 MET 101 104 104 MET MET A . n 
A 1 102 LEU 102 105 105 LEU LEU A . n 
# 
loop_
_pdbx_nonpoly_scheme.asym_id 
_pdbx_nonpoly_scheme.entity_id 
_pdbx_nonpoly_scheme.mon_id 
_pdbx_nonpoly_scheme.ndb_seq_num 
_pdbx_nonpoly_scheme.pdb_seq_num 
_pdbx_nonpoly_scheme.auth_seq_num 
_pdbx_nonpoly_scheme.pdb_mon_id 
_pdbx_nonpoly_scheme.auth_mon_id 
_pdbx_nonpoly_scheme.pdb_strand_id 
_pdbx_nonpoly_scheme.pdb_ins_code 
B 2 HOH 1  2001 2001 HOH HOH A . 
B 2 HOH 2  2002 2002 HOH HOH A . 
B 2 HOH 3  2003 2003 HOH HOH A . 
B 2 HOH 4  2004 2004 HOH HOH A . 
B 2 HOH 5  2005 2005 HOH HOH A . 
B 2 HOH 6  2006 2006 HOH HOH A . 
B 2 HOH 7  2007 2007 HOH HOH A . 
B 2 HOH 8  2008 2008 HOH HOH A . 
B 2 HOH 9  2009 2009 HOH HOH A . 
B 2 HOH 10 2010 2010 HOH HOH A . 
B 2 HOH 11 2011 2011 HOH HOH A . 
B 2 HOH 12 2012 2012 HOH HOH A . 
B 2 HOH 13 2013 2013 HOH HOH A . 
B 2 HOH 14 2014 2014 HOH HOH A . 
B 2 HOH 15 2015 2015 HOH HOH A . 
B 2 HOH 16 2016 2016 HOH HOH A . 
B 2 HOH 17 2017 2017 HOH HOH A . 
B 2 HOH 18 2018 2018 HOH HOH A . 
B 2 HOH 19 2019 2019 HOH HOH A . 
B 2 HOH 20 2020 2020 HOH HOH A . 
B 2 HOH 21 2021 2021 HOH HOH A . 
B 2 HOH 22 2022 2022 HOH HOH A . 
B 2 HOH 23 2023 2023 HOH HOH A . 
# 
_pdbx_struct_assembly.id                   1 
_pdbx_struct_assembly.details              author_and_software_defined_assembly 
_pdbx_struct_assembly.method_details       PISA 
_pdbx_struct_assembly.oligomeric_details   monomeric 
_pdbx_struct_assembly.oligomeric_count     1 
# 
_pdbx_struct_assembly_gen.assembly_id       1 
_pdbx_struct_assembly_gen.oper_expression   1 
_pdbx_struct_assembly_gen.asym_id_list      A,B 
# 
_pdbx_struct_oper_list.id                   1 
_pdbx_struct_oper_list.type                 'identity operation' 
_pdbx_struct_oper_list.name                 1_555 
_pdbx_struct_oper_list.symmetry_operation   x,y,z 
_pdbx_struct_oper_list.matrix[1][1]         1.0000000000 
_pdbx_struct_oper_list.matrix[1][2]         0.0000000000 
_pdbx_struct_oper_list.matrix[1][3]         0.0000000000 
_pdbx_struct_oper_list.vector[1]            0.0000000000 
_pdbx_struct_oper_list.matrix[2][1]         0.0000000000 
_pdbx_struct_oper_list.matrix[2][2]         1.0000000000 
_pdbx_struct_oper_list.matrix[2][3]         0.0000000000 
_pdbx_struct_oper_list.vector[2]            0.0000000000 
_pdbx_struct_oper_list.matrix[3][1]         0.0000000000 
_pdbx_struct_oper_list.matrix[3][2]         0.0000000000 
_pdbx_struct_oper_list.matrix[3][3]         1.0000000000 
_pdbx_struct_oper_list.vector[3]            0.0000000000 
# 
loop_
_pdbx_audit_revision_history.ordinal 
_pdbx_audit_revision_history.data_content_type 
_pdbx_audit_revision_history.major_revision 
_pdbx_audit_revision_history.minor_revision 
_pdbx_audit_revision_history.revision_date 
1 'Structure model' 1 0 2012-03-21 
2 'Structure model' 1 1 2017-07-05 
3 'Structure model' 1 2 2023-12-20 
# 
_pdbx_audit_revision_details.ordinal             1 
_pdbx_audit_revision_details.revision_ordinal    1 
_pdbx_audit_revision_details.data_content_type   'Structure model' 
_pdbx_audit_revision_details.provider            repository 
_pdbx_audit_revision_details.type                'Initial release' 
_pdbx_audit_revision_details.description         ? 
_pdbx_audit_revision_details.details             ? 
# 
loop_
_pdbx_audit_revision_group.ordinal 
_pdbx_audit_revision_group.revision_ordinal 
_pdbx_audit_revision_group.data_content_type 
_pdbx_audit_revision_group.group 
1 2 'Structure model' 'Data collection'        
2 3 'Structure model' 'Data collection'        
3 3 'Structure model' 'Database references'    
4 3 'Structure model' Other                    
5 3 'Structure model' 'Refinement description' 
# 
loop_
_pdbx_audit_revision_category.ordinal 
_pdbx_audit_revision_category.revision_ordinal 
_pdbx_audit_revision_category.data_content_type 
_pdbx_audit_revision_category.category 
1 2 'Structure model' diffrn_source                 
2 3 'Structure model' chem_comp_atom                
3 3 'Structure model' chem_comp_bond                
4 3 'Structure model' database_2                    
5 3 'Structure model' pdbx_database_status          
6 3 'Structure model' pdbx_initial_refinement_model 
# 
loop_
_pdbx_audit_revision_item.ordinal 
_pdbx_audit_revision_item.revision_ordinal 
_pdbx_audit_revision_item.data_content_type 
_pdbx_audit_revision_item.item 
1 2 'Structure model' '_diffrn_source.type'                  
2 3 'Structure model' '_database_2.pdbx_DOI'                 
3 3 'Structure model' '_database_2.pdbx_database_accession'  
4 3 'Structure model' '_pdbx_database_status.status_code_sf' 
# 
loop_
_pdbx_refine_tls.pdbx_refine_id 
_pdbx_refine_tls.id 
_pdbx_refine_tls.details 
_pdbx_refine_tls.method 
_pdbx_refine_tls.origin_x 
_pdbx_refine_tls.origin_y 
_pdbx_refine_tls.origin_z 
_pdbx_refine_tls.T[1][1] 
_pdbx_refine_tls.T[2][2] 
_pdbx_refine_tls.T[3][3] 
_pdbx_refine_tls.T[1][2] 
_pdbx_refine_tls.T[1][3] 
_pdbx_refine_tls.T[2][3] 
_pdbx_refine_tls.L[1][1] 
_pdbx_refine_tls.L[2][2] 
_pdbx_refine_tls.L[3][3] 
_pdbx_refine_tls.L[1][2] 
_pdbx_refine_tls.L[1][3] 
_pdbx_refine_tls.L[2][3] 
_pdbx_refine_tls.S[1][1] 
_pdbx_refine_tls.S[1][2] 
_pdbx_refine_tls.S[1][3] 
_pdbx_refine_tls.S[2][1] 
_pdbx_refine_tls.S[2][2] 
_pdbx_refine_tls.S[2][3] 
_pdbx_refine_tls.S[3][1] 
_pdbx_refine_tls.S[3][2] 
_pdbx_refine_tls.S[3][3] 
'X-RAY DIFFRACTION' 1 ? refined -0.8914 -10.8815 4.0913  0.0830  0.0544  -0.0045 0.0276 0.0084  0.0021  5.0458 6.9853 4.0793  0.5665 -4.1375 -0.2663 0.1048 -0.0112 -0.4808 0.2789  -0.2387 0.0672  0.4481  0.3715  0.1338  
'X-RAY DIFFRACTION' 2 ? refined -2.3043 -3.1662  2.5146  -0.0073 -0.0545 -0.0093 0.0682 -0.0139 -0.0275 3.2699 6.1225 9.9266  1.4533 -4.5304 0.1720  0.0418 0.0606  0.0020  0.5299  0.0769  0.2989  0.7768  0.4054  -0.1188 
'X-RAY DIFFRACTION' 3 ? refined -5.6427 9.7411   -4.1478 0.0294  0.0152  0.1541  0.1096 -0.0367 0.0672  6.0285 8.9435 13.2419 4.1819 -1.7499 7.5581  0.0016 0.3443  1.0241  -0.4040 -0.2358 0.8457  -0.5945 -1.0200 0.2341  
'X-RAY DIFFRACTION' 4 ? refined 7.4073  2.1502   -0.3852 -0.0716 -0.0405 -0.0178 0.0094 -0.0113 -0.0071 3.1027 7.5479 5.0206  3.3185 -2.1328 -2.9569 0.1422 -0.1138 -0.1450 0.2061  -0.0878 -0.1320 -0.1875 0.4723  -0.0545  
# 
loop_
_pdbx_refine_tls_group.pdbx_refine_id 
_pdbx_refine_tls_group.id 
_pdbx_refine_tls_group.refine_tls_id 
_pdbx_refine_tls_group.beg_auth_asym_id 
_pdbx_refine_tls_group.beg_auth_seq_id 
_pdbx_refine_tls_group.beg_label_asym_id 
_pdbx_refine_tls_group.beg_label_seq_id 
_pdbx_refine_tls_group.end_auth_asym_id 
_pdbx_refine_tls_group.end_auth_seq_id 
_pdbx_refine_tls_group.end_label_asym_id 
_pdbx_refine_tls_group.end_label_seq_id 
_pdbx_refine_tls_group.selection 
_pdbx_refine_tls_group.selection_details 
'X-RAY DIFFRACTION' 1 1 A 5  ? ? A 25  ? ? ? ? 
'X-RAY DIFFRACTION' 2 2 A 26 ? ? A 50  ? ? ? ? 
'X-RAY DIFFRACTION' 3 3 A 51 ? ? A 75  ? ? ? ? 
'X-RAY DIFFRACTION' 4 4 A 76 ? ? A 105 ? ? ? ? 
# 
loop_
_software.name 
_software.classification 
_software.version 
_software.citation_id 
_software.pdbx_ordinal 
REFMAC    refinement       5.2.0019 ? 1 
HKL-2000  'data reduction' .        ? 2 
SCALEPACK 'data scaling'   .        ? 3 
PHASER    phasing          .        ? 4 
# 
_pdbx_validate_symm_contact.id                1 
_pdbx_validate_symm_contact.PDB_model_num     1 
_pdbx_validate_symm_contact.auth_atom_id_1    O 
_pdbx_validate_symm_contact.auth_asym_id_1    A 
_pdbx_validate_symm_contact.auth_comp_id_1    HOH 
_pdbx_validate_symm_contact.auth_seq_id_1     2019 
_pdbx_validate_symm_contact.PDB_ins_code_1    ? 
_pdbx_validate_symm_contact.label_alt_id_1    ? 
_pdbx_validate_symm_contact.site_symmetry_1   1_555 
_pdbx_validate_symm_contact.auth_atom_id_2    O 
_pdbx_validate_symm_contact.auth_asym_id_2    A 
_pdbx_validate_symm_contact.auth_comp_id_2    HOH 
_pdbx_validate_symm_contact.auth_seq_id_2     2019 
_pdbx_validate_symm_contact.PDB_ins_code_2    ? 
_pdbx_validate_symm_contact.label_alt_id_2    ? 
_pdbx_validate_symm_contact.site_symmetry_2   7_555 
_pdbx_validate_symm_contact.dist              1.87 
# 
loop_
_pdbx_validate_torsion.id 
_pdbx_validate_torsion.PDB_model_num 
_pdbx_validate_torsion.auth_comp_id 
_pdbx_validate_torsion.auth_asym_id 
_pdbx_validate_torsion.auth_seq_id 
_pdbx_validate_torsion.PDB_ins_code 
_pdbx_validate_torsion.label_alt_id 
_pdbx_validate_torsion.phi 
_pdbx_validate_torsion.psi 
1 1 ASP A 6  ? ? 59.03   101.98  
2 1 PHE A 11 ? ? -124.40 -57.81  
3 1 SER A 12 ? ? -117.58 -113.45 
4 1 ALA A 47 ? ? -36.99  124.25  
5 1 TRP A 61 ? ? -120.73 -70.74  
6 1 ASN A 64 ? ? -74.86  29.01   
7 1 GLU A 67 ? ? -67.88  26.02   
8 1 HIS A 68 ? ? -148.69 37.54   
# 
_pdbx_unobs_or_zero_occ_atoms.id               1 
_pdbx_unobs_or_zero_occ_atoms.PDB_model_num    1 
_pdbx_unobs_or_zero_occ_atoms.polymer_flag     Y 
_pdbx_unobs_or_zero_occ_atoms.occupancy_flag   1 
_pdbx_unobs_or_zero_occ_atoms.auth_asym_id     A 
_pdbx_unobs_or_zero_occ_atoms.auth_comp_id     MET 
_pdbx_unobs_or_zero_occ_atoms.auth_seq_id      104 
_pdbx_unobs_or_zero_occ_atoms.PDB_ins_code     ? 
_pdbx_unobs_or_zero_occ_atoms.auth_atom_id     CE 
_pdbx_unobs_or_zero_occ_atoms.label_alt_id     ? 
_pdbx_unobs_or_zero_occ_atoms.label_asym_id    A 
_pdbx_unobs_or_zero_occ_atoms.label_comp_id    MET 
_pdbx_unobs_or_zero_occ_atoms.label_seq_id     101 
_pdbx_unobs_or_zero_occ_atoms.label_atom_id    CE 
# 
_pdbx_unobs_or_zero_occ_residues.id               1 
_pdbx_unobs_or_zero_occ_residues.PDB_model_num    1 
_pdbx_unobs_or_zero_occ_residues.polymer_flag     Y 
_pdbx_unobs_or_zero_occ_residues.occupancy_flag   1 
_pdbx_unobs_or_zero_occ_residues.auth_asym_id     A 
_pdbx_unobs_or_zero_occ_residues.auth_comp_id     ALA 
_pdbx_unobs_or_zero_occ_residues.auth_seq_id      4 
_pdbx_unobs_or_zero_occ_residues.PDB_ins_code     ? 
_pdbx_unobs_or_zero_occ_residues.label_asym_id    A 
_pdbx_unobs_or_zero_occ_residues.label_comp_id    ALA 
_pdbx_unobs_or_zero_occ_residues.label_seq_id     1 
# 
loop_
_chem_comp_atom.comp_id 
_chem_comp_atom.atom_id 
_chem_comp_atom.type_symbol 
_chem_comp_atom.pdbx_aromatic_flag 
_chem_comp_atom.pdbx_stereo_config 
_chem_comp_atom.pdbx_ordinal 
ALA N    N N N 1   
ALA CA   C N S 2   
ALA C    C N N 3   
ALA O    O N N 4   
ALA CB   C N N 5   
ALA OXT  O N N 6   
ALA H    H N N 7   
ALA H2   H N N 8   
ALA HA   H N N 9   
ALA HB1  H N N 10  
ALA HB2  H N N 11  
ALA HB3  H N N 12  
ALA HXT  H N N 13  
ARG N    N N N 14  
ARG CA   C N S 15  
ARG C    C N N 16  
ARG O    O N N 17  
ARG CB   C N N 18  
ARG CG   C N N 19  
ARG CD   C N N 20  
ARG NE   N N N 21  
ARG CZ   C N N 22  
ARG NH1  N N N 23  
ARG NH2  N N N 24  
ARG OXT  O N N 25  
ARG H    H N N 26  
ARG H2   H N N 27  
ARG HA   H N N 28  
ARG HB2  H N N 29  
ARG HB3  H N N 30  
ARG HG2  H N N 31  
ARG HG3  H N N 32  
ARG HD2  H N N 33  
ARG HD3  H N N 34  
ARG HE   H N N 35  
ARG HH11 H N N 36  
ARG HH12 H N N 37  
ARG HH21 H N N 38  
ARG HH22 H N N 39  
ARG HXT  H N N 40  
ASN N    N N N 41  
ASN CA   C N S 42  
ASN C    C N N 43  
ASN O    O N N 44  
ASN CB   C N N 45  
ASN CG   C N N 46  
ASN OD1  O N N 47  
ASN ND2  N N N 48  
ASN OXT  O N N 49  
ASN H    H N N 50  
ASN H2   H N N 51  
ASN HA   H N N 52  
ASN HB2  H N N 53  
ASN HB3  H N N 54  
ASN HD21 H N N 55  
ASN HD22 H N N 56  
ASN HXT  H N N 57  
ASP N    N N N 58  
ASP CA   C N S 59  
ASP C    C N N 60  
ASP O    O N N 61  
ASP CB   C N N 62  
ASP CG   C N N 63  
ASP OD1  O N N 64  
ASP OD2  O N N 65  
ASP OXT  O N N 66  
ASP H    H N N 67  
ASP H2   H N N 68  
ASP HA   H N N 69  
ASP HB2  H N N 70  
ASP HB3  H N N 71  
ASP HD2  H N N 72  
ASP HXT  H N N 73  
GLN N    N N N 74  
GLN CA   C N S 75  
GLN C    C N N 76  
GLN O    O N N 77  
GLN CB   C N N 78  
GLN CG   C N N 79  
GLN CD   C N N 80  
GLN OE1  O N N 81  
GLN NE2  N N N 82  
GLN OXT  O N N 83  
GLN H    H N N 84  
GLN H2   H N N 85  
GLN HA   H N N 86  
GLN HB2  H N N 87  
GLN HB3  H N N 88  
GLN HG2  H N N 89  
GLN HG3  H N N 90  
GLN HE21 H N N 91  
GLN HE22 H N N 92  
GLN HXT  H N N 93  
GLU N    N N N 94  
GLU CA   C N S 95  
GLU C    C N N 96  
GLU O    O N N 97  
GLU CB   C N N 98  
GLU CG   C N N 99  
GLU CD   C N N 100 
GLU OE1  O N N 101 
GLU OE2  O N N 102 
GLU OXT  O N N 103 
GLU H    H N N 104 
GLU H2   H N N 105 
GLU HA   H N N 106 
GLU HB2  H N N 107 
GLU HB3  H N N 108 
GLU HG2  H N N 109 
GLU HG3  H N N 110 
GLU HE2  H N N 111 
GLU HXT  H N N 112 
GLY N    N N N 113 
GLY CA   C N N 114 
GLY C    C N N 115 
GLY O    O N N 116 
GLY OXT  O N N 117 
GLY H    H N N 118 
GLY H2   H N N 119 
GLY HA2  H N N 120 
GLY HA3  H N N 121 
GLY HXT  H N N 122 
HIS N    N N N 123 
HIS CA   C N S 124 
HIS C    C N N 125 
HIS O    O N N 126 
HIS CB   C N N 127 
HIS CG   C Y N 128 
HIS ND1  N Y N 129 
HIS CD2  C Y N 130 
HIS CE1  C Y N 131 
HIS NE2  N Y N 132 
HIS OXT  O N N 133 
HIS H    H N N 134 
HIS H2   H N N 135 
HIS HA   H N N 136 
HIS HB2  H N N 137 
HIS HB3  H N N 138 
HIS HD1  H N N 139 
HIS HD2  H N N 140 
HIS HE1  H N N 141 
HIS HE2  H N N 142 
HIS HXT  H N N 143 
HOH O    O N N 144 
HOH H1   H N N 145 
HOH H2   H N N 146 
ILE N    N N N 147 
ILE CA   C N S 148 
ILE C    C N N 149 
ILE O    O N N 150 
ILE CB   C N S 151 
ILE CG1  C N N 152 
ILE CG2  C N N 153 
ILE CD1  C N N 154 
ILE OXT  O N N 155 
ILE H    H N N 156 
ILE H2   H N N 157 
ILE HA   H N N 158 
ILE HB   H N N 159 
ILE HG12 H N N 160 
ILE HG13 H N N 161 
ILE HG21 H N N 162 
ILE HG22 H N N 163 
ILE HG23 H N N 164 
ILE HD11 H N N 165 
ILE HD12 H N N 166 
ILE HD13 H N N 167 
ILE HXT  H N N 168 
LEU N    N N N 169 
LEU CA   C N S 170 
LEU C    C N N 171 
LEU O    O N N 172 
LEU CB   C N N 173 
LEU CG   C N N 174 
LEU CD1  C N N 175 
LEU CD2  C N N 176 
LEU OXT  O N N 177 
LEU H    H N N 178 
LEU H2   H N N 179 
LEU HA   H N N 180 
LEU HB2  H N N 181 
LEU HB3  H N N 182 
LEU HG   H N N 183 
LEU HD11 H N N 184 
LEU HD12 H N N 185 
LEU HD13 H N N 186 
LEU HD21 H N N 187 
LEU HD22 H N N 188 
LEU HD23 H N N 189 
LEU HXT  H N N 190 
LYS N    N N N 191 
LYS CA   C N S 192 
LYS C    C N N 193 
LYS O    O N N 194 
LYS CB   C N N 195 
LYS CG   C N N 196 
LYS CD   C N N 197 
LYS CE   C N N 198 
LYS NZ   N N N 199 
LYS OXT  O N N 200 
LYS H    H N N 201 
LYS H2   H N N 202 
LYS HA   H N N 203 
LYS HB2  H N N 204 
LYS HB3  H N N 205 
LYS HG2  H N N 206 
LYS HG3  H N N 207 
LYS HD2  H N N 208 
LYS HD3  H N N 209 
LYS HE2  H N N 210 
LYS HE3  H N N 211 
LYS HZ1  H N N 212 
LYS HZ2  H N N 213 
LYS HZ3  H N N 214 
LYS HXT  H N N 215 
MET N    N N N 216 
MET CA   C N S 217 
MET C    C N N 218 
MET O    O N N 219 
MET CB   C N N 220 
MET CG   C N N 221 
MET SD   S N N 222 
MET CE   C N N 223 
MET OXT  O N N 224 
MET H    H N N 225 
MET H2   H N N 226 
MET HA   H N N 227 
MET HB2  H N N 228 
MET HB3  H N N 229 
MET HG2  H N N 230 
MET HG3  H N N 231 
MET HE1  H N N 232 
MET HE2  H N N 233 
MET HE3  H N N 234 
MET HXT  H N N 235 
PHE N    N N N 236 
PHE CA   C N S 237 
PHE C    C N N 238 
PHE O    O N N 239 
PHE CB   C N N 240 
PHE CG   C Y N 241 
PHE CD1  C Y N 242 
PHE CD2  C Y N 243 
PHE CE1  C Y N 244 
PHE CE2  C Y N 245 
PHE CZ   C Y N 246 
PHE OXT  O N N 247 
PHE H    H N N 248 
PHE H2   H N N 249 
PHE HA   H N N 250 
PHE HB2  H N N 251 
PHE HB3  H N N 252 
PHE HD1  H N N 253 
PHE HD2  H N N 254 
PHE HE1  H N N 255 
PHE HE2  H N N 256 
PHE HZ   H N N 257 
PHE HXT  H N N 258 
PRO N    N N N 259 
PRO CA   C N S 260 
PRO C    C N N 261 
PRO O    O N N 262 
PRO CB   C N N 263 
PRO CG   C N N 264 
PRO CD   C N N 265 
PRO OXT  O N N 266 
PRO H    H N N 267 
PRO HA   H N N 268 
PRO HB2  H N N 269 
PRO HB3  H N N 270 
PRO HG2  H N N 271 
PRO HG3  H N N 272 
PRO HD2  H N N 273 
PRO HD3  H N N 274 
PRO HXT  H N N 275 
SER N    N N N 276 
SER CA   C N S 277 
SER C    C N N 278 
SER O    O N N 279 
SER CB   C N N 280 
SER OG   O N N 281 
SER OXT  O N N 282 
SER H    H N N 283 
SER H2   H N N 284 
SER HA   H N N 285 
SER HB2  H N N 286 
SER HB3  H N N 287 
SER HG   H N N 288 
SER HXT  H N N 289 
THR N    N N N 290 
THR CA   C N S 291 
THR C    C N N 292 
THR O    O N N 293 
THR CB   C N R 294 
THR OG1  O N N 295 
THR CG2  C N N 296 
THR OXT  O N N 297 
THR H    H N N 298 
THR H2   H N N 299 
THR HA   H N N 300 
THR HB   H N N 301 
THR HG1  H N N 302 
THR HG21 H N N 303 
THR HG22 H N N 304 
THR HG23 H N N 305 
THR HXT  H N N 306 
TRP N    N N N 307 
TRP CA   C N S 308 
TRP C    C N N 309 
TRP O    O N N 310 
TRP CB   C N N 311 
TRP CG   C Y N 312 
TRP CD1  C Y N 313 
TRP CD2  C Y N 314 
TRP NE1  N Y N 315 
TRP CE2  C Y N 316 
TRP CE3  C Y N 317 
TRP CZ2  C Y N 318 
TRP CZ3  C Y N 319 
TRP CH2  C Y N 320 
TRP OXT  O N N 321 
TRP H    H N N 322 
TRP H2   H N N 323 
TRP HA   H N N 324 
TRP HB2  H N N 325 
TRP HB3  H N N 326 
TRP HD1  H N N 327 
TRP HE1  H N N 328 
TRP HE3  H N N 329 
TRP HZ2  H N N 330 
TRP HZ3  H N N 331 
TRP HH2  H N N 332 
TRP HXT  H N N 333 
TYR N    N N N 334 
TYR CA   C N S 335 
TYR C    C N N 336 
TYR O    O N N 337 
TYR CB   C N N 338 
TYR CG   C Y N 339 
TYR CD1  C Y N 340 
TYR CD2  C Y N 341 
TYR CE1  C Y N 342 
TYR CE2  C Y N 343 
TYR CZ   C Y N 344 
TYR OH   O N N 345 
TYR OXT  O N N 346 
TYR H    H N N 347 
TYR H2   H N N 348 
TYR HA   H N N 349 
TYR HB2  H N N 350 
TYR HB3  H N N 351 
TYR HD1  H N N 352 
TYR HD2  H N N 353 
TYR HE1  H N N 354 
TYR HE2  H N N 355 
TYR HH   H N N 356 
TYR HXT  H N N 357 
VAL N    N N N 358 
VAL CA   C N S 359 
VAL C    C N N 360 
VAL O    O N N 361 
VAL CB   C N N 362 
VAL CG1  C N N 363 
VAL CG2  C N N 364 
VAL OXT  O N N 365 
VAL H    H N N 366 
VAL H2   H N N 367 
VAL HA   H N N 368 
VAL HB   H N N 369 
VAL HG11 H N N 370 
VAL HG12 H N N 371 
VAL HG13 H N N 372 
VAL HG21 H N N 373 
VAL HG22 H N N 374 
VAL HG23 H N N 375 
VAL HXT  H N N 376 
# 
loop_
_chem_comp_bond.comp_id 
_chem_comp_bond.atom_id_1 
_chem_comp_bond.atom_id_2 
_chem_comp_bond.value_order 
_chem_comp_bond.pdbx_aromatic_flag 
_chem_comp_bond.pdbx_stereo_config 
_chem_comp_bond.pdbx_ordinal 
ALA N   CA   sing N N 1   
ALA N   H    sing N N 2   
ALA N   H2   sing N N 3   
ALA CA  C    sing N N 4   
ALA CA  CB   sing N N 5   
ALA CA  HA   sing N N 6   
ALA C   O    doub N N 7   
ALA C   OXT  sing N N 8   
ALA CB  HB1  sing N N 9   
ALA CB  HB2  sing N N 10  
ALA CB  HB3  sing N N 11  
ALA OXT HXT  sing N N 12  
ARG N   CA   sing N N 13  
ARG N   H    sing N N 14  
ARG N   H2   sing N N 15  
ARG CA  C    sing N N 16  
ARG CA  CB   sing N N 17  
ARG CA  HA   sing N N 18  
ARG C   O    doub N N 19  
ARG C   OXT  sing N N 20  
ARG CB  CG   sing N N 21  
ARG CB  HB2  sing N N 22  
ARG CB  HB3  sing N N 23  
ARG CG  CD   sing N N 24  
ARG CG  HG2  sing N N 25  
ARG CG  HG3  sing N N 26  
ARG CD  NE   sing N N 27  
ARG CD  HD2  sing N N 28  
ARG CD  HD3  sing N N 29  
ARG NE  CZ   sing N N 30  
ARG NE  HE   sing N N 31  
ARG CZ  NH1  sing N N 32  
ARG CZ  NH2  doub N N 33  
ARG NH1 HH11 sing N N 34  
ARG NH1 HH12 sing N N 35  
ARG NH2 HH21 sing N N 36  
ARG NH2 HH22 sing N N 37  
ARG OXT HXT  sing N N 38  
ASN N   CA   sing N N 39  
ASN N   H    sing N N 40  
ASN N   H2   sing N N 41  
ASN CA  C    sing N N 42  
ASN CA  CB   sing N N 43  
ASN CA  HA   sing N N 44  
ASN C   O    doub N N 45  
ASN C   OXT  sing N N 46  
ASN CB  CG   sing N N 47  
ASN CB  HB2  sing N N 48  
ASN CB  HB3  sing N N 49  
ASN CG  OD1  doub N N 50  
ASN CG  ND2  sing N N 51  
ASN ND2 HD21 sing N N 52  
ASN ND2 HD22 sing N N 53  
ASN OXT HXT  sing N N 54  
ASP N   CA   sing N N 55  
ASP N   H    sing N N 56  
ASP N   H2   sing N N 57  
ASP CA  C    sing N N 58  
ASP CA  CB   sing N N 59  
ASP CA  HA   sing N N 60  
ASP C   O    doub N N 61  
ASP C   OXT  sing N N 62  
ASP CB  CG   sing N N 63  
ASP CB  HB2  sing N N 64  
ASP CB  HB3  sing N N 65  
ASP CG  OD1  doub N N 66  
ASP CG  OD2  sing N N 67  
ASP OD2 HD2  sing N N 68  
ASP OXT HXT  sing N N 69  
GLN N   CA   sing N N 70  
GLN N   H    sing N N 71  
GLN N   H2   sing N N 72  
GLN CA  C    sing N N 73  
GLN CA  CB   sing N N 74  
GLN CA  HA   sing N N 75  
GLN C   O    doub N N 76  
GLN C   OXT  sing N N 77  
GLN CB  CG   sing N N 78  
GLN CB  HB2  sing N N 79  
GLN CB  HB3  sing N N 80  
GLN CG  CD   sing N N 81  
GLN CG  HG2  sing N N 82  
GLN CG  HG3  sing N N 83  
GLN CD  OE1  doub N N 84  
GLN CD  NE2  sing N N 85  
GLN NE2 HE21 sing N N 86  
GLN NE2 HE22 sing N N 87  
GLN OXT HXT  sing N N 88  
GLU N   CA   sing N N 89  
GLU N   H    sing N N 90  
GLU N   H2   sing N N 91  
GLU CA  C    sing N N 92  
GLU CA  CB   sing N N 93  
GLU CA  HA   sing N N 94  
GLU C   O    doub N N 95  
GLU C   OXT  sing N N 96  
GLU CB  CG   sing N N 97  
GLU CB  HB2  sing N N 98  
GLU CB  HB3  sing N N 99  
GLU CG  CD   sing N N 100 
GLU CG  HG2  sing N N 101 
GLU CG  HG3  sing N N 102 
GLU CD  OE1  doub N N 103 
GLU CD  OE2  sing N N 104 
GLU OE2 HE2  sing N N 105 
GLU OXT HXT  sing N N 106 
GLY N   CA   sing N N 107 
GLY N   H    sing N N 108 
GLY N   H2   sing N N 109 
GLY CA  C    sing N N 110 
GLY CA  HA2  sing N N 111 
GLY CA  HA3  sing N N 112 
GLY C   O    doub N N 113 
GLY C   OXT  sing N N 114 
GLY OXT HXT  sing N N 115 
HIS N   CA   sing N N 116 
HIS N   H    sing N N 117 
HIS N   H2   sing N N 118 
HIS CA  C    sing N N 119 
HIS CA  CB   sing N N 120 
HIS CA  HA   sing N N 121 
HIS C   O    doub N N 122 
HIS C   OXT  sing N N 123 
HIS CB  CG   sing N N 124 
HIS CB  HB2  sing N N 125 
HIS CB  HB3  sing N N 126 
HIS CG  ND1  sing Y N 127 
HIS CG  CD2  doub Y N 128 
HIS ND1 CE1  doub Y N 129 
HIS ND1 HD1  sing N N 130 
HIS CD2 NE2  sing Y N 131 
HIS CD2 HD2  sing N N 132 
HIS CE1 NE2  sing Y N 133 
HIS CE1 HE1  sing N N 134 
HIS NE2 HE2  sing N N 135 
HIS OXT HXT  sing N N 136 
HOH O   H1   sing N N 137 
HOH O   H2   sing N N 138 
ILE N   CA   sing N N 139 
ILE N   H    sing N N 140 
ILE N   H2   sing N N 141 
ILE CA  C    sing N N 142 
ILE CA  CB   sing N N 143 
ILE CA  HA   sing N N 144 
ILE C   O    doub N N 145 
ILE C   OXT  sing N N 146 
ILE CB  CG1  sing N N 147 
ILE CB  CG2  sing N N 148 
ILE CB  HB   sing N N 149 
ILE CG1 CD1  sing N N 150 
ILE CG1 HG12 sing N N 151 
ILE CG1 HG13 sing N N 152 
ILE CG2 HG21 sing N N 153 
ILE CG2 HG22 sing N N 154 
ILE CG2 HG23 sing N N 155 
ILE CD1 HD11 sing N N 156 
ILE CD1 HD12 sing N N 157 
ILE CD1 HD13 sing N N 158 
ILE OXT HXT  sing N N 159 
LEU N   CA   sing N N 160 
LEU N   H    sing N N 161 
LEU N   H2   sing N N 162 
LEU CA  C    sing N N 163 
LEU CA  CB   sing N N 164 
LEU CA  HA   sing N N 165 
LEU C   O    doub N N 166 
LEU C   OXT  sing N N 167 
LEU CB  CG   sing N N 168 
LEU CB  HB2  sing N N 169 
LEU CB  HB3  sing N N 170 
LEU CG  CD1  sing N N 171 
LEU CG  CD2  sing N N 172 
LEU CG  HG   sing N N 173 
LEU CD1 HD11 sing N N 174 
LEU CD1 HD12 sing N N 175 
LEU CD1 HD13 sing N N 176 
LEU CD2 HD21 sing N N 177 
LEU CD2 HD22 sing N N 178 
LEU CD2 HD23 sing N N 179 
LEU OXT HXT  sing N N 180 
LYS N   CA   sing N N 181 
LYS N   H    sing N N 182 
LYS N   H2   sing N N 183 
LYS CA  C    sing N N 184 
LYS CA  CB   sing N N 185 
LYS CA  HA   sing N N 186 
LYS C   O    doub N N 187 
LYS C   OXT  sing N N 188 
LYS CB  CG   sing N N 189 
LYS CB  HB2  sing N N 190 
LYS CB  HB3  sing N N 191 
LYS CG  CD   sing N N 192 
LYS CG  HG2  sing N N 193 
LYS CG  HG3  sing N N 194 
LYS CD  CE   sing N N 195 
LYS CD  HD2  sing N N 196 
LYS CD  HD3  sing N N 197 
LYS CE  NZ   sing N N 198 
LYS CE  HE2  sing N N 199 
LYS CE  HE3  sing N N 200 
LYS NZ  HZ1  sing N N 201 
LYS NZ  HZ2  sing N N 202 
LYS NZ  HZ3  sing N N 203 
LYS OXT HXT  sing N N 204 
MET N   CA   sing N N 205 
MET N   H    sing N N 206 
MET N   H2   sing N N 207 
MET CA  C    sing N N 208 
MET CA  CB   sing N N 209 
MET CA  HA   sing N N 210 
MET C   O    doub N N 211 
MET C   OXT  sing N N 212 
MET CB  CG   sing N N 213 
MET CB  HB2  sing N N 214 
MET CB  HB3  sing N N 215 
MET CG  SD   sing N N 216 
MET CG  HG2  sing N N 217 
MET CG  HG3  sing N N 218 
MET SD  CE   sing N N 219 
MET CE  HE1  sing N N 220 
MET CE  HE2  sing N N 221 
MET CE  HE3  sing N N 222 
MET OXT HXT  sing N N 223 
PHE N   CA   sing N N 224 
PHE N   H    sing N N 225 
PHE N   H2   sing N N 226 
PHE CA  C    sing N N 227 
PHE CA  CB   sing N N 228 
PHE CA  HA   sing N N 229 
PHE C   O    doub N N 230 
PHE C   OXT  sing N N 231 
PHE CB  CG   sing N N 232 
PHE CB  HB2  sing N N 233 
PHE CB  HB3  sing N N 234 
PHE CG  CD1  doub Y N 235 
PHE CG  CD2  sing Y N 236 
PHE CD1 CE1  sing Y N 237 
PHE CD1 HD1  sing N N 238 
PHE CD2 CE2  doub Y N 239 
PHE CD2 HD2  sing N N 240 
PHE CE1 CZ   doub Y N 241 
PHE CE1 HE1  sing N N 242 
PHE CE2 CZ   sing Y N 243 
PHE CE2 HE2  sing N N 244 
PHE CZ  HZ   sing N N 245 
PHE OXT HXT  sing N N 246 
PRO N   CA   sing N N 247 
PRO N   CD   sing N N 248 
PRO N   H    sing N N 249 
PRO CA  C    sing N N 250 
PRO CA  CB   sing N N 251 
PRO CA  HA   sing N N 252 
PRO C   O    doub N N 253 
PRO C   OXT  sing N N 254 
PRO CB  CG   sing N N 255 
PRO CB  HB2  sing N N 256 
PRO CB  HB3  sing N N 257 
PRO CG  CD   sing N N 258 
PRO CG  HG2  sing N N 259 
PRO CG  HG3  sing N N 260 
PRO CD  HD2  sing N N 261 
PRO CD  HD3  sing N N 262 
PRO OXT HXT  sing N N 263 
SER N   CA   sing N N 264 
SER N   H    sing N N 265 
SER N   H2   sing N N 266 
SER CA  C    sing N N 267 
SER CA  CB   sing N N 268 
SER CA  HA   sing N N 269 
SER C   O    doub N N 270 
SER C   OXT  sing N N 271 
SER CB  OG   sing N N 272 
SER CB  HB2  sing N N 273 
SER CB  HB3  sing N N 274 
SER OG  HG   sing N N 275 
SER OXT HXT  sing N N 276 
THR N   CA   sing N N 277 
THR N   H    sing N N 278 
THR N   H2   sing N N 279 
THR CA  C    sing N N 280 
THR CA  CB   sing N N 281 
THR CA  HA   sing N N 282 
THR C   O    doub N N 283 
THR C   OXT  sing N N 284 
THR CB  OG1  sing N N 285 
THR CB  CG2  sing N N 286 
THR CB  HB   sing N N 287 
THR OG1 HG1  sing N N 288 
THR CG2 HG21 sing N N 289 
THR CG2 HG22 sing N N 290 
THR CG2 HG23 sing N N 291 
THR OXT HXT  sing N N 292 
TRP N   CA   sing N N 293 
TRP N   H    sing N N 294 
TRP N   H2   sing N N 295 
TRP CA  C    sing N N 296 
TRP CA  CB   sing N N 297 
TRP CA  HA   sing N N 298 
TRP C   O    doub N N 299 
TRP C   OXT  sing N N 300 
TRP CB  CG   sing N N 301 
TRP CB  HB2  sing N N 302 
TRP CB  HB3  sing N N 303 
TRP CG  CD1  doub Y N 304 
TRP CG  CD2  sing Y N 305 
TRP CD1 NE1  sing Y N 306 
TRP CD1 HD1  sing N N 307 
TRP CD2 CE2  doub Y N 308 
TRP CD2 CE3  sing Y N 309 
TRP NE1 CE2  sing Y N 310 
TRP NE1 HE1  sing N N 311 
TRP CE2 CZ2  sing Y N 312 
TRP CE3 CZ3  doub Y N 313 
TRP CE3 HE3  sing N N 314 
TRP CZ2 CH2  doub Y N 315 
TRP CZ2 HZ2  sing N N 316 
TRP CZ3 CH2  sing Y N 317 
TRP CZ3 HZ3  sing N N 318 
TRP CH2 HH2  sing N N 319 
TRP OXT HXT  sing N N 320 
TYR N   CA   sing N N 321 
TYR N   H    sing N N 322 
TYR N   H2   sing N N 323 
TYR CA  C    sing N N 324 
TYR CA  CB   sing N N 325 
TYR CA  HA   sing N N 326 
TYR C   O    doub N N 327 
TYR C   OXT  sing N N 328 
TYR CB  CG   sing N N 329 
TYR CB  HB2  sing N N 330 
TYR CB  HB3  sing N N 331 
TYR CG  CD1  doub Y N 332 
TYR CG  CD2  sing Y N 333 
TYR CD1 CE1  sing Y N 334 
TYR CD1 HD1  sing N N 335 
TYR CD2 CE2  doub Y N 336 
TYR CD2 HD2  sing N N 337 
TYR CE1 CZ   doub Y N 338 
TYR CE1 HE1  sing N N 339 
TYR CE2 CZ   sing Y N 340 
TYR CE2 HE2  sing N N 341 
TYR CZ  OH   sing N N 342 
TYR OH  HH   sing N N 343 
TYR OXT HXT  sing N N 344 
VAL N   CA   sing N N 345 
VAL N   H    sing N N 346 
VAL N   H2   sing N N 347 
VAL CA  C    sing N N 348 
VAL CA  CB   sing N N 349 
VAL CA  HA   sing N N 350 
VAL C   O    doub N N 351 
VAL C   OXT  sing N N 352 
VAL CB  CG1  sing N N 353 
VAL CB  CG2  sing N N 354 
VAL CB  HB   sing N N 355 
VAL CG1 HG11 sing N N 356 
VAL CG1 HG12 sing N N 357 
VAL CG1 HG13 sing N N 358 
VAL CG2 HG21 sing N N 359 
VAL CG2 HG22 sing N N 360 
VAL CG2 HG23 sing N N 361 
VAL OXT HXT  sing N N 362 
# 
_pdbx_entity_nonpoly.entity_id   2 
_pdbx_entity_nonpoly.name        water 
_pdbx_entity_nonpoly.comp_id     HOH 
# 
_pdbx_initial_refinement_model.id               1 
_pdbx_initial_refinement_model.entity_id_list   ? 
_pdbx_initial_refinement_model.type             'experimental model' 
_pdbx_initial_refinement_model.source_name      PDB 
_pdbx_initial_refinement_model.accession_code   2OQR 
_pdbx_initial_refinement_model.details          'PDB ENTRY 2OQR' 
# 
